data_7PH4
#
_entry.id   7PH4
#
_cell.length_a   1.00
_cell.length_b   1.00
_cell.length_c   1.00
_cell.angle_alpha   90.00
_cell.angle_beta   90.00
_cell.angle_gamma   90.00
#
_symmetry.space_group_name_H-M   'P 1'
#
loop_
_entity.id
_entity.type
_entity.pdbx_description
1 polymer 'ATP-dependent lipid A-core flippase'
2 polymer 'Nanobody Nb_MsbA#1'
3 non-polymer 'PHOSPHOAMINOPHOSPHONIC ACID-ADENYLATE ESTER'
4 non-polymer 'MAGNESIUM ION'
5 non-polymer DODECYL-BETA-D-MALTOSIDE
6 non-polymer (1~{R},4~{R},11~{S},14~{S},19~{Z})-19-[2-[2,5-bis(oxidanylidene)pyrrolidin-1-yl]ethylimino]-7,8,17,18-tetraoxa-1,4,11,14-tetrazatricyclo[12.6.2.2^{4,11}]tetracosane-6,9,16-trione
7 non-polymer 'GADOLINIUM ATOM'
8 water water
#
loop_
_entity_poly.entity_id
_entity_poly.type
_entity_poly.pdbx_seq_one_letter_code
_entity_poly.pdbx_strand_id
1 'polypeptide(L)'
;GPDEAEKLFNQMHNDKDLSTWQTFRRLWPTIAPFKAGLIVAGVALILNAASDTFMLSLLKPLLDDGFGKTDRSVLVWMPL
VVIGLMILRGITSYVSSYCISWVSGKVVMTMRRRLFGHMMGMPVSFFDKQSTGTLLSRITYDSEQVASSSSGALITVVRE
GASIIGLFIMMFYYSWQLSIILIVLAPIVSIAIRVVSKRFRNISKNMQNTMGQVTTSAEQMLKGHKEVLIFGGQEVETKR
FDKVSNRMRLQGMKMVSASSISDPIIQLIASLALAFVLYAASFPSVMDSLTAGTITVVFSSMIALMRPLKSLTNVNAQFQ
RGMAACQTLFTILDSEQEKDEGKRVIERATGDVEFRNVTFTYPGRDVPALRNINLKIPAGKTVALVGRSGSGKSTIASLI
TRFYDIDEGEILMDGHDLREYTLASLRNQVALVSQNVHLFNDTVANNIAYARTEQYSREQIEEAARMAYAMDFINKMDNG
LDTVIGENGVLLSGGQRQRIAIARALLRDSPILILDEATSALDTESERAIQAALDELQKNRTSLVIAHRLSTIEKADEIV
VVEDGVIVERGTHNDLLEHRGVYAQLHKMQFGQ
;
A,B
2 'polypeptide(L)'
;GPSQMQLVESGGGLVQAGGSLRLSCAVSGSIFSIITLAWYRQAPGKPRENVATITRGSRTSYADSVKGRFCISKDNAKST
VYLQMNKLKPEDTADYYCNAEGPAGYWGQGTPVTVSA
;
C,D
#
loop_
_chem_comp.id
_chem_comp.type
_chem_comp.name
_chem_comp.formula
88T non-polymer (1~{R},4~{R},11~{S},14~{S},19~{Z})-19-[2-[2,5-bis(oxidanylidene)pyrrolidin-1-yl]ethylimino]-7,8,17,18-tetraoxa-1,4,11,14-tetrazatricyclo[12.6.2.2^{4,11}]tetracosane-6,9,16-trione 'C22 H32 N6 O9'
ANP non-polymer 'PHOSPHOAMINOPHOSPHONIC ACID-ADENYLATE ESTER' 'C10 H17 N6 O12 P3'
GD non-polymer 'GADOLINIUM ATOM' Gd
LMT D-saccharide DODECYL-BETA-D-MALTOSIDE 'C24 H46 O11'
MG non-polymer 'MAGNESIUM ION' 'Mg 2'
#
# COMPACT_ATOMS: atom_id res chain seq x y z
N ASP A 15 -6.04 -0.07 25.26
CA ASP A 15 -5.39 -1.37 25.63
C ASP A 15 -5.37 -1.54 27.12
N LYS A 16 -5.26 -2.78 27.59
CA LYS A 16 -5.05 -2.98 29.03
C LYS A 16 -4.22 -4.23 29.21
N ASP A 17 -2.91 -4.12 29.48
CA ASP A 17 -2.08 -5.29 29.90
C ASP A 17 -2.78 -6.44 30.62
N LEU A 18 -2.20 -7.63 30.56
CA LEU A 18 -2.88 -8.66 31.32
C LEU A 18 -1.93 -9.35 32.29
N SER A 19 -1.05 -10.20 31.75
CA SER A 19 -0.08 -10.98 32.49
C SER A 19 0.56 -11.93 31.51
N THR A 20 1.49 -12.77 31.94
CA THR A 20 1.88 -13.88 31.09
C THR A 20 0.91 -15.03 31.24
N TRP A 21 0.48 -15.33 32.45
CA TRP A 21 -0.48 -16.40 32.63
C TRP A 21 -1.82 -16.07 31.98
N GLN A 22 -2.24 -14.82 32.07
CA GLN A 22 -3.53 -14.46 31.49
C GLN A 22 -3.50 -14.48 29.98
N THR A 23 -2.40 -14.06 29.37
CA THR A 23 -2.33 -14.18 27.93
C THR A 23 -2.25 -15.63 27.50
N PHE A 24 -1.64 -16.51 28.31
CA PHE A 24 -1.69 -17.92 27.93
C PHE A 24 -3.07 -18.51 28.12
N ARG A 25 -3.82 -18.03 29.09
CA ARG A 25 -5.24 -18.49 29.25
C ARG A 25 -6.06 -18.01 28.08
N ARG A 26 -5.86 -16.81 27.52
CA ARG A 26 -6.53 -16.38 26.25
C ARG A 26 -6.03 -17.23 25.09
N LEU A 27 -4.77 -17.55 25.03
CA LEU A 27 -4.26 -18.32 23.90
C LEU A 27 -4.76 -19.74 23.91
N TRP A 28 -5.08 -20.29 25.08
CA TRP A 28 -5.29 -21.73 25.18
C TRP A 28 -6.33 -22.31 24.22
N PRO A 29 -7.47 -21.69 23.96
CA PRO A 29 -8.40 -22.30 23.01
C PRO A 29 -7.81 -22.50 21.64
N THR A 30 -6.82 -21.68 21.25
CA THR A 30 -6.14 -21.87 19.99
C THR A 30 -5.14 -23.01 20.06
N ILE A 31 -4.47 -23.18 21.21
CA ILE A 31 -3.47 -24.21 21.36
C ILE A 31 -4.08 -25.58 21.62
N ALA A 32 -5.32 -25.64 22.07
CA ALA A 32 -5.91 -26.92 22.46
C ALA A 32 -5.90 -27.97 21.37
N PRO A 33 -6.19 -27.67 20.10
CA PRO A 33 -6.12 -28.72 19.08
C PRO A 33 -4.76 -29.35 18.92
N PHE A 34 -3.69 -28.71 19.42
CA PHE A 34 -2.35 -29.25 19.25
C PHE A 34 -1.77 -29.67 20.60
N LYS A 35 -2.56 -30.36 21.42
CA LYS A 35 -2.08 -30.76 22.74
C LYS A 35 -1.02 -31.85 22.66
N ALA A 36 -1.07 -32.70 21.64
CA ALA A 36 -0.18 -33.85 21.61
C ALA A 36 1.28 -33.41 21.54
N GLY A 37 1.58 -32.45 20.66
CA GLY A 37 2.93 -31.93 20.59
C GLY A 37 3.39 -31.36 21.91
N LEU A 38 2.51 -30.64 22.61
CA LEU A 38 2.88 -30.08 23.89
C LEU A 38 3.15 -31.17 24.91
N ILE A 39 2.36 -32.24 24.89
CA ILE A 39 2.55 -33.30 25.89
C ILE A 39 3.88 -34.02 25.68
N VAL A 40 4.16 -34.39 24.43
CA VAL A 40 5.45 -35.05 24.21
C VAL A 40 6.60 -34.08 24.47
N ALA A 41 6.43 -32.80 24.16
CA ALA A 41 7.48 -31.83 24.46
C ALA A 41 7.70 -31.70 25.95
N GLY A 42 6.63 -31.73 26.74
CA GLY A 42 6.78 -31.67 28.18
C GLY A 42 7.50 -32.88 28.74
N VAL A 43 7.15 -34.06 28.24
CA VAL A 43 7.84 -35.26 28.71
C VAL A 43 9.32 -35.19 28.36
N ALA A 44 9.64 -34.79 27.13
CA ALA A 44 11.04 -34.70 26.74
C ALA A 44 11.78 -33.64 27.53
N LEU A 45 11.09 -32.57 27.90
CA LEU A 45 11.69 -31.55 28.74
C LEU A 45 12.03 -32.11 30.12
N ILE A 46 11.13 -32.89 30.69
CA ILE A 46 11.41 -33.50 32.00
C ILE A 46 12.63 -34.39 31.90
N LEU A 47 12.69 -35.23 30.87
CA LEU A 47 13.84 -36.12 30.73
C LEU A 47 15.13 -35.35 30.49
N ASN A 48 15.06 -34.24 29.76
CA ASN A 48 16.25 -33.44 29.54
C ASN A 48 16.76 -32.83 30.83
N ALA A 49 15.85 -32.31 31.67
CA ALA A 49 16.28 -31.76 32.95
C ALA A 49 16.86 -32.84 33.85
N ALA A 50 16.27 -34.03 33.83
CA ALA A 50 16.82 -35.12 34.61
C ALA A 50 18.22 -35.47 34.15
N SER A 51 18.46 -35.51 32.84
CA SER A 51 19.79 -35.81 32.34
C SER A 51 20.79 -34.75 32.78
N ASP A 52 20.42 -33.47 32.69
CA ASP A 52 21.34 -32.42 33.10
C ASP A 52 21.71 -32.56 34.58
N THR A 53 20.70 -32.68 35.44
CA THR A 53 20.97 -32.77 36.87
C THR A 53 21.79 -34.00 37.21
N PHE A 54 21.45 -35.15 36.62
CA PHE A 54 22.20 -36.36 36.88
C PHE A 54 23.66 -36.20 36.45
N MET A 55 23.89 -35.57 35.30
CA MET A 55 25.26 -35.38 34.85
C MET A 55 26.03 -34.48 35.81
N LEU A 56 25.38 -33.47 36.35
CA LEU A 56 26.08 -32.61 37.30
C LEU A 56 26.35 -33.31 38.62
N SER A 57 25.49 -34.24 39.02
CA SER A 57 25.66 -34.96 40.27
C SER A 57 26.68 -36.08 40.18
N LEU A 58 27.52 -36.09 39.16
CA LEU A 58 28.57 -37.09 39.08
C LEU A 58 29.83 -36.70 39.85
N LEU A 59 29.90 -35.48 40.36
CA LEU A 59 31.06 -35.09 41.14
C LEU A 59 31.11 -35.83 42.46
N LYS A 60 29.94 -36.17 43.03
CA LYS A 60 29.97 -36.73 44.39
C LYS A 60 30.67 -38.06 44.33
N PRO A 61 30.31 -39.04 43.48
CA PRO A 61 31.06 -40.30 43.46
C PRO A 61 32.46 -40.15 42.89
N LEU A 62 32.67 -39.27 41.92
CA LEU A 62 34.00 -39.09 41.34
C LEU A 62 34.99 -38.59 42.38
N LEU A 63 34.52 -37.77 43.31
CA LEU A 63 35.38 -37.17 44.32
C LEU A 63 35.41 -37.99 45.60
N ASP A 64 34.24 -38.27 46.18
CA ASP A 64 34.19 -39.07 47.40
C ASP A 64 34.82 -40.44 47.17
N ASP A 65 34.25 -41.23 46.27
CA ASP A 65 34.91 -42.45 45.82
C ASP A 65 36.07 -42.00 44.94
N GLY A 66 37.16 -41.65 45.60
CA GLY A 66 38.27 -40.98 44.95
C GLY A 66 38.81 -41.75 43.75
N PHE A 67 39.52 -41.01 42.90
CA PHE A 67 40.09 -41.62 41.70
C PHE A 67 41.09 -42.71 42.05
N GLY A 68 41.90 -42.49 43.07
CA GLY A 68 42.85 -43.49 43.51
C GLY A 68 42.66 -43.89 44.96
N LYS A 69 41.94 -43.06 45.72
CA LYS A 69 41.70 -43.35 47.16
C LYS A 69 40.88 -44.63 47.26
N THR A 70 39.83 -44.74 46.46
CA THR A 70 38.94 -45.88 46.50
C THR A 70 39.09 -46.69 45.22
N ASP A 71 38.22 -47.69 45.05
CA ASP A 71 38.29 -48.56 43.89
C ASP A 71 37.98 -47.76 42.62
N ARG A 72 38.66 -48.11 41.52
CA ARG A 72 38.45 -47.41 40.24
C ARG A 72 37.18 -47.92 39.56
N SER A 73 36.43 -48.83 40.20
CA SER A 73 35.26 -49.40 39.55
C SER A 73 34.36 -48.32 38.99
N VAL A 74 34.30 -47.17 39.66
CA VAL A 74 33.50 -46.06 39.14
C VAL A 74 34.09 -45.54 37.84
N LEU A 75 35.38 -45.22 37.84
CA LEU A 75 36.00 -44.69 36.64
C LEU A 75 36.09 -45.71 35.53
N VAL A 76 35.88 -46.99 35.84
CA VAL A 76 35.83 -47.99 34.77
C VAL A 76 34.67 -47.72 33.84
N TRP A 77 33.51 -47.37 34.40
CA TRP A 77 32.29 -47.25 33.61
C TRP A 77 31.81 -45.82 33.41
N MET A 78 32.35 -44.86 34.16
CA MET A 78 31.83 -43.50 34.09
C MET A 78 31.84 -42.89 32.70
N PRO A 79 32.88 -43.03 31.87
CA PRO A 79 32.81 -42.44 30.52
C PRO A 79 31.63 -42.93 29.71
N LEU A 80 31.30 -44.22 29.80
CA LEU A 80 30.16 -44.72 29.05
C LEU A 80 28.86 -44.14 29.59
N VAL A 81 28.77 -43.94 30.90
CA VAL A 81 27.59 -43.29 31.46
C VAL A 81 27.45 -41.89 30.92
N VAL A 82 28.55 -41.15 30.85
CA VAL A 82 28.49 -39.78 30.33
C VAL A 82 28.03 -39.77 28.88
N ILE A 83 28.59 -40.66 28.06
CA ILE A 83 28.21 -40.68 26.65
C ILE A 83 26.75 -41.09 26.49
N GLY A 84 26.29 -42.06 27.27
CA GLY A 84 24.90 -42.47 27.18
C GLY A 84 23.94 -41.38 27.62
N LEU A 85 24.28 -40.68 28.70
CA LEU A 85 23.46 -39.56 29.12
C LEU A 85 23.42 -38.49 28.04
N MET A 86 24.53 -38.27 27.36
CA MET A 86 24.54 -37.27 26.29
C MET A 86 23.67 -37.71 25.11
N ILE A 87 23.69 -38.99 24.77
CA ILE A 87 22.80 -39.45 23.71
C ILE A 87 21.34 -39.24 24.09
N LEU A 88 20.98 -39.60 25.31
CA LEU A 88 19.60 -39.44 25.75
C LEU A 88 19.21 -37.97 25.77
N ARG A 89 20.08 -37.12 26.29
CA ARG A 89 19.79 -35.70 26.34
C ARG A 89 19.68 -35.10 24.96
N GLY A 90 20.51 -35.53 24.02
CA GLY A 90 20.39 -35.04 22.67
C GLY A 90 19.07 -35.42 22.03
N ILE A 91 18.66 -36.67 22.19
CA ILE A 91 17.40 -37.11 21.59
C ILE A 91 16.23 -36.34 22.18
N THR A 92 16.19 -36.21 23.51
CA THR A 92 15.08 -35.48 24.12
C THR A 92 15.12 -33.99 23.79
N SER A 93 16.30 -33.42 23.65
CA SER A 93 16.40 -32.02 23.26
C SER A 93 15.85 -31.81 21.86
N TYR A 94 16.19 -32.69 20.92
CA TYR A 94 15.61 -32.58 19.59
C TYR A 94 14.10 -32.68 19.66
N VAL A 95 13.58 -33.67 20.38
CA VAL A 95 12.15 -33.89 20.41
C VAL A 95 11.42 -32.69 20.98
N SER A 96 11.91 -32.16 22.10
CA SER A 96 11.21 -31.06 22.74
C SER A 96 11.28 -29.80 21.88
N SER A 97 12.46 -29.48 21.35
CA SER A 97 12.58 -28.31 20.49
C SER A 97 11.65 -28.41 19.31
N TYR A 98 11.67 -29.55 18.61
CA TYR A 98 10.87 -29.67 17.41
C TYR A 98 9.38 -29.61 17.73
N CYS A 99 8.93 -30.28 18.77
CA CYS A 99 7.49 -30.31 19.02
C CYS A 99 6.98 -28.95 19.47
N ILE A 100 7.72 -28.24 20.33
CA ILE A 100 7.25 -26.93 20.74
C ILE A 100 7.30 -25.97 19.56
N SER A 101 8.31 -26.08 18.71
CA SER A 101 8.35 -25.19 17.56
C SER A 101 7.24 -25.49 16.57
N TRP A 102 6.88 -26.75 16.42
CA TRP A 102 5.78 -27.09 15.54
C TRP A 102 4.47 -26.53 16.06
N VAL A 103 4.22 -26.69 17.35
CA VAL A 103 2.98 -26.15 17.93
C VAL A 103 2.97 -24.64 17.82
N SER A 104 4.10 -24.00 18.08
CA SER A 104 4.16 -22.55 18.00
C SER A 104 3.92 -22.06 16.58
N GLY A 105 4.50 -22.72 15.60
CA GLY A 105 4.26 -22.31 14.22
C GLY A 105 2.81 -22.47 13.83
N LYS A 106 2.18 -23.56 14.26
CA LYS A 106 0.76 -23.75 13.98
C LYS A 106 -0.08 -22.66 14.60
N VAL A 107 0.19 -22.32 15.85
CA VAL A 107 -0.58 -21.30 16.54
C VAL A 107 -0.39 -19.94 15.87
N VAL A 108 0.84 -19.59 15.50
CA VAL A 108 1.08 -18.31 14.85
C VAL A 108 0.42 -18.27 13.49
N MET A 109 0.42 -19.37 12.75
CA MET A 109 -0.27 -19.40 11.48
C MET A 109 -1.76 -19.18 11.66
N THR A 110 -2.34 -19.83 12.65
CA THR A 110 -3.76 -19.63 12.93
C THR A 110 -4.06 -18.19 13.29
N MET A 111 -3.22 -17.57 14.12
CA MET A 111 -3.45 -16.19 14.49
C MET A 111 -3.35 -15.26 13.29
N ARG A 112 -2.37 -15.49 12.42
CA ARG A 112 -2.26 -14.68 11.21
C ARG A 112 -3.49 -14.81 10.33
N ARG A 113 -3.98 -16.03 10.15
CA ARG A 113 -5.16 -16.20 9.32
C ARG A 113 -6.38 -15.56 9.93
N ARG A 114 -6.54 -15.65 11.25
CA ARG A 114 -7.66 -14.98 11.90
C ARG A 114 -7.57 -13.47 11.74
N LEU A 115 -6.38 -12.92 11.86
CA LEU A 115 -6.20 -11.48 11.70
C LEU A 115 -6.53 -11.04 10.28
N PHE A 116 -6.09 -11.79 9.29
CA PHE A 116 -6.41 -11.45 7.90
C PHE A 116 -7.91 -11.51 7.64
N GLY A 117 -8.57 -12.57 8.11
CA GLY A 117 -10.01 -12.64 7.93
C GLY A 117 -10.74 -11.53 8.65
N HIS A 118 -10.28 -11.18 9.84
CA HIS A 118 -10.90 -10.10 10.58
C HIS A 118 -10.78 -8.78 9.85
N MET A 119 -9.59 -8.47 9.32
CA MET A 119 -9.44 -7.23 8.57
C MET A 119 -10.31 -7.24 7.33
N MET A 120 -10.43 -8.39 6.67
CA MET A 120 -11.30 -8.47 5.51
C MET A 120 -12.76 -8.26 5.87
N GLY A 121 -13.15 -8.51 7.11
CA GLY A 121 -14.52 -8.31 7.50
C GLY A 121 -14.91 -7.00 8.12
N MET A 122 -14.05 -5.99 8.10
CA MET A 122 -14.32 -4.72 8.76
C MET A 122 -15.17 -3.81 7.87
N PRO A 123 -15.85 -2.83 8.45
CA PRO A 123 -16.63 -1.88 7.65
C PRO A 123 -15.75 -0.95 6.86
N VAL A 124 -16.30 -0.41 5.78
CA VAL A 124 -15.55 0.50 4.93
C VAL A 124 -15.21 1.78 5.69
N SER A 125 -16.10 2.24 6.57
CA SER A 125 -15.80 3.41 7.37
C SER A 125 -14.58 3.18 8.26
N PHE A 126 -14.30 1.94 8.60
CA PHE A 126 -13.07 1.64 9.34
C PHE A 126 -11.85 1.92 8.51
N PHE A 127 -11.86 1.50 7.25
CA PHE A 127 -10.70 1.71 6.39
C PHE A 127 -10.53 3.17 6.01
N ASP A 128 -11.61 3.94 6.00
CA ASP A 128 -11.48 5.36 5.69
C ASP A 128 -10.61 6.07 6.72
N LYS A 129 -10.76 5.72 7.98
CA LYS A 129 -10.10 6.40 9.09
C LYS A 129 -8.72 5.84 9.40
N GLN A 130 -8.32 4.75 8.78
CA GLN A 130 -7.07 4.09 9.10
C GLN A 130 -6.00 4.44 8.07
N SER A 131 -4.86 3.76 8.17
CA SER A 131 -3.81 3.82 7.18
C SER A 131 -3.42 2.38 6.85
N THR A 132 -3.09 2.13 5.59
CA THR A 132 -2.67 0.80 5.20
C THR A 132 -1.43 0.36 5.97
N GLY A 133 -0.56 1.30 6.32
CA GLY A 133 0.66 0.95 7.00
C GLY A 133 0.43 0.37 8.38
N THR A 134 -0.54 0.90 9.12
CA THR A 134 -0.78 0.39 10.46
C THR A 134 -1.28 -1.05 10.43
N LEU A 135 -2.25 -1.35 9.57
CA LEU A 135 -2.78 -2.71 9.48
C LEU A 135 -1.75 -3.66 8.89
N LEU A 136 -0.98 -3.19 7.91
CA LEU A 136 0.08 -4.01 7.37
C LEU A 136 1.11 -4.34 8.44
N SER A 137 1.41 -3.38 9.31
CA SER A 137 2.33 -3.66 10.39
C SER A 137 1.74 -4.70 11.33
N ARG A 138 0.45 -4.60 11.63
CA ARG A 138 -0.19 -5.62 12.44
C ARG A 138 0.03 -7.01 11.86
N ILE A 139 -0.11 -7.15 10.55
CA ILE A 139 0.09 -8.46 9.93
C ILE A 139 1.55 -8.87 9.98
N THR A 140 2.45 -7.98 9.60
CA THR A 140 3.84 -8.37 9.39
C THR A 140 4.62 -8.34 10.70
N TYR A 141 4.76 -7.16 11.30
CA TYR A 141 5.67 -6.99 12.43
C TYR A 141 5.17 -7.69 13.69
N ASP A 142 3.91 -7.51 14.05
CA ASP A 142 3.42 -8.10 15.30
C ASP A 142 3.37 -9.61 15.23
N SER A 143 2.90 -10.16 14.12
CA SER A 143 2.88 -11.60 14.00
C SER A 143 4.28 -12.18 13.92
N GLU A 144 5.24 -11.45 13.34
CA GLU A 144 6.60 -11.96 13.39
C GLU A 144 7.17 -11.90 14.80
N GLN A 145 6.77 -10.91 15.59
CA GLN A 145 7.19 -10.88 16.99
C GLN A 145 6.67 -12.08 17.74
N VAL A 146 5.40 -12.41 17.54
CA VAL A 146 4.86 -13.61 18.20
C VAL A 146 5.63 -14.84 17.76
N ALA A 147 5.90 -14.97 16.46
CA ALA A 147 6.59 -16.15 15.97
C ALA A 147 7.97 -16.28 16.59
N SER A 148 8.77 -15.20 16.52
CA SER A 148 10.14 -15.25 17.03
C SER A 148 10.16 -15.55 18.52
N SER A 149 9.33 -14.85 19.28
CA SER A 149 9.27 -15.11 20.72
C SER A 149 8.91 -16.56 20.97
N SER A 150 7.69 -16.96 20.56
CA SER A 150 7.19 -18.26 20.93
C SER A 150 8.04 -19.41 20.42
N SER A 151 8.85 -19.21 19.38
CA SER A 151 9.77 -20.28 19.03
C SER A 151 11.04 -20.20 19.87
N GLY A 152 11.85 -19.17 19.64
CA GLY A 152 13.17 -19.17 20.22
C GLY A 152 13.15 -18.89 21.71
N ALA A 153 12.53 -17.78 22.10
CA ALA A 153 12.56 -17.40 23.49
C ALA A 153 11.78 -18.38 24.34
N LEU A 154 10.72 -18.96 23.80
CA LEU A 154 9.96 -19.93 24.59
C LEU A 154 10.74 -21.23 24.77
N ILE A 155 11.39 -21.71 23.72
CA ILE A 155 12.21 -22.91 23.87
C ILE A 155 13.27 -22.67 24.93
N THR A 156 14.03 -21.60 24.85
CA THR A 156 15.02 -21.27 25.90
C THR A 156 14.41 -21.13 27.30
N VAL A 157 13.27 -20.53 27.44
CA VAL A 157 12.69 -20.24 28.76
C VAL A 157 12.38 -21.58 29.37
N VAL A 158 11.69 -22.43 28.64
CA VAL A 158 11.29 -23.74 29.19
C VAL A 158 12.55 -24.55 29.50
N ARG A 159 13.55 -24.49 28.63
CA ARG A 159 14.78 -25.31 28.73
C ARG A 159 15.66 -24.87 29.85
N GLU A 160 15.65 -23.60 30.21
CA GLU A 160 16.35 -23.16 31.44
C GLU A 160 15.48 -23.32 32.66
N GLY A 161 14.15 -23.10 32.61
CA GLY A 161 13.33 -23.35 33.79
C GLY A 161 13.45 -24.77 34.27
N ALA A 162 13.42 -25.74 33.35
CA ALA A 162 13.59 -27.13 33.75
C ALA A 162 14.96 -27.36 34.37
N SER A 163 16.00 -26.77 33.80
CA SER A 163 17.34 -26.90 34.39
C SER A 163 17.38 -26.34 35.80
N ILE A 164 16.78 -25.17 36.02
CA ILE A 164 16.79 -24.55 37.35
C ILE A 164 16.07 -25.43 38.34
N ILE A 165 14.92 -25.98 37.96
CA ILE A 165 14.16 -26.82 38.88
C ILE A 165 14.94 -28.07 39.23
N GLY A 166 15.62 -28.67 38.24
CA GLY A 166 16.46 -29.81 38.53
C GLY A 166 17.56 -29.49 39.53
N LEU A 167 18.23 -28.34 39.34
CA LEU A 167 19.28 -27.96 40.26
C LEU A 167 18.73 -27.73 41.66
N PHE A 168 17.56 -27.10 41.77
CA PHE A 168 16.93 -26.90 43.07
C PHE A 168 16.68 -28.23 43.74
N ILE A 169 16.14 -29.20 42.99
CA ILE A 169 15.83 -30.49 43.59
C ILE A 169 17.10 -31.17 44.08
N MET A 170 18.15 -31.14 43.27
CA MET A 170 19.39 -31.79 43.68
C MET A 170 19.99 -31.12 44.91
N MET A 171 19.98 -29.78 44.96
CA MET A 171 20.53 -29.09 46.11
C MET A 171 19.75 -29.40 47.37
N PHE A 172 18.42 -29.36 47.28
CA PHE A 172 17.62 -29.70 48.45
C PHE A 172 17.82 -31.14 48.85
N TYR A 173 18.17 -32.00 47.89
CA TYR A 173 18.39 -33.41 48.20
C TYR A 173 19.68 -33.60 48.97
N TYR A 174 20.76 -32.95 48.54
CA TYR A 174 22.04 -33.20 49.18
C TYR A 174 22.14 -32.53 50.55
N SER A 175 21.65 -31.30 50.68
CA SER A 175 21.72 -30.61 51.96
C SER A 175 20.61 -29.55 51.98
N TRP A 176 19.52 -29.85 52.69
CA TRP A 176 18.40 -28.91 52.73
C TRP A 176 18.73 -27.66 53.53
N GLN A 177 19.73 -27.73 54.40
CA GLN A 177 20.12 -26.57 55.20
C GLN A 177 20.67 -25.42 54.38
N LEU A 178 20.75 -25.59 53.06
CA LEU A 178 21.09 -24.52 52.12
C LEU A 178 19.99 -24.31 51.07
N SER A 179 19.22 -25.34 50.77
CA SER A 179 17.98 -25.11 50.06
C SER A 179 17.07 -24.17 50.83
N ILE A 180 17.29 -24.00 52.14
CA ILE A 180 16.51 -23.00 52.86
C ILE A 180 16.84 -21.59 52.36
N ILE A 181 18.12 -21.29 52.12
CA ILE A 181 18.42 -19.96 51.59
C ILE A 181 17.89 -19.84 50.18
N LEU A 182 17.93 -20.94 49.41
CA LEU A 182 17.29 -20.88 48.09
C LEU A 182 15.82 -20.50 48.20
N ILE A 183 15.12 -21.09 49.16
CA ILE A 183 13.71 -20.79 49.35
C ILE A 183 13.52 -19.33 49.74
N VAL A 184 14.36 -18.82 50.64
CA VAL A 184 14.16 -17.44 51.08
C VAL A 184 14.52 -16.44 50.00
N LEU A 185 15.28 -16.85 48.97
CA LEU A 185 15.61 -15.92 47.90
C LEU A 185 14.74 -16.06 46.66
N ALA A 186 14.03 -17.17 46.48
CA ALA A 186 13.21 -17.30 45.28
C ALA A 186 12.13 -16.24 45.15
N PRO A 187 11.35 -15.90 46.19
CA PRO A 187 10.31 -14.87 46.00
C PRO A 187 10.85 -13.51 45.59
N ILE A 188 12.03 -13.11 46.07
CA ILE A 188 12.58 -11.83 45.65
C ILE A 188 12.85 -11.83 44.15
N VAL A 189 13.44 -12.91 43.65
CA VAL A 189 13.67 -13.03 42.22
C VAL A 189 12.36 -13.00 41.46
N SER A 190 11.33 -13.65 42.00
CA SER A 190 10.04 -13.66 41.32
C SER A 190 9.45 -12.26 41.19
N ILE A 191 9.47 -11.49 42.27
CA ILE A 191 8.87 -10.17 42.18
C ILE A 191 9.69 -9.25 41.29
N ALA A 192 11.03 -9.39 41.31
CA ALA A 192 11.85 -8.60 40.40
C ALA A 192 11.52 -8.90 38.95
N ILE A 193 11.42 -10.19 38.62
CA ILE A 193 11.14 -10.57 37.24
C ILE A 193 9.76 -10.09 36.81
N ARG A 194 8.79 -10.16 37.71
CA ARG A 194 7.44 -9.72 37.35
C ARG A 194 7.40 -8.22 37.07
N VAL A 195 8.09 -7.43 37.89
CA VAL A 195 8.15 -5.98 37.66
C VAL A 195 8.77 -5.69 36.30
N VAL A 196 9.92 -6.31 36.03
CA VAL A 196 10.61 -6.01 34.79
C VAL A 196 9.78 -6.45 33.60
N SER A 197 9.04 -7.55 33.73
CA SER A 197 8.24 -8.02 32.61
C SER A 197 7.12 -7.06 32.27
N LYS A 198 6.46 -6.50 33.28
CA LYS A 198 5.45 -5.48 32.98
C LYS A 198 6.07 -4.30 32.24
N ARG A 199 7.25 -3.87 32.68
CA ARG A 199 7.94 -2.79 31.97
C ARG A 199 8.19 -3.15 30.51
N PHE A 200 8.65 -4.38 30.26
CA PHE A 200 8.95 -4.82 28.91
C PHE A 200 7.73 -4.81 28.03
N ARG A 201 6.59 -5.24 28.58
CA ARG A 201 5.34 -5.32 27.79
C ARG A 201 4.92 -3.90 27.39
N ASN A 202 5.06 -2.92 28.29
CA ASN A 202 4.73 -1.54 27.91
C ASN A 202 5.62 -1.04 26.78
N ILE A 203 6.93 -1.24 26.92
CA ILE A 203 7.84 -0.76 25.88
C ILE A 203 7.53 -1.43 24.55
N SER A 204 7.17 -2.72 24.58
CA SER A 204 6.89 -3.43 23.34
C SER A 204 5.66 -2.88 22.64
N LYS A 205 4.62 -2.54 23.39
CA LYS A 205 3.44 -1.96 22.74
C LYS A 205 3.78 -0.61 22.12
N ASN A 206 4.60 0.19 22.79
CA ASN A 206 5.04 1.43 22.17
C ASN A 206 5.80 1.17 20.88
N MET A 207 6.66 0.16 20.87
CA MET A 207 7.42 -0.15 19.68
C MET A 207 6.53 -0.63 18.55
N GLN A 208 5.46 -1.33 18.86
CA GLN A 208 4.51 -1.73 17.83
C GLN A 208 3.86 -0.51 17.19
N ASN A 209 3.45 0.46 17.99
CA ASN A 209 2.89 1.67 17.39
C ASN A 209 3.92 2.39 16.52
N THR A 210 5.15 2.51 17.00
CA THR A 210 6.17 3.18 16.21
C THR A 210 6.42 2.45 14.91
N MET A 211 6.37 1.13 14.93
CA MET A 211 6.58 0.37 13.70
C MET A 211 5.43 0.57 12.73
N GLY A 212 4.22 0.70 13.24
CA GLY A 212 3.12 1.09 12.37
C GLY A 212 3.38 2.42 11.70
N GLN A 213 3.92 3.37 12.45
CA GLN A 213 4.24 4.67 11.86
C GLN A 213 5.34 4.57 10.81
N VAL A 214 6.35 3.74 11.04
CA VAL A 214 7.41 3.54 10.07
C VAL A 214 6.86 2.95 8.78
N THR A 215 6.00 1.94 8.91
CA THR A 215 5.40 1.34 7.74
C THR A 215 4.54 2.33 6.98
N THR A 216 3.77 3.15 7.71
CA THR A 216 2.96 4.15 7.04
C THR A 216 3.82 5.14 6.27
N SER A 217 4.93 5.58 6.87
CA SER A 217 5.81 6.51 6.18
C SER A 217 6.36 5.91 4.89
N ALA A 218 6.90 4.70 4.98
CA ALA A 218 7.46 4.08 3.78
C ALA A 218 6.39 3.83 2.73
N GLU A 219 5.22 3.38 3.15
CA GLU A 219 4.14 3.10 2.22
C GLU A 219 3.64 4.35 1.53
N GLN A 220 3.54 5.47 2.27
CA GLN A 220 3.16 6.73 1.65
C GLN A 220 4.17 7.16 0.60
N MET A 221 5.46 7.10 0.84
CA MET A 221 6.45 7.42 -0.20
C MET A 221 6.28 6.47 -1.36
N LEU A 222 6.10 5.16 -1.14
CA LEU A 222 6.08 4.25 -2.27
C LEU A 222 4.85 4.46 -3.14
N LYS A 223 3.65 4.64 -2.61
CA LYS A 223 2.40 4.75 -3.39
C LYS A 223 2.27 6.13 -3.99
N GLY A 224 2.98 7.10 -3.42
CA GLY A 224 2.95 8.41 -4.02
C GLY A 224 4.29 8.82 -4.57
N HIS A 225 4.97 7.88 -5.23
CA HIS A 225 6.33 8.10 -5.68
C HIS A 225 6.40 9.19 -6.74
N LYS A 226 5.48 9.18 -7.67
CA LYS A 226 5.44 10.14 -8.77
C LYS A 226 5.20 11.53 -8.30
N GLU A 227 4.42 11.73 -7.24
CA GLU A 227 4.24 13.04 -6.63
C GLU A 227 5.50 13.48 -5.91
N VAL A 228 6.16 12.57 -5.23
CA VAL A 228 7.43 12.88 -4.59
C VAL A 228 8.42 13.39 -5.61
N LEU A 229 8.51 12.72 -6.75
CA LEU A 229 9.44 13.14 -7.78
C LEU A 229 9.06 14.48 -8.37
N ILE A 230 7.80 14.63 -8.78
CA ILE A 230 7.40 15.80 -9.54
C ILE A 230 7.43 17.05 -8.68
N PHE A 231 7.03 16.95 -7.42
CA PHE A 231 6.99 18.13 -6.57
C PHE A 231 8.20 18.25 -5.66
N GLY A 232 9.21 17.41 -5.86
CA GLY A 232 10.45 17.52 -5.13
C GLY A 232 10.29 17.30 -3.65
N GLY A 233 9.58 16.27 -3.28
CA GLY A 233 9.32 16.02 -1.87
C GLY A 233 10.32 15.10 -1.23
N GLN A 234 11.50 14.96 -1.82
CA GLN A 234 12.50 14.05 -1.27
C GLN A 234 12.94 14.46 0.13
N GLU A 235 13.18 15.75 0.35
CA GLU A 235 13.67 16.17 1.66
C GLU A 235 12.61 15.98 2.73
N VAL A 236 11.36 16.28 2.42
CA VAL A 236 10.31 16.13 3.42
C VAL A 236 10.10 14.67 3.79
N GLU A 237 10.09 13.78 2.79
CA GLU A 237 9.95 12.36 3.09
C GLU A 237 11.14 11.84 3.87
N THR A 238 12.35 12.27 3.50
CA THR A 238 13.53 11.85 4.23
C THR A 238 13.48 12.31 5.68
N LYS A 239 13.04 13.52 6.00
CA LYS A 239 12.92 14.08 7.36
C LYS A 239 11.84 13.38 8.13
N ARG A 240 10.82 12.88 7.55
CA ARG A 240 9.72 12.19 8.24
C ARG A 240 10.20 10.78 8.54
N PHE A 241 11.00 10.18 7.66
CA PHE A 241 11.52 8.86 7.97
C PHE A 241 12.64 8.93 9.00
N ASP A 242 13.46 9.98 8.96
CA ASP A 242 14.44 10.17 10.01
C ASP A 242 13.78 10.24 11.37
N LYS A 243 12.71 11.02 11.49
CA LYS A 243 12.02 11.11 12.76
C LYS A 243 11.54 9.75 13.23
N VAL A 244 10.80 9.03 12.39
CA VAL A 244 10.19 7.80 12.88
C VAL A 244 11.24 6.73 13.15
N SER A 245 12.27 6.63 12.31
CA SER A 245 13.28 5.61 12.53
C SER A 245 14.11 5.92 13.76
N ASN A 246 14.38 7.19 14.03
CA ASN A 246 15.07 7.52 15.27
C ASN A 246 14.22 7.19 16.48
N ARG A 247 12.91 7.42 16.40
CA ARG A 247 12.04 7.06 17.51
C ARG A 247 12.03 5.55 17.73
N MET A 248 12.02 4.78 16.66
CA MET A 248 12.08 3.33 16.79
C MET A 248 13.37 2.90 17.47
N ARG A 249 14.49 3.51 17.10
CA ARG A 249 15.75 3.20 17.74
C ARG A 249 15.73 3.56 19.22
N LEU A 250 15.17 4.71 19.56
CA LEU A 250 15.15 5.13 20.96
C LEU A 250 14.29 4.21 21.81
N GLN A 251 13.17 3.73 21.28
CA GLN A 251 12.37 2.80 22.07
C GLN A 251 13.06 1.45 22.22
N GLY A 252 13.77 1.01 21.18
CA GLY A 252 14.60 -0.18 21.35
C GLY A 252 15.65 0.00 22.43
N MET A 253 16.24 1.18 22.51
CA MET A 253 17.22 1.46 23.56
C MET A 253 16.56 1.47 24.94
N LYS A 254 15.32 1.94 25.03
CA LYS A 254 14.59 1.83 26.29
C LYS A 254 14.47 0.38 26.71
N MET A 255 14.14 -0.50 25.78
CA MET A 255 14.05 -1.93 26.09
C MET A 255 15.38 -2.46 26.58
N VAL A 256 16.47 -2.10 25.90
CA VAL A 256 17.79 -2.59 26.28
C VAL A 256 18.18 -2.08 27.65
N SER A 257 17.90 -0.81 27.94
CA SER A 257 18.22 -0.28 29.25
C SER A 257 17.52 -1.06 30.34
N ALA A 258 16.24 -1.33 30.17
CA ALA A 258 15.52 -2.10 31.18
C ALA A 258 16.14 -3.48 31.35
N SER A 259 16.42 -4.16 30.24
CA SER A 259 16.93 -5.52 30.34
C SER A 259 18.29 -5.59 31.01
N SER A 260 19.20 -4.69 30.62
CA SER A 260 20.56 -4.74 31.12
C SER A 260 20.74 -4.09 32.49
N ILE A 261 19.74 -3.36 32.98
CA ILE A 261 19.77 -3.02 34.39
C ILE A 261 19.10 -4.12 35.22
N SER A 262 18.17 -4.87 34.64
CA SER A 262 17.51 -5.91 35.42
C SER A 262 18.41 -7.11 35.64
N ASP A 263 19.14 -7.55 34.61
CA ASP A 263 19.89 -8.79 34.73
C ASP A 263 20.94 -8.78 35.82
N PRO A 264 21.82 -7.78 35.92
CA PRO A 264 22.79 -7.77 37.02
C PRO A 264 22.16 -7.76 38.40
N ILE A 265 21.04 -7.08 38.60
CA ILE A 265 20.42 -7.06 39.92
C ILE A 265 19.99 -8.46 40.32
N ILE A 266 19.37 -9.19 39.40
CA ILE A 266 18.95 -10.55 39.70
C ILE A 266 20.15 -11.46 39.91
N GLN A 267 21.23 -11.24 39.15
CA GLN A 267 22.43 -12.03 39.37
C GLN A 267 22.99 -11.79 40.76
N LEU A 268 23.00 -10.53 41.21
CA LEU A 268 23.49 -10.21 42.54
C LEU A 268 22.63 -10.85 43.63
N ILE A 269 21.31 -10.79 43.45
CA ILE A 269 20.43 -11.43 44.44
C ILE A 269 20.72 -12.93 44.49
N ALA A 270 20.90 -13.55 43.33
CA ALA A 270 21.17 -14.98 43.32
C ALA A 270 22.52 -15.32 43.92
N SER A 271 23.50 -14.44 43.77
CA SER A 271 24.82 -14.71 44.34
C SER A 271 24.87 -14.46 45.83
N LEU A 272 23.90 -13.73 46.37
CA LEU A 272 23.79 -13.69 47.83
C LEU A 272 23.63 -15.09 48.40
N ALA A 273 22.99 -15.99 47.65
CA ALA A 273 22.90 -17.38 48.09
C ALA A 273 24.26 -18.04 48.15
N LEU A 274 25.12 -17.77 47.16
CA LEU A 274 26.47 -18.34 47.17
C LEU A 274 27.28 -17.81 48.34
N ALA A 275 27.15 -16.51 48.61
CA ALA A 275 27.81 -15.94 49.78
C ALA A 275 27.31 -16.61 51.06
N PHE A 276 26.00 -16.85 51.16
CA PHE A 276 25.47 -17.52 52.34
C PHE A 276 26.02 -18.92 52.48
N VAL A 277 26.12 -19.67 51.38
CA VAL A 277 26.61 -21.04 51.47
C VAL A 277 28.06 -21.06 51.92
N LEU A 278 28.88 -20.14 51.40
CA LEU A 278 30.27 -20.08 51.84
C LEU A 278 30.36 -19.71 53.32
N TYR A 279 29.55 -18.74 53.74
CA TYR A 279 29.56 -18.33 55.15
C TYR A 279 29.11 -19.47 56.07
N ALA A 280 28.07 -20.20 55.66
CA ALA A 280 27.57 -21.29 56.50
C ALA A 280 28.59 -22.42 56.59
N ALA A 281 29.23 -22.75 55.47
CA ALA A 281 30.29 -23.75 55.53
C ALA A 281 31.46 -23.26 56.38
N SER A 282 31.64 -21.95 56.47
CA SER A 282 32.70 -21.42 57.33
C SER A 282 32.46 -21.76 58.80
N PHE A 283 31.24 -22.11 59.18
CA PHE A 283 30.98 -22.50 60.55
C PHE A 283 31.54 -23.90 60.82
N PRO A 284 32.06 -24.15 62.02
CA PRO A 284 32.50 -25.51 62.37
C PRO A 284 31.38 -26.44 62.80
N SER A 285 30.24 -25.89 63.23
CA SER A 285 29.11 -26.70 63.67
C SER A 285 28.35 -27.33 62.52
N VAL A 286 28.54 -26.86 61.30
CA VAL A 286 27.90 -27.44 60.13
C VAL A 286 28.83 -28.42 59.42
N MET A 287 30.12 -28.10 59.36
CA MET A 287 31.08 -29.02 58.77
C MET A 287 31.22 -30.25 59.65
N ASP A 288 31.94 -31.24 59.13
CA ASP A 288 32.14 -32.56 59.71
C ASP A 288 30.84 -33.37 59.71
N SER A 289 29.72 -32.77 59.32
CA SER A 289 28.51 -33.55 59.07
C SER A 289 28.48 -34.11 57.66
N LEU A 290 29.18 -33.47 56.73
CA LEU A 290 29.24 -33.92 55.34
C LEU A 290 30.67 -33.82 54.84
N THR A 291 30.95 -34.58 53.79
CA THR A 291 32.32 -34.74 53.31
C THR A 291 32.71 -33.53 52.46
N ALA A 292 33.84 -33.67 51.74
CA ALA A 292 34.21 -32.71 50.70
C ALA A 292 33.37 -32.87 49.46
N GLY A 293 32.80 -34.06 49.24
CA GLY A 293 32.19 -34.33 47.91
C GLY A 293 30.74 -33.99 47.79
N THR A 294 30.03 -34.12 48.91
CA THR A 294 28.65 -33.62 48.90
C THR A 294 28.77 -32.14 48.60
N ILE A 295 29.68 -31.39 49.20
CA ILE A 295 29.70 -29.91 48.91
C ILE A 295 30.27 -29.70 47.51
N THR A 296 31.07 -30.63 47.06
CA THR A 296 31.59 -30.51 45.70
C THR A 296 30.33 -30.42 44.85
N VAL A 297 29.35 -31.28 45.05
CA VAL A 297 28.07 -31.00 44.34
C VAL A 297 27.48 -29.64 44.73
N VAL A 298 27.25 -29.33 46.01
CA VAL A 298 26.50 -28.09 46.35
C VAL A 298 27.12 -26.78 45.84
N PHE A 299 28.41 -26.49 46.00
CA PHE A 299 28.88 -25.20 45.47
C PHE A 299 29.00 -25.24 43.95
N SER A 300 29.17 -26.42 43.33
CA SER A 300 29.15 -26.55 41.87
C SER A 300 27.75 -26.25 41.36
N SER A 301 26.75 -26.65 42.09
CA SER A 301 25.33 -26.42 41.74
C SER A 301 24.89 -24.98 41.92
N MET A 302 25.32 -24.27 42.94
CA MET A 302 25.03 -22.84 42.97
C MET A 302 25.69 -22.12 41.80
N ILE A 303 26.95 -22.44 41.53
CA ILE A 303 27.63 -21.81 40.40
C ILE A 303 26.90 -22.12 39.10
N ALA A 304 26.50 -23.37 38.91
CA ALA A 304 25.85 -23.76 37.67
C ALA A 304 24.40 -23.32 37.63
N LEU A 305 23.85 -22.88 38.75
CA LEU A 305 22.51 -22.30 38.75
C LEU A 305 22.55 -20.86 38.30
N MET A 306 23.62 -20.14 38.45
CA MET A 306 23.53 -18.72 38.10
C MET A 306 23.56 -18.51 36.61
N ARG A 307 23.77 -19.57 35.86
CA ARG A 307 23.90 -19.40 34.38
C ARG A 307 22.54 -19.54 33.72
N PRO A 308 21.67 -20.49 34.12
CA PRO A 308 20.30 -20.51 33.64
C PRO A 308 19.51 -19.28 34.04
N LEU A 309 19.82 -18.67 35.18
CA LEU A 309 19.14 -17.45 35.57
C LEU A 309 19.40 -16.34 34.57
N LYS A 310 20.62 -16.32 34.08
CA LYS A 310 20.96 -15.24 33.18
C LYS A 310 20.20 -15.49 31.90
N SER A 311 20.32 -16.65 31.32
CA SER A 311 19.60 -17.06 30.12
C SER A 311 18.12 -16.71 30.26
N LEU A 312 17.47 -17.08 31.36
CA LEU A 312 16.02 -16.83 31.56
C LEU A 312 15.70 -15.36 31.51
N THR A 313 16.40 -14.55 32.28
CA THR A 313 16.19 -13.08 32.33
C THR A 313 16.53 -12.44 30.98
N ASN A 314 17.55 -12.89 30.39
CA ASN A 314 17.99 -12.27 29.14
C ASN A 314 16.96 -12.51 28.04
N VAL A 315 16.33 -13.68 27.99
CA VAL A 315 15.28 -14.01 27.00
C VAL A 315 13.91 -13.45 27.42
N ASN A 316 13.79 -12.99 28.64
CA ASN A 316 12.51 -12.40 29.02
C ASN A 316 12.08 -11.26 28.11
N ALA A 317 12.89 -10.27 27.82
CA ALA A 317 12.48 -9.24 26.85
C ALA A 317 12.05 -9.86 25.54
N GLN A 318 12.84 -10.81 25.01
CA GLN A 318 12.31 -11.29 23.69
C GLN A 318 10.94 -11.95 23.81
N PHE A 319 10.64 -12.73 24.85
CA PHE A 319 9.37 -13.41 25.15
C PHE A 319 8.24 -12.42 25.35
N GLN A 320 8.48 -11.35 26.04
CA GLN A 320 7.52 -10.27 26.34
C GLN A 320 7.23 -9.43 25.10
N ARG A 321 8.13 -9.44 24.10
CA ARG A 321 7.82 -8.81 22.84
C ARG A 321 6.80 -9.67 22.16
N GLY A 322 6.77 -10.96 22.37
CA GLY A 322 5.74 -11.82 21.84
C GLY A 322 4.48 -11.80 22.67
N MET A 323 4.62 -11.73 24.00
CA MET A 323 3.42 -11.65 24.82
C MET A 323 2.64 -10.37 24.56
N ALA A 324 3.34 -9.24 24.39
CA ALA A 324 2.66 -7.99 24.09
C ALA A 324 2.00 -8.03 22.72
N ALA A 325 2.66 -8.62 21.74
CA ALA A 325 2.03 -8.76 20.42
C ALA A 325 0.78 -9.62 20.49
N CYS A 326 0.82 -10.70 21.26
CA CYS A 326 -0.37 -11.53 21.44
C CYS A 326 -1.49 -10.73 22.07
N GLN A 327 -1.18 -9.94 23.09
CA GLN A 327 -2.24 -9.15 23.72
C GLN A 327 -2.85 -8.16 22.75
N THR A 328 -2.02 -7.52 21.93
CA THR A 328 -2.54 -6.62 20.92
C THR A 328 -3.44 -7.34 19.93
N LEU A 329 -3.02 -8.51 19.46
CA LEU A 329 -3.83 -9.23 18.49
C LEU A 329 -5.14 -9.67 19.11
N PHE A 330 -5.14 -10.05 20.39
CA PHE A 330 -6.38 -10.41 21.04
C PHE A 330 -7.33 -9.22 21.11
N THR A 331 -6.80 -8.05 21.43
CA THR A 331 -7.67 -6.88 21.45
C THR A 331 -8.26 -6.60 20.07
N ILE A 332 -7.46 -6.78 19.02
CA ILE A 332 -7.97 -6.58 17.67
C ILE A 332 -9.04 -7.60 17.32
N LEU A 333 -8.80 -8.86 17.62
CA LEU A 333 -9.66 -9.95 17.15
C LEU A 333 -11.03 -9.95 17.81
N ASP A 334 -11.32 -9.03 18.72
CA ASP A 334 -12.68 -8.89 19.22
C ASP A 334 -13.22 -7.48 19.01
N SER A 335 -12.67 -6.75 18.05
CA SER A 335 -13.31 -5.52 17.60
C SER A 335 -14.63 -5.85 16.92
N GLU A 336 -15.41 -4.81 16.65
CA GLU A 336 -16.66 -4.98 15.94
C GLU A 336 -16.42 -5.02 14.45
N GLN A 337 -16.90 -6.07 13.82
CA GLN A 337 -16.81 -6.23 12.38
C GLN A 337 -18.03 -5.58 11.74
N GLU A 338 -18.18 -5.77 10.42
CA GLU A 338 -19.31 -5.19 9.72
C GLU A 338 -20.60 -5.79 10.24
N LYS A 339 -21.55 -4.93 10.49
CA LYS A 339 -22.79 -5.39 11.10
C LYS A 339 -23.59 -6.17 10.08
N ASP A 340 -23.73 -7.43 10.36
CA ASP A 340 -24.45 -8.31 9.43
C ASP A 340 -25.42 -9.14 10.25
N GLU A 341 -26.64 -8.62 10.42
CA GLU A 341 -27.65 -9.29 11.24
C GLU A 341 -28.89 -9.63 10.41
N GLY A 342 -28.76 -9.62 9.09
CA GLY A 342 -29.82 -10.08 8.22
C GLY A 342 -29.60 -11.54 7.93
N LYS A 343 -30.62 -12.27 7.53
CA LYS A 343 -30.47 -13.75 7.44
C LYS A 343 -31.33 -14.34 6.36
N ARG A 344 -31.71 -13.54 5.41
CA ARG A 344 -32.43 -14.11 4.28
C ARG A 344 -31.57 -13.94 3.04
N VAL A 345 -31.18 -15.06 2.45
CA VAL A 345 -30.44 -15.01 1.20
C VAL A 345 -31.41 -14.75 0.07
N ILE A 346 -30.90 -14.18 -1.02
CA ILE A 346 -31.68 -13.96 -2.23
C ILE A 346 -30.93 -14.60 -3.39
N GLU A 347 -31.60 -15.46 -4.14
CA GLU A 347 -30.95 -16.13 -5.25
C GLU A 347 -30.65 -15.17 -6.38
N ARG A 348 -31.64 -14.38 -6.75
CA ARG A 348 -31.55 -13.34 -7.81
C ARG A 348 -32.61 -12.32 -7.55
N ALA A 349 -32.20 -11.14 -7.23
CA ALA A 349 -33.18 -10.08 -7.06
C ALA A 349 -33.77 -9.68 -8.40
N THR A 350 -35.04 -9.29 -8.38
CA THR A 350 -35.65 -8.72 -9.57
C THR A 350 -34.99 -7.41 -10.00
N GLY A 351 -34.43 -6.67 -9.05
CA GLY A 351 -33.76 -5.43 -9.34
C GLY A 351 -34.54 -4.20 -8.96
N ASP A 352 -35.69 -4.35 -8.31
CA ASP A 352 -36.52 -3.21 -7.96
C ASP A 352 -36.02 -2.58 -6.66
N VAL A 353 -35.10 -1.64 -6.76
CA VAL A 353 -34.53 -0.95 -5.61
C VAL A 353 -35.33 0.32 -5.39
N GLU A 354 -35.62 0.61 -4.13
CA GLU A 354 -36.40 1.79 -3.78
C GLU A 354 -35.79 2.47 -2.57
N PHE A 355 -35.48 3.74 -2.70
CA PHE A 355 -35.12 4.58 -1.57
C PHE A 355 -36.37 5.20 -1.01
N ARG A 356 -36.55 5.11 0.29
CA ARG A 356 -37.79 5.56 0.92
C ARG A 356 -37.41 6.53 2.03
N ASN A 357 -37.27 7.80 1.65
CA ASN A 357 -37.08 8.90 2.59
C ASN A 357 -35.77 8.78 3.35
N VAL A 358 -34.72 8.32 2.69
CA VAL A 358 -33.49 8.03 3.40
C VAL A 358 -32.71 9.32 3.62
N THR A 359 -32.00 9.36 4.74
CA THR A 359 -31.14 10.46 5.13
C THR A 359 -29.83 9.86 5.58
N PHE A 360 -28.71 10.35 5.09
CA PHE A 360 -27.44 9.75 5.40
C PHE A 360 -26.43 10.80 5.79
N THR A 361 -25.69 10.53 6.85
CA THR A 361 -24.61 11.38 7.32
C THR A 361 -23.36 10.55 7.44
N TYR A 362 -22.29 10.96 6.78
CA TYR A 362 -21.07 10.20 6.87
C TYR A 362 -20.54 10.23 8.30
N PRO A 363 -19.87 9.17 8.74
CA PRO A 363 -19.38 9.13 10.12
C PRO A 363 -18.48 10.33 10.43
N GLY A 364 -18.77 10.97 11.55
CA GLY A 364 -18.02 12.13 12.01
C GLY A 364 -18.10 13.34 11.10
N ARG A 365 -19.31 13.69 10.68
CA ARG A 365 -19.45 14.76 9.70
C ARG A 365 -20.55 15.76 9.99
N ASP A 366 -21.56 15.43 10.79
CA ASP A 366 -22.57 16.34 11.33
C ASP A 366 -23.36 17.10 10.26
N VAL A 367 -23.22 16.76 8.99
CA VAL A 367 -24.01 17.38 7.93
C VAL A 367 -24.46 16.30 6.97
N PRO A 368 -25.75 16.23 6.62
CA PRO A 368 -26.23 15.11 5.83
C PRO A 368 -25.68 15.16 4.41
N ALA A 369 -25.13 14.03 3.96
CA ALA A 369 -24.74 13.91 2.57
C ALA A 369 -25.95 13.72 1.67
N LEU A 370 -26.99 13.08 2.17
CA LEU A 370 -28.27 12.95 1.49
C LEU A 370 -29.35 13.35 2.49
N ARG A 371 -30.45 13.90 2.00
CA ARG A 371 -31.41 14.47 2.93
C ARG A 371 -32.76 13.78 2.94
N ASN A 372 -33.51 13.77 1.85
CA ASN A 372 -34.77 13.03 1.85
C ASN A 372 -34.92 12.44 0.46
N ILE A 373 -34.34 11.28 0.26
CA ILE A 373 -34.22 10.70 -1.08
C ILE A 373 -35.37 9.73 -1.24
N ASN A 374 -36.25 10.01 -2.18
CA ASN A 374 -37.36 9.14 -2.53
C ASN A 374 -37.17 8.75 -3.98
N LEU A 375 -36.47 7.64 -4.20
CA LEU A 375 -35.98 7.26 -5.52
C LEU A 375 -36.37 5.82 -5.80
N LYS A 376 -37.14 5.59 -6.85
CA LYS A 376 -37.49 4.25 -7.28
C LYS A 376 -36.69 3.90 -8.51
N ILE A 377 -36.09 2.71 -8.51
CA ILE A 377 -35.35 2.22 -9.67
C ILE A 377 -36.02 0.94 -10.14
N PRO A 378 -37.01 1.03 -11.01
CA PRO A 378 -37.81 -0.15 -11.34
C PRO A 378 -36.99 -1.22 -12.03
N ALA A 379 -37.56 -2.42 -12.05
CA ALA A 379 -36.86 -3.54 -12.67
C ALA A 379 -36.78 -3.37 -14.17
N GLY A 380 -35.57 -3.48 -14.70
CA GLY A 380 -35.37 -3.36 -16.12
C GLY A 380 -35.30 -1.96 -16.66
N LYS A 381 -35.39 -0.94 -15.82
CA LYS A 381 -35.31 0.44 -16.25
C LYS A 381 -33.99 1.05 -15.79
N THR A 382 -33.53 2.04 -16.52
CA THR A 382 -32.28 2.71 -16.25
C THR A 382 -32.55 4.06 -15.63
N VAL A 383 -31.89 4.34 -14.51
CA VAL A 383 -31.98 5.64 -13.85
C VAL A 383 -30.62 6.30 -13.93
N ALA A 384 -30.59 7.54 -14.39
CA ALA A 384 -29.37 8.29 -14.50
C ALA A 384 -29.34 9.36 -13.43
N LEU A 385 -28.27 9.39 -12.64
CA LEU A 385 -28.04 10.44 -11.66
C LEU A 385 -27.07 11.45 -12.25
N VAL A 386 -27.51 12.69 -12.38
CA VAL A 386 -26.64 13.76 -12.82
C VAL A 386 -26.69 14.86 -11.79
N GLY A 387 -25.65 15.66 -11.77
CA GLY A 387 -25.57 16.75 -10.81
C GLY A 387 -24.16 17.27 -10.76
N ARG A 388 -23.98 18.34 -10.00
CA ARG A 388 -22.66 18.92 -9.89
C ARG A 388 -21.78 18.04 -9.02
N SER A 389 -20.48 18.28 -9.09
CA SER A 389 -19.53 17.49 -8.33
C SER A 389 -19.65 17.79 -6.85
N GLY A 390 -19.66 16.73 -6.05
CA GLY A 390 -19.85 16.85 -4.62
C GLY A 390 -21.28 16.88 -4.18
N SER A 391 -22.21 16.41 -5.00
CA SER A 391 -23.63 16.53 -4.69
C SER A 391 -24.26 15.26 -4.12
N GLY A 392 -23.61 14.11 -4.23
CA GLY A 392 -24.08 12.95 -3.52
C GLY A 392 -24.53 11.79 -4.36
N LYS A 393 -23.93 11.60 -5.55
CA LYS A 393 -24.27 10.51 -6.44
C LYS A 393 -23.53 9.22 -6.09
N SER A 394 -22.22 9.31 -5.91
CA SER A 394 -21.47 8.17 -5.46
C SER A 394 -21.92 7.72 -4.08
N THR A 395 -22.50 8.62 -3.29
CA THR A 395 -23.01 8.22 -1.98
C THR A 395 -24.27 7.37 -2.10
N ILE A 396 -25.16 7.71 -3.02
CA ILE A 396 -26.30 6.85 -3.28
C ILE A 396 -25.83 5.48 -3.75
N ALA A 397 -24.87 5.45 -4.66
CA ALA A 397 -24.33 4.17 -5.11
C ALA A 397 -23.70 3.39 -3.97
N SER A 398 -23.07 4.07 -3.02
CA SER A 398 -22.45 3.38 -1.90
C SER A 398 -23.48 2.90 -0.89
N LEU A 399 -24.64 3.53 -0.84
CA LEU A 399 -25.68 3.03 0.06
C LEU A 399 -26.36 1.80 -0.51
N ILE A 400 -26.50 1.70 -1.83
CA ILE A 400 -27.17 0.53 -2.39
C ILE A 400 -26.41 -0.75 -2.06
N THR A 401 -25.09 -0.69 -2.07
CA THR A 401 -24.27 -1.87 -1.80
C THR A 401 -23.96 -2.05 -0.33
N ARG A 402 -24.52 -1.22 0.54
CA ARG A 402 -24.38 -1.34 1.99
C ARG A 402 -22.93 -1.16 2.45
N PHE A 403 -22.16 -0.33 1.76
CA PHE A 403 -20.86 0.07 2.31
C PHE A 403 -21.06 0.89 3.56
N TYR A 404 -22.10 1.72 3.58
CA TYR A 404 -22.46 2.51 4.73
C TYR A 404 -23.93 2.28 5.01
N ASP A 405 -24.31 2.44 6.28
CA ASP A 405 -25.68 2.22 6.70
C ASP A 405 -26.36 3.56 6.98
N ILE A 406 -27.62 3.67 6.58
CA ILE A 406 -28.32 4.94 6.60
C ILE A 406 -28.79 5.30 7.99
N ASP A 407 -29.24 6.54 8.17
CA ASP A 407 -29.75 7.02 9.44
C ASP A 407 -31.27 6.82 9.53
N GLU A 408 -32.01 7.44 8.62
CA GLU A 408 -33.45 7.33 8.57
C GLU A 408 -33.89 6.73 7.26
N GLY A 409 -35.17 6.39 7.18
CA GLY A 409 -35.72 5.83 5.97
C GLY A 409 -35.30 4.40 5.76
N GLU A 410 -35.77 3.84 4.66
CA GLU A 410 -35.45 2.47 4.29
C GLU A 410 -35.03 2.41 2.84
N ILE A 411 -34.07 1.55 2.53
CA ILE A 411 -33.76 1.18 1.16
C ILE A 411 -34.23 -0.25 0.98
N LEU A 412 -35.19 -0.46 0.10
CA LEU A 412 -35.76 -1.77 -0.11
C LEU A 412 -35.21 -2.37 -1.41
N MET A 413 -35.02 -3.67 -1.41
CA MET A 413 -34.75 -4.42 -2.63
C MET A 413 -35.71 -5.58 -2.69
N ASP A 414 -36.51 -5.63 -3.76
CA ASP A 414 -37.57 -6.64 -3.91
C ASP A 414 -38.58 -6.58 -2.78
N GLY A 415 -38.81 -5.38 -2.23
CA GLY A 415 -39.80 -5.20 -1.21
C GLY A 415 -39.32 -5.36 0.21
N HIS A 416 -38.09 -5.81 0.43
CA HIS A 416 -37.57 -5.99 1.77
C HIS A 416 -36.38 -5.07 1.99
N ASP A 417 -36.23 -4.60 3.22
CA ASP A 417 -35.16 -3.70 3.57
C ASP A 417 -33.81 -4.35 3.29
N LEU A 418 -32.83 -3.54 2.92
CA LEU A 418 -31.52 -4.09 2.62
C LEU A 418 -30.88 -4.74 3.84
N ARG A 419 -31.25 -4.29 5.03
CA ARG A 419 -30.65 -4.84 6.23
C ARG A 419 -31.20 -6.22 6.57
N GLU A 420 -32.25 -6.67 5.90
CA GLU A 420 -32.79 -7.99 6.16
C GLU A 420 -32.02 -9.08 5.44
N TYR A 421 -31.19 -8.75 4.48
CA TYR A 421 -30.47 -9.74 3.69
C TYR A 421 -29.08 -9.95 4.24
N THR A 422 -28.51 -11.10 3.89
CA THR A 422 -27.11 -11.37 4.17
C THR A 422 -26.24 -10.46 3.31
N LEU A 423 -25.12 -10.00 3.86
CA LEU A 423 -24.27 -9.10 3.10
C LEU A 423 -23.73 -9.78 1.85
N ALA A 424 -23.30 -11.04 1.97
CA ALA A 424 -22.80 -11.74 0.79
C ALA A 424 -23.90 -11.91 -0.24
N SER A 425 -25.09 -12.31 0.20
CA SER A 425 -26.21 -12.49 -0.69
C SER A 425 -26.60 -11.18 -1.36
N LEU A 426 -26.58 -10.09 -0.60
CA LEU A 426 -26.95 -8.80 -1.16
C LEU A 426 -25.93 -8.33 -2.19
N ARG A 427 -24.65 -8.36 -1.84
CA ARG A 427 -23.63 -7.87 -2.74
C ARG A 427 -23.40 -8.80 -3.92
N ASN A 428 -23.97 -10.00 -3.90
CA ASN A 428 -23.95 -10.81 -5.11
C ASN A 428 -24.87 -10.26 -6.18
N GLN A 429 -25.84 -9.43 -5.83
CA GLN A 429 -26.81 -8.91 -6.78
C GLN A 429 -26.36 -7.64 -7.46
N VAL A 430 -25.21 -7.09 -7.09
CA VAL A 430 -24.76 -5.79 -7.56
C VAL A 430 -23.43 -5.94 -8.25
N ALA A 431 -23.30 -5.34 -9.42
CA ALA A 431 -22.03 -5.19 -10.12
C ALA A 431 -21.76 -3.71 -10.26
N LEU A 432 -20.55 -3.29 -9.90
CA LEU A 432 -20.25 -1.87 -9.74
C LEU A 432 -18.97 -1.51 -10.47
N VAL A 433 -19.03 -0.47 -11.30
CA VAL A 433 -17.85 0.16 -11.87
C VAL A 433 -17.65 1.45 -11.07
N SER A 434 -16.70 1.45 -10.16
CA SER A 434 -16.57 2.57 -9.25
C SER A 434 -15.88 3.75 -9.92
N GLN A 435 -16.02 4.91 -9.29
CA GLN A 435 -15.41 6.12 -9.83
C GLN A 435 -13.89 6.03 -9.83
N ASN A 436 -13.31 5.50 -8.77
CA ASN A 436 -11.88 5.26 -8.70
C ASN A 436 -11.64 3.79 -8.99
N VAL A 437 -11.21 3.49 -10.21
CA VAL A 437 -11.03 2.11 -10.64
C VAL A 437 -9.84 1.51 -9.91
N HIS A 438 -10.01 0.29 -9.38
CA HIS A 438 -8.91 -0.45 -8.80
C HIS A 438 -8.78 -1.80 -9.49
N LEU A 439 -7.61 -2.06 -10.07
CA LEU A 439 -7.37 -3.36 -10.73
C LEU A 439 -6.38 -4.16 -9.86
N PHE A 440 -5.88 -5.29 -10.35
CA PHE A 440 -4.99 -6.14 -9.51
C PHE A 440 -3.72 -6.47 -10.29
N ASN A 441 -2.70 -7.00 -9.61
CA ASN A 441 -1.45 -7.42 -10.31
C ASN A 441 -1.71 -8.82 -10.86
N ASP A 442 -2.59 -8.95 -11.86
CA ASP A 442 -3.00 -10.27 -12.39
C ASP A 442 -3.11 -10.17 -13.92
N THR A 443 -3.20 -11.31 -14.60
CA THR A 443 -3.38 -11.30 -16.08
C THR A 443 -4.73 -10.65 -16.40
N VAL A 444 -4.83 -9.95 -17.53
CA VAL A 444 -6.10 -9.28 -17.93
C VAL A 444 -7.28 -10.21 -17.66
N ALA A 445 -7.15 -11.49 -18.00
CA ALA A 445 -8.25 -12.44 -17.84
C ALA A 445 -8.57 -12.70 -16.38
N ASN A 446 -7.57 -12.66 -15.51
CA ASN A 446 -7.85 -12.82 -14.09
C ASN A 446 -8.29 -11.53 -13.43
N ASN A 447 -8.31 -10.43 -14.17
CA ASN A 447 -8.91 -9.20 -13.68
C ASN A 447 -10.36 -9.08 -14.12
N ILE A 448 -10.65 -9.50 -15.34
CA ILE A 448 -12.03 -9.48 -15.80
C ILE A 448 -12.87 -10.47 -15.01
N ALA A 449 -12.32 -11.62 -14.69
CA ALA A 449 -13.00 -12.67 -13.94
C ALA A 449 -12.53 -12.74 -12.51
N TYR A 450 -12.35 -11.59 -11.85
CA TYR A 450 -11.55 -11.48 -10.64
C TYR A 450 -11.80 -12.58 -9.62
N ALA A 451 -13.01 -12.70 -9.09
CA ALA A 451 -13.26 -13.63 -8.02
C ALA A 451 -13.96 -14.89 -8.46
N ARG A 452 -14.05 -15.13 -9.77
CA ARG A 452 -14.80 -16.24 -10.31
C ARG A 452 -14.01 -16.90 -11.43
N THR A 453 -12.70 -17.00 -11.25
CA THR A 453 -11.86 -17.54 -12.32
C THR A 453 -12.19 -18.98 -12.64
N GLU A 454 -12.76 -19.72 -11.70
CA GLU A 454 -13.15 -21.10 -11.94
C GLU A 454 -14.50 -21.22 -12.63
N GLN A 455 -15.29 -20.15 -12.67
CA GLN A 455 -16.66 -20.23 -13.12
C GLN A 455 -16.87 -19.74 -14.54
N TYR A 456 -16.07 -18.80 -15.00
CA TYR A 456 -16.23 -18.21 -16.33
C TYR A 456 -15.19 -18.74 -17.28
N SER A 457 -15.63 -19.19 -18.45
CA SER A 457 -14.75 -19.71 -19.47
C SER A 457 -14.06 -18.56 -20.20
N ARG A 458 -13.07 -18.91 -21.02
CA ARG A 458 -12.39 -17.89 -21.79
C ARG A 458 -13.25 -17.30 -22.89
N GLU A 459 -14.25 -18.04 -23.36
CA GLU A 459 -15.16 -17.46 -24.33
C GLU A 459 -16.05 -16.40 -23.68
N GLN A 460 -16.50 -16.65 -22.45
CA GLN A 460 -17.27 -15.65 -21.73
C GLN A 460 -16.42 -14.43 -21.42
N ILE A 461 -15.16 -14.63 -21.05
CA ILE A 461 -14.28 -13.51 -20.76
C ILE A 461 -13.99 -12.70 -22.02
N GLU A 462 -13.77 -13.38 -23.15
CA GLU A 462 -13.57 -12.64 -24.38
C GLU A 462 -14.84 -11.91 -24.81
N GLU A 463 -16.01 -12.47 -24.55
CA GLU A 463 -17.24 -11.77 -24.92
C GLU A 463 -17.44 -10.55 -24.05
N ALA A 464 -17.12 -10.63 -22.76
CA ALA A 464 -17.18 -9.44 -21.92
C ALA A 464 -16.19 -8.39 -22.40
N ALA A 465 -14.96 -8.80 -22.69
CA ALA A 465 -13.97 -7.85 -23.17
C ALA A 465 -14.36 -7.26 -24.50
N ARG A 466 -15.11 -7.98 -25.31
CA ARG A 466 -15.58 -7.42 -26.57
C ARG A 466 -16.70 -6.42 -26.35
N MET A 467 -17.56 -6.69 -25.37
CA MET A 467 -18.63 -5.75 -25.08
C MET A 467 -18.11 -4.45 -24.47
N ALA A 468 -17.02 -4.52 -23.74
CA ALA A 468 -16.41 -3.34 -23.15
C ALA A 468 -15.46 -2.65 -24.11
N TYR A 469 -15.44 -3.04 -25.37
CA TYR A 469 -14.59 -2.42 -26.38
C TYR A 469 -13.13 -2.57 -26.05
N ALA A 470 -12.78 -3.56 -25.24
CA ALA A 470 -11.42 -3.76 -24.80
C ALA A 470 -10.68 -4.79 -25.63
N MET A 471 -11.32 -5.41 -26.60
CA MET A 471 -10.67 -6.51 -27.27
C MET A 471 -9.62 -6.03 -28.26
N ASP A 472 -9.82 -4.87 -28.87
CA ASP A 472 -8.86 -4.39 -29.85
C ASP A 472 -7.52 -4.08 -29.22
N PHE A 473 -7.51 -3.42 -28.06
CA PHE A 473 -6.23 -3.14 -27.44
C PHE A 473 -5.65 -4.35 -26.74
N ILE A 474 -6.48 -5.32 -26.37
CA ILE A 474 -5.95 -6.54 -25.76
C ILE A 474 -5.25 -7.39 -26.80
N ASN A 475 -5.80 -7.47 -28.01
CA ASN A 475 -5.15 -8.24 -29.05
C ASN A 475 -3.77 -7.70 -29.39
N LYS A 476 -3.52 -6.42 -29.18
CA LYS A 476 -2.23 -5.82 -29.45
C LYS A 476 -1.23 -6.01 -28.32
N MET A 477 -1.66 -6.47 -27.16
CA MET A 477 -0.73 -6.63 -26.05
C MET A 477 0.20 -7.81 -26.30
N ASP A 478 1.13 -8.01 -25.38
CA ASP A 478 2.18 -9.01 -25.54
C ASP A 478 1.64 -10.43 -25.58
N ASN A 479 0.72 -10.79 -24.69
CA ASN A 479 0.19 -12.14 -24.63
C ASN A 479 -1.31 -12.23 -24.77
N GLY A 480 -1.99 -11.12 -25.01
CA GLY A 480 -3.44 -11.18 -25.09
C GLY A 480 -4.04 -11.13 -23.72
N LEU A 481 -4.97 -12.05 -23.46
CA LEU A 481 -5.65 -12.06 -22.17
C LEU A 481 -4.75 -12.54 -21.04
N ASP A 482 -3.57 -13.05 -21.34
CA ASP A 482 -2.64 -13.52 -20.34
C ASP A 482 -1.58 -12.48 -20.01
N THR A 483 -1.75 -11.25 -20.47
CA THR A 483 -0.81 -10.19 -20.19
C THR A 483 -0.94 -9.75 -18.75
N VAL A 484 0.17 -9.73 -18.03
CA VAL A 484 0.17 -9.18 -16.69
C VAL A 484 0.13 -7.67 -16.78
N ILE A 485 -0.81 -7.05 -16.07
CA ILE A 485 -0.87 -5.63 -15.95
C ILE A 485 -0.18 -5.25 -14.65
N GLY A 486 0.15 -3.99 -14.50
CA GLY A 486 0.97 -3.59 -13.37
C GLY A 486 0.31 -3.69 -12.02
N GLU A 487 0.85 -2.98 -11.04
CA GLU A 487 0.35 -3.12 -9.67
C GLU A 487 -1.10 -2.69 -9.57
N ASN A 488 -1.46 -1.60 -10.21
CA ASN A 488 -2.84 -1.14 -10.23
C ASN A 488 -3.28 -0.93 -11.66
N GLY A 489 -2.92 -1.86 -12.54
CA GLY A 489 -3.10 -1.64 -13.94
C GLY A 489 -2.18 -0.58 -14.49
N VAL A 490 -1.04 -0.35 -13.83
CA VAL A 490 -0.16 0.75 -14.21
C VAL A 490 0.42 0.58 -15.59
N LEU A 491 0.46 -0.64 -16.11
CA LEU A 491 0.96 -0.89 -17.45
C LEU A 491 -0.10 -0.70 -18.51
N LEU A 492 -1.13 0.07 -18.21
CA LEU A 492 -2.22 0.36 -19.13
C LEU A 492 -2.45 1.85 -19.15
N SER A 493 -3.09 2.33 -20.22
CA SER A 493 -3.51 3.72 -20.19
C SER A 493 -4.78 3.85 -19.38
N GLY A 494 -5.17 5.09 -19.07
CA GLY A 494 -6.31 5.30 -18.19
C GLY A 494 -7.61 4.79 -18.77
N GLY A 495 -7.83 5.02 -20.05
CA GLY A 495 -9.01 4.47 -20.69
C GLY A 495 -9.00 2.97 -20.74
N GLN A 496 -7.82 2.36 -20.85
CA GLN A 496 -7.76 0.91 -20.89
C GLN A 496 -8.05 0.29 -19.54
N ARG A 497 -7.60 0.93 -18.46
CA ARG A 497 -8.01 0.49 -17.13
C ARG A 497 -9.50 0.64 -16.94
N GLN A 498 -10.07 1.75 -17.42
CA GLN A 498 -11.52 1.91 -17.31
C GLN A 498 -12.25 0.82 -18.06
N ARG A 499 -11.80 0.47 -19.26
CA ARG A 499 -12.51 -0.54 -20.02
C ARG A 499 -12.34 -1.93 -19.44
N ILE A 500 -11.21 -2.20 -18.80
CA ILE A 500 -11.09 -3.48 -18.11
C ILE A 500 -12.02 -3.55 -16.92
N ALA A 501 -12.20 -2.44 -16.20
CA ALA A 501 -13.17 -2.44 -15.11
C ALA A 501 -14.60 -2.60 -15.63
N ILE A 502 -14.91 -1.99 -16.77
CA ILE A 502 -16.24 -2.17 -17.36
C ILE A 502 -16.47 -3.63 -17.73
N ALA A 503 -15.48 -4.27 -18.34
CA ALA A 503 -15.61 -5.67 -18.70
C ALA A 503 -15.75 -6.55 -17.46
N ARG A 504 -15.03 -6.21 -16.40
CA ARG A 504 -15.16 -6.94 -15.15
C ARG A 504 -16.59 -6.89 -14.63
N ALA A 505 -17.23 -5.73 -14.69
CA ALA A 505 -18.60 -5.65 -14.23
C ALA A 505 -19.56 -6.35 -15.18
N LEU A 506 -19.34 -6.22 -16.49
CA LEU A 506 -20.27 -6.79 -17.45
C LEU A 506 -20.18 -8.29 -17.56
N LEU A 507 -19.07 -8.89 -17.13
CA LEU A 507 -18.96 -10.34 -17.21
C LEU A 507 -20.03 -11.01 -16.36
N ARG A 508 -20.26 -10.50 -15.16
CA ARG A 508 -21.27 -11.02 -14.26
C ARG A 508 -22.60 -10.40 -14.61
N ASP A 509 -23.56 -11.22 -15.02
CA ASP A 509 -24.86 -10.71 -15.42
C ASP A 509 -25.68 -10.40 -14.17
N SER A 510 -25.21 -9.40 -13.43
CA SER A 510 -25.86 -9.05 -12.18
C SER A 510 -27.16 -8.31 -12.46
N PRO A 511 -28.20 -8.55 -11.65
CA PRO A 511 -29.47 -7.86 -11.86
C PRO A 511 -29.42 -6.36 -11.64
N ILE A 512 -28.42 -5.84 -10.93
CA ILE A 512 -28.26 -4.41 -10.72
C ILE A 512 -26.86 -4.03 -11.16
N LEU A 513 -26.76 -3.11 -12.10
CA LEU A 513 -25.48 -2.64 -12.59
C LEU A 513 -25.36 -1.16 -12.29
N ILE A 514 -24.27 -0.76 -11.67
CA ILE A 514 -24.01 0.62 -11.30
C ILE A 514 -22.77 1.10 -12.02
N LEU A 515 -22.91 2.10 -12.86
CA LEU A 515 -21.81 2.69 -13.61
C LEU A 515 -21.53 4.06 -13.03
N ASP A 516 -20.51 4.15 -12.19
CA ASP A 516 -20.21 5.38 -11.48
C ASP A 516 -19.21 6.19 -12.29
N GLU A 517 -19.72 6.85 -13.31
CA GLU A 517 -18.91 7.57 -14.29
C GLU A 517 -17.90 6.61 -14.92
N ALA A 518 -18.43 5.61 -15.60
CA ALA A 518 -17.60 4.55 -16.13
C ALA A 518 -16.84 4.97 -17.37
N THR A 519 -17.13 6.12 -17.93
CA THR A 519 -16.58 6.54 -19.21
C THR A 519 -15.93 7.90 -19.09
N SER A 520 -15.25 8.16 -17.98
CA SER A 520 -14.61 9.46 -17.81
C SER A 520 -13.31 9.54 -18.59
N ALA A 521 -12.56 8.45 -18.65
CA ALA A 521 -11.27 8.45 -19.33
C ALA A 521 -11.36 8.02 -20.78
N LEU A 522 -12.56 7.83 -21.30
CA LEU A 522 -12.75 7.36 -22.66
C LEU A 522 -13.04 8.53 -23.58
N ASP A 523 -12.62 8.40 -24.83
CA ASP A 523 -12.99 9.37 -25.85
C ASP A 523 -14.44 9.13 -26.25
N THR A 524 -14.92 9.87 -27.24
CA THR A 524 -16.33 9.79 -27.57
C THR A 524 -16.66 8.54 -28.36
N GLU A 525 -15.83 8.16 -29.33
CA GLU A 525 -16.16 6.97 -30.12
C GLU A 525 -16.12 5.72 -29.26
N SER A 526 -15.13 5.61 -28.38
CA SER A 526 -15.08 4.49 -27.48
C SER A 526 -16.29 4.45 -26.56
N GLU A 527 -16.66 5.61 -26.03
CA GLU A 527 -17.83 5.68 -25.16
C GLU A 527 -19.10 5.29 -25.90
N ARG A 528 -19.21 5.67 -27.17
CA ARG A 528 -20.40 5.34 -27.94
C ARG A 528 -20.46 3.85 -28.27
N ALA A 529 -19.31 3.23 -28.54
CA ALA A 529 -19.30 1.79 -28.75
C ALA A 529 -19.73 1.05 -27.49
N ILE A 530 -19.20 1.47 -26.34
CA ILE A 530 -19.60 0.84 -25.08
C ILE A 530 -21.09 1.04 -24.83
N GLN A 531 -21.60 2.24 -25.14
CA GLN A 531 -23.02 2.50 -24.95
C GLN A 531 -23.87 1.63 -25.86
N ALA A 532 -23.43 1.42 -27.09
CA ALA A 532 -24.15 0.53 -27.99
C ALA A 532 -24.19 -0.89 -27.43
N ALA A 533 -23.08 -1.35 -26.86
CA ALA A 533 -23.10 -2.68 -26.25
C ALA A 533 -24.03 -2.74 -25.05
N LEU A 534 -24.02 -1.70 -24.23
CA LEU A 534 -24.88 -1.66 -23.05
C LEU A 534 -26.35 -1.65 -23.42
N ASP A 535 -26.71 -0.95 -24.49
CA ASP A 535 -28.11 -0.86 -24.87
C ASP A 535 -28.69 -2.23 -25.19
N GLU A 536 -27.93 -3.04 -25.94
CA GLU A 536 -28.45 -4.36 -26.26
C GLU A 536 -28.33 -5.32 -25.09
N LEU A 537 -27.25 -5.25 -24.33
CA LEU A 537 -27.04 -6.24 -23.28
C LEU A 537 -27.96 -6.02 -22.10
N GLN A 538 -28.18 -4.77 -21.72
CA GLN A 538 -28.87 -4.42 -20.48
C GLN A 538 -30.25 -3.84 -20.77
N LYS A 539 -30.96 -4.49 -21.71
CA LYS A 539 -32.34 -4.07 -22.08
C LYS A 539 -33.35 -4.51 -21.03
N ASN A 540 -32.99 -5.42 -20.12
CA ASN A 540 -33.91 -5.94 -19.12
C ASN A 540 -33.26 -6.07 -17.74
N ARG A 541 -32.26 -5.25 -17.46
CA ARG A 541 -31.57 -5.34 -16.18
C ARG A 541 -31.64 -3.95 -15.57
N THR A 542 -31.90 -3.86 -14.26
CA THR A 542 -31.89 -2.60 -13.55
C THR A 542 -30.50 -1.99 -13.64
N SER A 543 -30.43 -0.72 -13.99
CA SER A 543 -29.16 -0.06 -14.14
C SER A 543 -29.23 1.31 -13.50
N LEU A 544 -28.10 1.76 -12.97
CA LEU A 544 -27.98 3.09 -12.38
C LEU A 544 -26.71 3.71 -12.93
N VAL A 545 -26.85 4.72 -13.77
CA VAL A 545 -25.73 5.36 -14.44
C VAL A 545 -25.52 6.71 -13.78
N ILE A 546 -24.32 6.93 -13.28
CA ILE A 546 -23.93 8.22 -12.70
C ILE A 546 -23.04 8.88 -13.73
N ALA A 547 -23.48 10.01 -14.29
CA ALA A 547 -22.81 10.56 -15.46
C ALA A 547 -22.66 12.06 -15.34
N HIS A 548 -21.53 12.57 -15.84
CA HIS A 548 -21.33 13.99 -16.03
C HIS A 548 -21.51 14.43 -17.47
N ARG A 549 -21.40 13.47 -18.36
CA ARG A 549 -21.62 13.72 -19.78
C ARG A 549 -23.02 13.34 -20.12
N LEU A 550 -23.82 14.31 -20.52
CA LEU A 550 -25.22 14.00 -20.75
C LEU A 550 -25.45 13.24 -22.05
N SER A 551 -24.44 13.11 -22.90
CA SER A 551 -24.61 12.28 -24.08
C SER A 551 -24.73 10.81 -23.70
N THR A 552 -24.19 10.44 -22.55
CA THR A 552 -24.22 9.06 -22.11
C THR A 552 -25.61 8.63 -21.64
N ILE A 553 -26.42 9.56 -21.17
CA ILE A 553 -27.64 9.22 -20.46
C ILE A 553 -28.88 9.79 -21.15
N GLU A 554 -28.80 10.07 -22.44
CA GLU A 554 -29.95 10.65 -23.12
C GLU A 554 -31.11 9.68 -23.24
N LYS A 555 -30.84 8.38 -23.21
CA LYS A 555 -31.89 7.38 -23.39
C LYS A 555 -32.30 6.72 -22.08
N ALA A 556 -31.86 7.26 -20.94
CA ALA A 556 -32.26 6.71 -19.66
C ALA A 556 -33.76 6.88 -19.48
N ASP A 557 -34.38 5.91 -18.81
CA ASP A 557 -35.82 5.94 -18.61
C ASP A 557 -36.21 7.00 -17.59
N GLU A 558 -35.30 7.38 -16.72
CA GLU A 558 -35.53 8.49 -15.81
C GLU A 558 -34.21 9.15 -15.48
N ILE A 559 -34.17 10.47 -15.56
CA ILE A 559 -32.98 11.24 -15.24
C ILE A 559 -33.24 11.97 -13.93
N VAL A 560 -32.33 11.84 -12.98
CA VAL A 560 -32.50 12.38 -11.66
C VAL A 560 -31.38 13.38 -11.40
N VAL A 561 -31.74 14.60 -11.05
CA VAL A 561 -30.76 15.66 -10.83
C VAL A 561 -30.60 15.85 -9.33
N VAL A 562 -29.39 15.63 -8.83
CA VAL A 562 -29.08 15.74 -7.42
C VAL A 562 -28.32 17.04 -7.20
N GLU A 563 -28.62 17.71 -6.09
CA GLU A 563 -27.98 18.99 -5.81
C GLU A 563 -27.88 19.17 -4.30
N ASP A 564 -26.67 19.21 -3.79
CA ASP A 564 -26.40 19.36 -2.36
C ASP A 564 -26.97 18.21 -1.54
N GLY A 565 -27.31 17.10 -2.18
CA GLY A 565 -27.83 15.96 -1.49
C GLY A 565 -29.32 15.77 -1.57
N VAL A 566 -30.04 16.61 -2.29
CA VAL A 566 -31.47 16.44 -2.45
C VAL A 566 -31.80 16.36 -3.92
N ILE A 567 -32.87 15.62 -4.24
CA ILE A 567 -33.31 15.48 -5.63
C ILE A 567 -34.06 16.73 -6.01
N VAL A 568 -33.56 17.45 -7.02
CA VAL A 568 -34.18 18.71 -7.40
C VAL A 568 -35.12 18.59 -8.58
N GLU A 569 -34.96 17.56 -9.41
CA GLU A 569 -35.99 17.25 -10.41
C GLU A 569 -35.69 15.89 -11.02
N ARG A 570 -36.76 15.38 -11.62
CA ARG A 570 -36.77 14.01 -12.12
C ARG A 570 -37.61 13.98 -13.40
N GLY A 571 -37.22 13.15 -14.35
CA GLY A 571 -38.05 13.03 -15.54
C GLY A 571 -37.27 12.35 -16.64
N THR A 572 -37.88 12.31 -17.81
CA THR A 572 -37.20 11.81 -18.99
C THR A 572 -36.51 12.96 -19.72
N HIS A 573 -35.65 12.60 -20.66
CA HIS A 573 -34.85 13.62 -21.34
C HIS A 573 -35.72 14.62 -22.07
N ASN A 574 -36.71 14.14 -22.82
CA ASN A 574 -37.55 15.06 -23.58
C ASN A 574 -38.39 15.95 -22.66
N ASP A 575 -38.89 15.39 -21.57
CA ASP A 575 -39.68 16.19 -20.64
C ASP A 575 -38.80 17.16 -19.87
N LEU A 576 -37.61 16.73 -19.48
CA LEU A 576 -36.72 17.64 -18.76
C LEU A 576 -36.13 18.71 -19.67
N LEU A 577 -36.14 18.51 -20.98
CA LEU A 577 -35.71 19.57 -21.88
C LEU A 577 -36.73 20.70 -21.92
N GLU A 578 -38.01 20.35 -22.02
CA GLU A 578 -39.03 21.28 -21.60
C GLU A 578 -38.94 21.43 -20.10
N HIS A 579 -39.83 22.23 -19.53
CA HIS A 579 -39.84 22.43 -18.09
C HIS A 579 -38.63 23.26 -17.67
N ARG A 580 -37.69 23.43 -18.59
CA ARG A 580 -36.60 24.41 -18.51
C ARG A 580 -36.04 24.57 -17.10
N GLY A 581 -35.69 23.45 -16.49
CA GLY A 581 -35.21 23.43 -15.14
C GLY A 581 -33.70 23.46 -15.04
N VAL A 582 -33.18 22.75 -14.04
CA VAL A 582 -31.74 22.58 -13.91
C VAL A 582 -31.19 21.81 -15.09
N TYR A 583 -31.87 20.74 -15.47
CA TYR A 583 -31.34 19.88 -16.53
C TYR A 583 -31.31 20.60 -17.86
N ALA A 584 -32.27 21.47 -18.13
CA ALA A 584 -32.21 22.24 -19.36
C ALA A 584 -31.00 23.13 -19.37
N GLN A 585 -30.63 23.67 -18.21
CA GLN A 585 -29.43 24.51 -18.13
C GLN A 585 -28.17 23.68 -18.36
N LEU A 586 -28.10 22.50 -17.74
CA LEU A 586 -26.94 21.63 -17.97
C LEU A 586 -26.83 21.23 -19.42
N HIS A 587 -27.95 20.90 -20.05
CA HIS A 587 -27.94 20.53 -21.46
C HIS A 587 -27.53 21.70 -22.33
N LYS A 588 -28.01 22.91 -22.01
CA LYS A 588 -27.66 24.07 -22.80
C LYS A 588 -26.17 24.37 -22.72
N MET A 589 -25.58 24.27 -21.55
CA MET A 589 -24.17 24.60 -21.43
C MET A 589 -23.26 23.47 -21.88
N GLN A 590 -23.75 22.57 -22.73
CA GLN A 590 -22.98 21.42 -23.13
C GLN A 590 -23.32 20.99 -24.55
N ASP B 15 20.68 -13.92 -4.84
CA ASP B 15 21.28 -13.66 -3.52
C ASP B 15 22.54 -14.49 -3.33
N LYS B 16 23.68 -14.06 -3.86
CA LYS B 16 24.99 -14.80 -3.69
C LYS B 16 25.56 -14.61 -2.29
N ASP B 17 25.60 -15.65 -1.47
CA ASP B 17 26.07 -15.64 -0.05
C ASP B 17 27.50 -15.22 0.30
N LEU B 18 27.68 -14.58 1.45
CA LEU B 18 28.97 -14.17 2.02
C LEU B 18 29.03 -14.88 3.35
N SER B 19 30.20 -15.11 3.93
CA SER B 19 30.32 -15.67 5.30
C SER B 19 30.06 -14.58 6.31
N THR B 20 30.05 -14.90 7.58
CA THR B 20 29.84 -13.95 8.67
C THR B 20 30.94 -12.90 8.70
N TRP B 21 32.18 -13.32 8.50
CA TRP B 21 33.27 -12.35 8.48
C TRP B 21 33.13 -11.39 7.30
N GLN B 22 32.72 -11.90 6.14
CA GLN B 22 32.62 -11.03 4.98
C GLN B 22 31.48 -10.04 5.11
N THR B 23 30.35 -10.45 5.69
CA THR B 23 29.31 -9.46 5.91
C THR B 23 29.72 -8.45 6.95
N PHE B 24 30.54 -8.84 7.94
CA PHE B 24 31.01 -7.81 8.86
C PHE B 24 32.02 -6.88 8.20
N ARG B 25 32.80 -7.41 7.29
CA ARG B 25 33.75 -6.57 6.51
C ARG B 25 32.96 -5.61 5.62
N ARG B 26 31.79 -5.96 5.06
CA ARG B 26 30.92 -4.99 4.34
C ARG B 26 30.27 -4.03 5.33
N LEU B 27 29.88 -4.48 6.49
CA LEU B 27 29.23 -3.59 7.43
C LEU B 27 30.17 -2.55 8.02
N TRP B 28 31.47 -2.86 8.07
CA TRP B 28 32.39 -2.04 8.86
C TRP B 28 32.39 -0.57 8.52
N PRO B 29 32.32 -0.12 7.27
CA PRO B 29 32.30 1.33 7.03
C PRO B 29 31.13 2.02 7.69
N THR B 30 30.02 1.32 7.91
CA THR B 30 28.89 1.89 8.63
C THR B 30 29.15 1.93 10.13
N ILE B 31 29.84 0.91 10.66
CA ILE B 31 30.08 0.83 12.09
C ILE B 31 31.24 1.72 12.52
N ALA B 32 32.11 2.11 11.60
CA ALA B 32 33.30 2.85 11.98
C ALA B 32 33.03 4.14 12.75
N PRO B 33 32.03 4.95 12.41
CA PRO B 33 31.79 6.16 13.22
C PRO B 33 31.44 5.88 14.67
N PHE B 34 31.06 4.65 15.02
CA PHE B 34 30.69 4.35 16.38
C PHE B 34 31.68 3.38 17.02
N LYS B 35 32.97 3.62 16.82
CA LYS B 35 33.98 2.71 17.37
C LYS B 35 34.07 2.79 18.89
N ALA B 36 33.76 3.95 19.48
CA ALA B 36 33.99 4.11 20.91
C ALA B 36 33.11 3.16 21.71
N GLY B 37 31.84 3.05 21.34
CA GLY B 37 30.97 2.11 22.02
C GLY B 37 31.47 0.69 21.90
N LEU B 38 31.97 0.32 20.73
CA LEU B 38 32.50 -1.02 20.56
C LEU B 38 33.73 -1.25 21.42
N ILE B 39 34.60 -0.25 21.55
CA ILE B 39 35.81 -0.44 22.32
C ILE B 39 35.51 -0.60 23.80
N VAL B 40 34.64 0.26 24.34
CA VAL B 40 34.30 0.07 25.75
C VAL B 40 33.52 -1.22 25.96
N ALA B 41 32.70 -1.62 25.00
CA ALA B 41 31.99 -2.89 25.12
C ALA B 41 32.96 -4.05 25.11
N GLY B 42 33.99 -3.99 24.28
CA GLY B 42 34.98 -5.06 24.27
C GLY B 42 35.75 -5.15 25.57
N VAL B 43 36.14 -4.01 26.12
CA VAL B 43 36.84 -4.02 27.41
C VAL B 43 35.95 -4.62 28.48
N ALA B 44 34.68 -4.19 28.54
CA ALA B 44 33.78 -4.72 29.55
C ALA B 44 33.52 -6.20 29.34
N LEU B 45 33.52 -6.66 28.10
CA LEU B 45 33.38 -8.08 27.83
C LEU B 45 34.56 -8.86 28.37
N ILE B 46 35.76 -8.34 28.18
CA ILE B 46 36.94 -9.02 28.70
C ILE B 46 36.85 -9.12 30.22
N LEU B 47 36.48 -8.03 30.88
CA LEU B 47 36.40 -8.07 32.33
C LEU B 47 35.29 -9.01 32.80
N ASN B 48 34.19 -9.08 32.07
CA ASN B 48 33.12 -10.00 32.44
C ASN B 48 33.58 -11.45 32.34
N ALA B 49 34.29 -11.79 31.27
CA ALA B 49 34.79 -13.16 31.14
C ALA B 49 35.80 -13.48 32.24
N ALA B 50 36.64 -12.51 32.58
CA ALA B 50 37.59 -12.72 33.68
C ALA B 50 36.86 -12.97 34.99
N SER B 51 35.80 -12.21 35.26
CA SER B 51 35.04 -12.44 36.49
C SER B 51 34.42 -13.82 36.51
N ASP B 52 33.84 -14.25 35.40
CA ASP B 52 33.23 -15.58 35.35
C ASP B 52 34.25 -16.67 35.63
N THR B 53 35.38 -16.63 34.91
CA THR B 53 36.39 -17.67 35.08
C THR B 53 36.96 -17.66 36.49
N PHE B 54 37.26 -16.48 37.03
CA PHE B 54 37.78 -16.39 38.38
C PHE B 54 36.80 -16.96 39.38
N MET B 55 35.52 -16.74 39.19
CA MET B 55 34.48 -17.24 40.14
C MET B 55 34.50 -18.75 40.09
N LEU B 56 34.59 -19.29 38.87
CA LEU B 56 34.57 -20.74 38.77
C LEU B 56 35.83 -21.37 39.36
N SER B 57 36.95 -20.68 39.30
CA SER B 57 38.20 -21.21 39.83
C SER B 57 38.32 -21.07 41.33
N LEU B 58 37.21 -20.86 42.04
CA LEU B 58 37.26 -20.82 43.49
C LEU B 58 37.12 -22.19 44.12
N LEU B 59 36.84 -23.22 43.34
CA LEU B 59 36.76 -24.56 43.91
C LEU B 59 38.11 -25.06 44.36
N LYS B 60 39.17 -24.70 43.64
CA LYS B 60 40.50 -25.23 43.99
C LYS B 60 40.93 -24.84 45.39
N PRO B 61 40.87 -23.57 45.82
CA PRO B 61 41.22 -23.28 47.21
C PRO B 61 40.16 -23.73 48.19
N LEU B 62 38.88 -23.67 47.82
CA LEU B 62 37.83 -24.09 48.74
C LEU B 62 37.94 -25.57 49.09
N LEU B 63 38.39 -26.38 48.14
CA LEU B 63 38.50 -27.81 48.32
C LEU B 63 39.88 -28.23 48.81
N ASP B 64 40.93 -27.85 48.08
CA ASP B 64 42.28 -28.18 48.49
C ASP B 64 42.57 -27.64 49.89
N ASP B 65 42.54 -26.32 50.04
CA ASP B 65 42.57 -25.71 51.36
C ASP B 65 41.21 -25.99 51.99
N GLY B 66 41.08 -27.19 52.54
CA GLY B 66 39.79 -27.70 52.97
C GLY B 66 39.08 -26.79 53.94
N PHE B 67 37.77 -27.01 54.05
CA PHE B 67 36.96 -26.19 54.93
C PHE B 67 37.39 -26.36 56.38
N GLY B 68 37.73 -27.58 56.79
CA GLY B 68 38.19 -27.83 58.14
C GLY B 68 39.57 -28.46 58.17
N LYS B 69 39.98 -29.05 57.04
CA LYS B 69 41.29 -29.68 56.98
C LYS B 69 42.40 -28.66 57.16
N THR B 70 42.27 -27.50 56.53
CA THR B 70 43.26 -26.44 56.60
C THR B 70 42.66 -25.24 57.32
N ASP B 71 43.41 -24.14 57.37
CA ASP B 71 42.95 -22.95 58.04
C ASP B 71 41.71 -22.38 57.38
N ARG B 72 40.80 -21.83 58.18
CA ARG B 72 39.55 -21.26 57.62
C ARG B 72 39.82 -19.87 57.05
N SER B 73 41.08 -19.40 57.07
CA SER B 73 41.36 -18.04 56.61
C SER B 73 40.73 -17.77 55.24
N VAL B 74 40.66 -18.80 54.39
CA VAL B 74 40.01 -18.64 53.10
C VAL B 74 38.52 -18.37 53.28
N LEU B 75 37.83 -19.23 54.03
CA LEU B 75 36.40 -19.06 54.21
C LEU B 75 36.07 -17.81 55.03
N VAL B 76 37.05 -17.22 55.69
CA VAL B 76 36.81 -15.97 56.39
C VAL B 76 36.41 -14.88 55.39
N TRP B 77 37.12 -14.82 54.26
CA TRP B 77 36.96 -13.72 53.32
C TRP B 77 36.26 -14.11 52.03
N MET B 78 36.09 -15.40 51.75
CA MET B 78 35.55 -15.81 50.47
C MET B 78 34.17 -15.23 50.15
N PRO B 79 33.21 -15.17 51.07
CA PRO B 79 31.92 -14.56 50.71
C PRO B 79 32.04 -13.13 50.20
N LEU B 80 32.91 -12.33 50.81
CA LEU B 80 33.07 -10.97 50.33
C LEU B 80 33.68 -10.94 48.94
N VAL B 81 34.61 -11.86 48.66
CA VAL B 81 35.17 -11.95 47.32
C VAL B 81 34.08 -12.28 46.31
N VAL B 82 33.20 -13.22 46.65
CA VAL B 82 32.12 -13.57 45.73
C VAL B 82 31.21 -12.38 45.48
N ILE B 83 30.84 -11.66 46.53
CA ILE B 83 29.94 -10.52 46.34
C ILE B 83 30.61 -9.43 45.54
N GLY B 84 31.90 -9.18 45.79
CA GLY B 84 32.60 -8.16 45.02
C GLY B 84 32.74 -8.54 43.56
N LEU B 85 33.06 -9.79 43.28
CA LEU B 85 33.11 -10.25 41.90
C LEU B 85 31.76 -10.08 41.23
N MET B 86 30.68 -10.35 41.96
CA MET B 86 29.37 -10.19 41.36
C MET B 86 29.05 -8.72 41.08
N ILE B 87 29.46 -7.81 41.96
CA ILE B 87 29.26 -6.39 41.67
C ILE B 87 30.02 -6.00 40.41
N LEU B 88 31.27 -6.41 40.31
CA LEU B 88 32.08 -6.06 39.15
C LEU B 88 31.48 -6.65 37.87
N ARG B 89 31.09 -7.92 37.96
CA ARG B 89 30.48 -8.61 36.79
C ARG B 89 29.22 -7.84 36.38
N GLY B 90 28.37 -7.50 37.35
CA GLY B 90 27.13 -6.81 37.00
C GLY B 90 27.38 -5.49 36.30
N ILE B 91 28.33 -4.71 36.82
CA ILE B 91 28.61 -3.41 36.21
C ILE B 91 29.12 -3.60 34.78
N THR B 92 30.07 -4.51 34.58
CA THR B 92 30.59 -4.71 33.24
C THR B 92 29.55 -5.32 32.31
N SER B 93 28.66 -6.18 32.83
CA SER B 93 27.60 -6.71 31.99
C SER B 93 26.67 -5.61 31.52
N TYR B 94 26.28 -4.71 32.42
CA TYR B 94 25.46 -3.58 32.00
C TYR B 94 26.16 -2.77 30.92
N VAL B 95 27.43 -2.45 31.16
CA VAL B 95 28.14 -1.58 30.22
C VAL B 95 28.24 -2.24 28.85
N SER B 96 28.61 -3.50 28.80
CA SER B 96 28.80 -4.14 27.51
C SER B 96 27.47 -4.30 26.78
N SER B 97 26.43 -4.75 27.49
CA SER B 97 25.13 -4.87 26.85
C SER B 97 24.65 -3.55 26.29
N TYR B 98 24.72 -2.49 27.10
CA TYR B 98 24.21 -1.21 26.65
C TYR B 98 25.01 -0.66 25.49
N CYS B 99 26.33 -0.75 25.53
CA CYS B 99 27.10 -0.15 24.46
C CYS B 99 26.94 -0.90 23.14
N ILE B 100 26.92 -2.23 23.18
CA ILE B 100 26.72 -2.96 21.95
C ILE B 100 25.32 -2.73 21.41
N SER B 101 24.33 -2.64 22.29
CA SER B 101 22.98 -2.39 21.79
C SER B 101 22.84 -1.00 21.23
N TRP B 102 23.53 -0.02 21.80
CA TRP B 102 23.50 1.32 21.26
C TRP B 102 24.12 1.37 19.88
N VAL B 103 25.28 0.74 19.71
CA VAL B 103 25.92 0.73 18.41
C VAL B 103 25.06 0.00 17.40
N SER B 104 24.47 -1.12 17.80
CA SER B 104 23.62 -1.88 16.90
C SER B 104 22.40 -1.09 16.47
N GLY B 105 21.76 -0.39 17.41
CA GLY B 105 20.62 0.43 17.05
C GLY B 105 20.98 1.52 16.08
N LYS B 106 22.13 2.16 16.31
CA LYS B 106 22.58 3.20 15.40
C LYS B 106 22.83 2.66 14.00
N VAL B 107 23.48 1.50 13.91
CA VAL B 107 23.76 0.91 12.61
C VAL B 107 22.48 0.51 11.89
N VAL B 108 21.53 -0.08 12.61
CA VAL B 108 20.28 -0.47 11.98
C VAL B 108 19.49 0.76 11.54
N MET B 109 19.52 1.83 12.32
CA MET B 109 18.84 3.06 11.89
C MET B 109 19.46 3.60 10.62
N THR B 110 20.80 3.61 10.56
CA THR B 110 21.46 4.06 9.35
C THR B 110 21.11 3.21 8.15
N MET B 111 21.05 1.90 8.32
CA MET B 111 20.71 1.03 7.20
C MET B 111 19.29 1.26 6.74
N ARG B 112 18.35 1.44 7.67
CA ARG B 112 16.98 1.73 7.30
C ARG B 112 16.88 3.03 6.52
N ARG B 113 17.58 4.06 6.97
CA ARG B 113 17.52 5.34 6.26
C ARG B 113 18.14 5.23 4.87
N ARG B 114 19.23 4.50 4.74
CA ARG B 114 19.83 4.30 3.41
C ARG B 114 18.89 3.55 2.50
N LEU B 115 18.21 2.54 3.01
CA LEU B 115 17.26 1.79 2.21
C LEU B 115 16.09 2.65 1.75
N PHE B 116 15.56 3.48 2.64
CA PHE B 116 14.47 4.37 2.26
C PHE B 116 14.91 5.36 1.19
N GLY B 117 16.08 5.98 1.36
CA GLY B 117 16.56 6.90 0.35
C GLY B 117 16.81 6.22 -0.97
N HIS B 118 17.33 4.99 -0.92
CA HIS B 118 17.58 4.26 -2.15
C HIS B 118 16.28 3.98 -2.89
N MET B 119 15.26 3.51 -2.17
CA MET B 119 13.99 3.27 -2.84
C MET B 119 13.41 4.55 -3.41
N MET B 120 13.56 5.66 -2.69
CA MET B 120 13.08 6.92 -3.23
C MET B 120 13.83 7.35 -4.47
N GLY B 121 15.05 6.86 -4.68
CA GLY B 121 15.79 7.24 -5.85
C GLY B 121 15.72 6.32 -7.05
N MET B 122 14.83 5.34 -7.08
CA MET B 122 14.78 4.38 -8.16
C MET B 122 13.98 4.91 -9.34
N PRO B 123 14.17 4.36 -10.53
CA PRO B 123 13.39 4.79 -11.69
C PRO B 123 11.95 4.34 -11.60
N VAL B 124 11.09 5.05 -12.31
CA VAL B 124 9.66 4.72 -12.30
C VAL B 124 9.42 3.37 -12.94
N SER B 125 10.20 3.01 -13.95
CA SER B 125 10.08 1.69 -14.55
C SER B 125 10.37 0.59 -13.54
N PHE B 126 11.17 0.88 -12.53
CA PHE B 126 11.39 -0.09 -11.47
C PHE B 126 10.11 -0.34 -10.69
N PHE B 127 9.39 0.71 -10.33
CA PHE B 127 8.18 0.55 -9.56
C PHE B 127 7.05 -0.06 -10.37
N ASP B 128 7.09 0.09 -11.70
CA ASP B 128 6.06 -0.53 -12.51
C ASP B 128 6.10 -2.05 -12.39
N LYS B 129 7.30 -2.61 -12.35
CA LYS B 129 7.51 -4.05 -12.38
C LYS B 129 7.48 -4.69 -10.99
N GLN B 130 7.43 -3.91 -9.93
CA GLN B 130 7.51 -4.42 -8.58
C GLN B 130 6.12 -4.50 -7.95
N SER B 131 6.10 -4.81 -6.66
CA SER B 131 4.90 -4.74 -5.84
C SER B 131 5.24 -3.96 -4.59
N THR B 132 4.29 -3.17 -4.09
CA THR B 132 4.54 -2.42 -2.87
C THR B 132 4.84 -3.34 -1.70
N GLY B 133 4.26 -4.54 -1.71
CA GLY B 133 4.47 -5.44 -0.59
C GLY B 133 5.90 -5.91 -0.46
N THR B 134 6.56 -6.16 -1.57
CA THR B 134 7.94 -6.65 -1.52
C THR B 134 8.87 -5.58 -0.94
N LEU B 135 8.76 -4.36 -1.40
CA LEU B 135 9.62 -3.29 -0.90
C LEU B 135 9.26 -2.93 0.53
N LEU B 136 7.98 -2.94 0.86
CA LEU B 136 7.58 -2.71 2.23
C LEU B 136 8.14 -3.77 3.15
N SER B 137 8.16 -5.02 2.69
CA SER B 137 8.75 -6.06 3.49
C SER B 137 10.24 -5.82 3.68
N ARG B 138 10.92 -5.38 2.63
CA ARG B 138 12.33 -5.03 2.79
C ARG B 138 12.53 -4.01 3.89
N ILE B 139 11.68 -3.01 3.96
CA ILE B 139 11.82 -2.00 5.02
C ILE B 139 11.49 -2.59 6.38
N THR B 140 10.37 -3.28 6.49
CA THR B 140 9.86 -3.69 7.79
C THR B 140 10.51 -4.97 8.30
N TYR B 141 10.30 -6.08 7.57
CA TYR B 141 10.69 -7.38 8.07
C TYR B 141 12.20 -7.57 8.09
N ASP B 142 12.89 -7.25 6.99
CA ASP B 142 14.32 -7.48 6.94
C ASP B 142 15.08 -6.60 7.92
N SER B 143 14.71 -5.33 7.99
CA SER B 143 15.39 -4.46 8.93
C SER B 143 15.08 -4.85 10.37
N GLU B 144 13.88 -5.35 10.65
CA GLU B 144 13.63 -5.83 12.00
C GLU B 144 14.44 -7.09 12.30
N GLN B 145 14.67 -7.94 11.29
CA GLN B 145 15.53 -9.10 11.50
C GLN B 145 16.94 -8.67 11.87
N VAL B 146 17.47 -7.68 11.15
CA VAL B 146 18.81 -7.18 11.49
C VAL B 146 18.82 -6.64 12.91
N ALA B 147 17.80 -5.86 13.27
CA ALA B 147 17.76 -5.27 14.60
C ALA B 147 17.74 -6.35 15.68
N SER B 148 16.81 -7.29 15.58
CA SER B 148 16.67 -8.32 16.60
C SER B 148 17.94 -9.15 16.71
N SER B 149 18.47 -9.60 15.59
CA SER B 149 19.71 -10.36 15.63
C SER B 149 20.80 -9.56 16.30
N SER B 150 21.20 -8.44 15.69
CA SER B 150 22.36 -7.70 16.14
C SER B 150 22.23 -7.21 17.57
N SER B 151 21.02 -7.05 18.10
CA SER B 151 20.95 -6.73 19.52
C SER B 151 21.03 -8.00 20.38
N GLY B 152 19.99 -8.84 20.31
CA GLY B 152 19.90 -9.93 21.27
C GLY B 152 20.87 -11.04 20.98
N ALA B 153 20.84 -11.56 19.75
CA ALA B 153 21.67 -12.70 19.43
C ALA B 153 23.14 -12.32 19.46
N LEU B 154 23.47 -11.09 19.08
CA LEU B 154 24.86 -10.68 19.10
C LEU B 154 25.37 -10.51 20.52
N ILE B 155 24.57 -9.90 21.40
CA ILE B 155 24.98 -9.80 22.80
C ILE B 155 25.23 -11.19 23.36
N THR B 156 24.29 -12.11 23.15
CA THR B 156 24.47 -13.45 23.67
C THR B 156 25.69 -14.14 23.06
N VAL B 157 25.89 -13.98 21.76
CA VAL B 157 26.97 -14.70 21.09
C VAL B 157 28.32 -14.23 21.61
N VAL B 158 28.50 -12.92 21.79
CA VAL B 158 29.81 -12.45 22.27
C VAL B 158 29.99 -12.81 23.74
N ARG B 159 28.92 -12.75 24.53
CA ARG B 159 29.03 -13.09 25.94
C ARG B 159 29.43 -14.55 26.12
N GLU B 160 28.77 -15.45 25.41
CA GLU B 160 29.11 -16.86 25.52
C GLU B 160 30.47 -17.17 24.91
N GLY B 161 30.87 -16.47 23.85
CA GLY B 161 32.20 -16.66 23.33
C GLY B 161 33.28 -16.29 24.33
N ALA B 162 33.10 -15.15 25.00
CA ALA B 162 34.06 -14.75 26.02
C ALA B 162 34.10 -15.76 27.16
N SER B 163 32.93 -16.26 27.59
CA SER B 163 32.91 -17.26 28.63
C SER B 163 33.67 -18.53 28.21
N ILE B 164 33.45 -18.98 26.98
CA ILE B 164 34.12 -20.20 26.50
C ILE B 164 35.63 -19.99 26.48
N ILE B 165 36.08 -18.84 26.00
CA ILE B 165 37.52 -18.59 25.93
C ILE B 165 38.12 -18.56 27.33
N GLY B 166 37.43 -17.95 28.28
CA GLY B 166 37.90 -17.97 29.65
C GLY B 166 38.03 -19.38 30.20
N LEU B 167 37.03 -20.21 29.96
CA LEU B 167 37.10 -21.60 30.44
C LEU B 167 38.25 -22.34 29.79
N PHE B 168 38.47 -22.13 28.49
CA PHE B 168 39.59 -22.76 27.82
C PHE B 168 40.91 -22.35 28.46
N ILE B 169 41.06 -21.06 28.74
CA ILE B 169 42.31 -20.59 29.33
C ILE B 169 42.52 -21.22 30.69
N MET B 170 41.47 -21.27 31.51
CA MET B 170 41.63 -21.84 32.84
C MET B 170 41.96 -23.33 32.77
N MET B 171 41.30 -24.06 31.88
CA MET B 171 41.58 -25.49 31.76
C MET B 171 43.00 -25.73 31.31
N PHE B 172 43.45 -25.00 30.29
CA PHE B 172 44.83 -25.15 29.84
C PHE B 172 45.81 -24.74 30.92
N TYR B 173 45.40 -23.83 31.82
CA TYR B 173 46.28 -23.40 32.89
C TYR B 173 46.44 -24.49 33.94
N TYR B 174 45.34 -25.12 34.33
CA TYR B 174 45.44 -26.10 35.42
C TYR B 174 46.07 -27.41 34.97
N SER B 175 45.72 -27.89 33.79
CA SER B 175 46.30 -29.14 33.30
C SER B 175 46.20 -29.14 31.77
N TRP B 176 47.32 -28.86 31.11
CA TRP B 176 47.32 -28.80 29.66
C TRP B 176 47.14 -30.18 29.03
N GLN B 177 47.42 -31.25 29.76
CA GLN B 177 47.26 -32.60 29.24
C GLN B 177 45.82 -32.96 28.95
N LEU B 178 44.88 -32.05 29.18
CA LEU B 178 43.49 -32.19 28.78
C LEU B 178 43.02 -31.04 27.90
N SER B 179 43.66 -29.87 28.03
CA SER B 179 43.49 -28.87 26.99
C SER B 179 43.95 -29.41 25.63
N ILE B 180 44.76 -30.47 25.60
CA ILE B 180 45.08 -31.07 24.32
C ILE B 180 43.84 -31.67 23.67
N ILE B 181 42.99 -32.36 24.44
CA ILE B 181 41.77 -32.88 23.82
C ILE B 181 40.85 -31.73 23.43
N LEU B 182 40.84 -30.66 24.23
CA LEU B 182 40.07 -29.49 23.80
C LEU B 182 40.55 -28.99 22.44
N ILE B 183 41.87 -28.94 22.24
CA ILE B 183 42.42 -28.47 20.98
C ILE B 183 42.02 -29.41 19.85
N VAL B 184 42.10 -30.72 20.08
CA VAL B 184 41.78 -31.64 19.00
C VAL B 184 40.30 -31.66 18.68
N LEU B 185 39.44 -31.18 19.57
CA LEU B 185 38.02 -31.14 19.27
C LEU B 185 37.50 -29.79 18.78
N ALA B 186 38.23 -28.70 19.01
CA ALA B 186 37.73 -27.41 18.55
C ALA B 186 37.51 -27.32 17.05
N PRO B 187 38.43 -27.77 16.18
CA PRO B 187 38.17 -27.65 14.73
C PRO B 187 36.94 -28.40 14.25
N ILE B 188 36.61 -29.55 14.84
CA ILE B 188 35.41 -30.26 14.43
C ILE B 188 34.17 -29.42 14.72
N VAL B 189 34.13 -28.82 15.91
CA VAL B 189 33.01 -27.94 16.25
C VAL B 189 32.96 -26.76 15.30
N SER B 190 34.11 -26.22 14.92
CA SER B 190 34.13 -25.09 14.00
C SER B 190 33.53 -25.45 12.65
N ILE B 191 33.94 -26.58 12.09
CA ILE B 191 33.41 -26.92 10.76
C ILE B 191 31.93 -27.25 10.83
N ALA B 192 31.49 -27.90 11.92
CA ALA B 192 30.06 -28.16 12.06
C ALA B 192 29.26 -26.86 12.12
N ILE B 193 29.72 -25.91 12.91
CA ILE B 193 29.00 -24.65 13.04
C ILE B 193 28.98 -23.90 11.71
N ARG B 194 30.07 -23.98 10.97
CA ARG B 194 30.20 -23.26 9.67
C ARG B 194 29.25 -23.87 8.64
N VAL B 195 29.08 -25.16 8.63
CA VAL B 195 28.12 -25.81 7.73
C VAL B 195 26.70 -25.41 8.09
N VAL B 196 26.36 -25.52 9.37
CA VAL B 196 24.98 -25.21 9.76
C VAL B 196 24.66 -23.76 9.51
N SER B 197 25.63 -22.86 9.67
CA SER B 197 25.36 -21.44 9.46
C SER B 197 25.05 -21.15 8.01
N LYS B 198 25.77 -21.77 7.08
CA LYS B 198 25.43 -21.58 5.68
C LYS B 198 24.00 -22.05 5.39
N ARG B 199 23.63 -23.20 5.97
CA ARG B 199 22.26 -23.67 5.81
C ARG B 199 21.25 -22.65 6.33
N PHE B 200 21.52 -22.08 7.50
CA PHE B 200 20.61 -21.12 8.10
C PHE B 200 20.44 -19.89 7.22
N ARG B 201 21.52 -19.39 6.65
CA ARG B 201 21.39 -18.20 5.81
C ARG B 201 20.56 -18.49 4.57
N ASN B 202 20.72 -19.67 3.97
CA ASN B 202 19.85 -19.99 2.83
C ASN B 202 18.38 -19.99 3.23
N ILE B 203 18.06 -20.66 4.34
CA ILE B 203 16.66 -20.72 4.76
C ILE B 203 16.14 -19.32 5.05
N SER B 204 16.98 -18.46 5.64
CA SER B 204 16.53 -17.11 5.97
C SER B 204 16.21 -16.30 4.73
N LYS B 205 17.02 -16.43 3.68
CA LYS B 205 16.70 -15.69 2.47
C LYS B 205 15.39 -16.18 1.86
N ASN B 206 15.15 -17.48 1.90
CA ASN B 206 13.86 -17.98 1.44
C ASN B 206 12.72 -17.39 2.26
N MET B 207 12.90 -17.31 3.57
CA MET B 207 11.85 -16.75 4.42
C MET B 207 11.60 -15.28 4.13
N GLN B 208 12.65 -14.55 3.78
CA GLN B 208 12.45 -13.15 3.39
C GLN B 208 11.60 -13.04 2.15
N ASN B 209 11.86 -13.88 1.15
CA ASN B 209 11.00 -13.83 -0.03
C ASN B 209 9.56 -14.20 0.31
N THR B 210 9.37 -15.22 1.13
CA THR B 210 8.00 -15.60 1.48
C THR B 210 7.31 -14.49 2.25
N MET B 211 8.03 -13.76 3.07
CA MET B 211 7.42 -12.66 3.80
C MET B 211 7.05 -11.52 2.87
N GLY B 212 7.86 -11.28 1.85
CA GLY B 212 7.43 -10.35 0.82
C GLY B 212 6.14 -10.75 0.17
N GLN B 213 5.98 -12.05 -0.09
CA GLN B 213 4.72 -12.52 -0.67
C GLN B 213 3.55 -12.36 0.28
N VAL B 214 3.77 -12.60 1.57
CA VAL B 214 2.70 -12.42 2.56
C VAL B 214 2.27 -10.96 2.60
N THR B 215 3.24 -10.05 2.62
CA THR B 215 2.91 -8.63 2.65
C THR B 215 2.18 -8.22 1.39
N THR B 216 2.59 -8.73 0.23
CA THR B 216 1.89 -8.40 -1.01
C THR B 216 0.46 -8.89 -0.96
N SER B 217 0.23 -10.09 -0.46
CA SER B 217 -1.14 -10.61 -0.37
C SER B 217 -2.01 -9.73 0.50
N ALA B 218 -1.53 -9.42 1.71
CA ALA B 218 -2.34 -8.60 2.61
C ALA B 218 -2.56 -7.21 2.04
N GLU B 219 -1.53 -6.62 1.43
CA GLU B 219 -1.65 -5.29 0.87
C GLU B 219 -2.63 -5.25 -0.29
N GLN B 220 -2.62 -6.28 -1.14
CA GLN B 220 -3.58 -6.35 -2.23
C GLN B 220 -5.00 -6.43 -1.70
N MET B 221 -5.22 -7.22 -0.65
CA MET B 221 -6.56 -7.27 -0.07
C MET B 221 -6.96 -5.92 0.50
N LEU B 222 -6.04 -5.23 1.17
CA LEU B 222 -6.41 -3.98 1.83
C LEU B 222 -6.67 -2.87 0.82
N LYS B 223 -5.81 -2.74 -0.17
CA LYS B 223 -5.95 -1.66 -1.14
C LYS B 223 -7.14 -1.87 -2.06
N GLY B 224 -7.51 -3.12 -2.30
CA GLY B 224 -8.65 -3.42 -3.15
C GLY B 224 -9.80 -3.98 -2.39
N HIS B 225 -10.08 -3.41 -1.21
CA HIS B 225 -11.08 -3.95 -0.32
C HIS B 225 -12.48 -3.87 -0.92
N LYS B 226 -12.81 -2.76 -1.57
CA LYS B 226 -14.16 -2.63 -2.09
C LYS B 226 -14.41 -3.56 -3.25
N GLU B 227 -13.39 -3.86 -4.05
CA GLU B 227 -13.54 -4.87 -5.09
C GLU B 227 -13.74 -6.25 -4.49
N VAL B 228 -13.01 -6.55 -3.43
CA VAL B 228 -13.20 -7.82 -2.73
C VAL B 228 -14.64 -7.95 -2.26
N LEU B 229 -15.18 -6.88 -1.68
CA LEU B 229 -16.55 -6.93 -1.20
C LEU B 229 -17.54 -7.05 -2.34
N ILE B 230 -17.42 -6.20 -3.35
CA ILE B 230 -18.44 -6.12 -4.38
C ILE B 230 -18.47 -7.37 -5.23
N PHE B 231 -17.30 -7.94 -5.54
CA PHE B 231 -17.26 -9.10 -6.41
C PHE B 231 -17.14 -10.40 -5.64
N GLY B 232 -17.24 -10.36 -4.31
CA GLY B 232 -17.25 -11.55 -3.51
C GLY B 232 -15.97 -12.33 -3.56
N GLY B 233 -14.85 -11.63 -3.44
CA GLY B 233 -13.57 -12.29 -3.55
C GLY B 233 -13.00 -12.74 -2.23
N GLN B 234 -13.85 -12.92 -1.23
CA GLN B 234 -13.35 -13.30 0.09
C GLN B 234 -12.70 -14.68 0.06
N GLU B 235 -13.31 -15.64 -0.62
CA GLU B 235 -12.75 -16.98 -0.62
C GLU B 235 -11.42 -17.03 -1.34
N VAL B 236 -11.29 -16.32 -2.46
CA VAL B 236 -10.05 -16.35 -3.21
C VAL B 236 -8.93 -15.69 -2.41
N GLU B 237 -9.21 -14.56 -1.78
CA GLU B 237 -8.19 -13.92 -0.96
C GLU B 237 -7.80 -14.78 0.23
N THR B 238 -8.78 -15.40 0.87
CA THR B 238 -8.49 -16.28 1.99
C THR B 238 -7.62 -17.45 1.55
N LYS B 239 -7.92 -18.04 0.39
CA LYS B 239 -7.13 -19.17 -0.09
C LYS B 239 -5.70 -18.75 -0.41
N ARG B 240 -5.52 -17.60 -1.04
CA ARG B 240 -4.19 -17.08 -1.30
C ARG B 240 -3.40 -16.91 -0.01
N PHE B 241 -4.02 -16.30 0.99
CA PHE B 241 -3.31 -16.07 2.23
C PHE B 241 -3.03 -17.37 2.96
N ASP B 242 -3.93 -18.35 2.88
CA ASP B 242 -3.64 -19.66 3.42
C ASP B 242 -2.39 -20.23 2.80
N LYS B 243 -2.23 -20.29 1.52
CA LYS B 243 -1.00 -20.74 0.90
C LYS B 243 0.20 -19.98 1.41
N VAL B 244 0.21 -18.69 1.32
CA VAL B 244 1.47 -18.02 1.65
C VAL B 244 1.81 -18.18 3.12
N SER B 245 0.81 -18.12 4.00
CA SER B 245 1.11 -18.25 5.42
C SER B 245 1.54 -19.67 5.77
N ASN B 246 0.97 -20.67 5.12
CA ASN B 246 1.45 -22.02 5.33
C ASN B 246 2.87 -22.19 4.84
N ARG B 247 3.21 -21.57 3.72
CA ARG B 247 4.60 -21.64 3.23
C ARG B 247 5.56 -20.97 4.21
N MET B 248 5.15 -19.85 4.78
CA MET B 248 5.98 -19.19 5.78
C MET B 248 6.21 -20.08 6.98
N ARG B 249 5.15 -20.75 7.44
CA ARG B 249 5.29 -21.68 8.55
C ARG B 249 6.22 -22.83 8.21
N LEU B 250 6.11 -23.38 7.01
CA LEU B 250 6.94 -24.51 6.63
C LEU B 250 8.41 -24.12 6.55
N GLN B 251 8.71 -22.93 6.06
CA GLN B 251 10.11 -22.54 6.02
C GLN B 251 10.65 -22.26 7.43
N GLY B 252 9.82 -21.72 8.32
CA GLY B 252 10.23 -21.63 9.70
C GLY B 252 10.53 -22.99 10.31
N MET B 253 9.73 -23.99 9.96
CA MET B 253 9.99 -25.34 10.44
C MET B 253 11.28 -25.91 9.87
N LYS B 254 11.60 -25.56 8.62
CA LYS B 254 12.90 -25.95 8.08
C LYS B 254 14.04 -25.39 8.92
N MET B 255 13.91 -24.12 9.31
CA MET B 255 14.93 -23.51 10.16
C MET B 255 15.05 -24.25 11.48
N VAL B 256 13.90 -24.57 12.09
CA VAL B 256 13.92 -25.25 13.38
C VAL B 256 14.52 -26.64 13.26
N SER B 257 14.19 -27.36 12.19
CA SER B 257 14.76 -28.68 11.99
C SER B 257 16.28 -28.60 11.94
N ALA B 258 16.80 -27.67 11.15
CA ALA B 258 18.26 -27.54 11.07
C ALA B 258 18.85 -27.23 12.44
N SER B 259 18.27 -26.30 13.16
CA SER B 259 18.84 -25.88 14.44
C SER B 259 18.83 -27.01 15.46
N SER B 260 17.72 -27.72 15.58
CA SER B 260 17.57 -28.74 16.60
C SER B 260 18.19 -30.08 16.21
N ILE B 261 18.57 -30.28 14.96
CA ILE B 261 19.46 -31.40 14.66
C ILE B 261 20.92 -31.00 14.84
N SER B 262 21.25 -29.72 14.67
CA SER B 262 22.64 -29.33 14.83
C SER B 262 23.07 -29.30 16.28
N ASP B 263 22.22 -28.77 17.17
CA ASP B 263 22.67 -28.58 18.56
C ASP B 263 23.05 -29.87 19.27
N PRO B 264 22.25 -30.93 19.25
CA PRO B 264 22.69 -32.16 19.91
C PRO B 264 23.97 -32.75 19.34
N ILE B 265 24.22 -32.65 18.04
CA ILE B 265 25.45 -33.19 17.49
C ILE B 265 26.66 -32.48 18.07
N ILE B 266 26.60 -31.16 18.15
CA ILE B 266 27.70 -30.40 18.71
C ILE B 266 27.85 -30.70 20.19
N GLN B 267 26.73 -30.88 20.90
CA GLN B 267 26.83 -31.23 22.31
C GLN B 267 27.52 -32.58 22.49
N LEU B 268 27.20 -33.54 21.63
CA LEU B 268 27.83 -34.85 21.71
C LEU B 268 29.33 -34.76 21.42
N ILE B 269 29.70 -34.00 20.41
CA ILE B 269 31.12 -33.82 20.11
C ILE B 269 31.83 -33.21 21.30
N ALA B 270 31.21 -32.21 21.93
CA ALA B 270 31.85 -31.57 23.08
C ALA B 270 31.93 -32.50 24.27
N SER B 271 30.96 -33.39 24.43
CA SER B 271 31.00 -34.31 25.57
C SER B 271 31.98 -35.45 25.36
N LEU B 272 32.39 -35.70 24.12
CA LEU B 272 33.50 -36.62 23.91
C LEU B 272 34.73 -36.15 24.69
N ALA B 273 34.90 -34.84 24.84
CA ALA B 273 35.99 -34.33 25.67
C ALA B 273 35.83 -34.75 27.12
N LEU B 274 34.61 -34.69 27.65
CA LEU B 274 34.37 -35.10 29.02
C LEU B 274 34.65 -36.58 29.21
N ALA B 275 34.23 -37.39 28.25
CA ALA B 275 34.54 -38.81 28.28
C ALA B 275 36.05 -39.03 28.29
N PHE B 276 36.76 -38.27 27.45
CA PHE B 276 38.22 -38.41 27.43
C PHE B 276 38.84 -38.03 28.75
N VAL B 277 38.35 -36.97 29.39
CA VAL B 277 38.95 -36.55 30.65
C VAL B 277 38.71 -37.60 31.73
N LEU B 278 37.52 -38.19 31.77
CA LEU B 278 37.27 -39.25 32.74
C LEU B 278 38.14 -40.46 32.47
N TYR B 279 38.29 -40.83 31.20
CA TYR B 279 39.12 -41.97 30.85
C TYR B 279 40.58 -41.74 31.21
N ALA B 280 41.08 -40.53 30.95
CA ALA B 280 42.47 -40.23 31.24
C ALA B 280 42.73 -40.21 32.73
N ALA B 281 41.80 -39.65 33.51
CA ALA B 281 41.94 -39.70 34.96
C ALA B 281 41.86 -41.14 35.46
N SER B 282 41.17 -42.00 34.72
CA SER B 282 41.11 -43.41 35.11
C SER B 282 42.48 -44.07 35.07
N PHE B 283 43.44 -43.48 34.36
CA PHE B 283 44.79 -44.04 34.35
C PHE B 283 45.49 -43.75 35.67
N PRO B 284 46.32 -44.68 36.15
CA PRO B 284 47.12 -44.42 37.37
C PRO B 284 48.37 -43.60 37.11
N SER B 285 48.87 -43.58 35.87
CA SER B 285 50.07 -42.85 35.54
C SER B 285 49.85 -41.34 35.46
N VAL B 286 48.61 -40.89 35.36
CA VAL B 286 48.29 -39.48 35.33
C VAL B 286 47.90 -38.98 36.72
N MET B 287 47.17 -39.79 37.48
CA MET B 287 46.82 -39.41 38.84
C MET B 287 48.07 -39.41 39.71
N ASP B 288 47.90 -38.91 40.94
CA ASP B 288 48.96 -38.68 41.92
C ASP B 288 49.89 -37.57 41.49
N SER B 289 49.74 -37.03 40.27
CA SER B 289 50.44 -35.83 39.89
C SER B 289 49.69 -34.58 40.33
N LEU B 290 48.37 -34.68 40.49
CA LEU B 290 47.54 -33.56 40.89
C LEU B 290 46.54 -34.04 41.94
N THR B 291 46.04 -33.09 42.73
CA THR B 291 45.21 -33.40 43.87
C THR B 291 43.78 -33.71 43.43
N ALA B 292 42.86 -33.76 44.39
CA ALA B 292 41.43 -33.80 44.10
C ALA B 292 40.92 -32.44 43.66
N GLY B 293 41.83 -31.47 43.61
CA GLY B 293 41.55 -30.05 43.46
C GLY B 293 41.51 -29.71 41.98
N THR B 294 42.66 -29.38 41.39
CA THR B 294 42.75 -29.18 39.96
C THR B 294 41.89 -30.16 39.16
N ILE B 295 41.80 -31.42 39.58
CA ILE B 295 40.95 -32.35 38.82
C ILE B 295 39.46 -32.02 39.03
N THR B 296 39.07 -31.66 40.25
CA THR B 296 37.68 -31.22 40.44
C THR B 296 37.38 -30.00 39.59
N VAL B 297 38.31 -29.04 39.57
CA VAL B 297 38.11 -27.83 38.79
C VAL B 297 38.03 -28.15 37.31
N VAL B 298 38.83 -29.10 36.83
CA VAL B 298 38.83 -29.44 35.42
C VAL B 298 37.52 -30.08 35.02
N PHE B 299 37.03 -31.03 35.83
CA PHE B 299 35.75 -31.64 35.51
C PHE B 299 34.62 -30.62 35.56
N SER B 300 34.63 -29.75 36.58
CA SER B 300 33.63 -28.70 36.64
C SER B 300 33.73 -27.76 35.46
N SER B 301 34.94 -27.50 34.97
CA SER B 301 35.09 -26.61 33.82
C SER B 301 34.53 -27.23 32.56
N MET B 302 34.75 -28.53 32.35
CA MET B 302 34.15 -29.17 31.19
C MET B 302 32.62 -29.13 31.27
N ILE B 303 32.07 -29.45 32.44
CA ILE B 303 30.63 -29.40 32.61
C ILE B 303 30.11 -27.99 32.33
N ALA B 304 30.78 -26.98 32.87
CA ALA B 304 30.31 -25.61 32.72
C ALA B 304 30.63 -25.06 31.34
N LEU B 305 31.47 -25.75 30.59
CA LEU B 305 31.70 -25.35 29.21
C LEU B 305 30.60 -25.86 28.30
N MET B 306 30.01 -27.00 28.63
CA MET B 306 28.96 -27.48 27.74
C MET B 306 27.71 -26.59 27.68
N ARG B 307 27.59 -25.58 28.52
CA ARG B 307 26.35 -24.77 28.61
C ARG B 307 26.46 -23.53 27.72
N PRO B 308 27.61 -22.84 27.66
CA PRO B 308 27.81 -21.78 26.66
C PRO B 308 27.80 -22.29 25.25
N LEU B 309 28.21 -23.53 25.01
CA LEU B 309 28.13 -24.08 23.67
C LEU B 309 26.69 -24.15 23.18
N LYS B 310 25.79 -24.61 24.04
CA LYS B 310 24.38 -24.67 23.67
C LYS B 310 23.82 -23.30 23.40
N SER B 311 24.15 -22.33 24.25
CA SER B 311 23.69 -20.97 24.00
C SER B 311 24.22 -20.44 22.67
N LEU B 312 25.49 -20.73 22.38
CA LEU B 312 26.10 -20.26 21.16
C LEU B 312 25.37 -20.81 19.94
N THR B 313 25.01 -22.09 19.97
CA THR B 313 24.37 -22.66 18.78
C THR B 313 22.94 -22.15 18.59
N ASN B 314 22.17 -22.02 19.67
CA ASN B 314 20.82 -21.48 19.51
C ASN B 314 20.86 -20.06 18.97
N VAL B 315 21.70 -19.21 19.57
CA VAL B 315 21.73 -17.86 19.06
C VAL B 315 22.38 -17.80 17.69
N ASN B 316 23.17 -18.81 17.31
CA ASN B 316 23.63 -18.85 15.93
C ASN B 316 22.46 -18.98 14.97
N ALA B 317 21.51 -19.84 15.33
CA ALA B 317 20.29 -19.91 14.54
C ALA B 317 19.64 -18.54 14.41
N GLN B 318 19.46 -17.84 15.53
CA GLN B 318 18.75 -16.56 15.46
C GLN B 318 19.59 -15.42 14.90
N PHE B 319 20.89 -15.61 14.77
CA PHE B 319 21.85 -14.59 14.37
C PHE B 319 22.16 -14.64 12.89
N GLN B 320 22.11 -15.82 12.30
CA GLN B 320 22.26 -15.91 10.87
C GLN B 320 21.07 -15.32 10.12
N ARG B 321 19.91 -15.17 10.75
CA ARG B 321 18.82 -14.44 10.12
C ARG B 321 19.19 -12.98 9.90
N GLY B 322 19.79 -12.36 10.91
CA GLY B 322 20.26 -11.01 10.75
C GLY B 322 21.38 -10.91 9.74
N MET B 323 22.28 -11.88 9.72
CA MET B 323 23.34 -11.84 8.72
C MET B 323 22.78 -11.94 7.30
N ALA B 324 21.79 -12.79 7.10
CA ALA B 324 21.18 -12.92 5.78
C ALA B 324 20.44 -11.65 5.39
N ALA B 325 19.74 -11.03 6.34
CA ALA B 325 19.08 -9.77 6.03
C ALA B 325 20.08 -8.68 5.67
N CYS B 326 21.21 -8.62 6.37
CA CYS B 326 22.25 -7.68 6.02
C CYS B 326 22.78 -7.92 4.61
N GLN B 327 23.00 -9.18 4.25
CA GLN B 327 23.48 -9.46 2.90
C GLN B 327 22.47 -9.02 1.85
N THR B 328 21.19 -9.28 2.10
CA THR B 328 20.17 -8.83 1.17
C THR B 328 20.17 -7.31 1.04
N LEU B 329 20.25 -6.59 2.16
CA LEU B 329 20.23 -5.14 2.08
C LEU B 329 21.46 -4.62 1.36
N PHE B 330 22.60 -5.25 1.54
CA PHE B 330 23.79 -4.84 0.80
C PHE B 330 23.60 -5.02 -0.69
N THR B 331 23.01 -6.14 -1.09
CA THR B 331 22.76 -6.32 -2.52
C THR B 331 21.82 -5.25 -3.06
N ILE B 332 20.80 -4.88 -2.28
CA ILE B 332 19.88 -3.84 -2.72
C ILE B 332 20.59 -2.49 -2.82
N LEU B 333 21.39 -2.14 -1.83
CA LEU B 333 21.94 -0.81 -1.73
C LEU B 333 22.99 -0.49 -2.78
N ASP B 334 23.31 -1.44 -3.66
CA ASP B 334 24.15 -1.13 -4.80
C ASP B 334 23.48 -1.45 -6.12
N SER B 335 22.16 -1.51 -6.14
CA SER B 335 21.42 -1.54 -7.40
C SER B 335 21.62 -0.22 -8.14
N GLU B 336 21.19 -0.20 -9.39
CA GLU B 336 21.25 1.03 -10.17
C GLU B 336 20.05 1.90 -9.87
N GLN B 337 20.32 3.14 -9.49
CA GLN B 337 19.29 4.12 -9.24
C GLN B 337 18.95 4.84 -10.54
N GLU B 338 18.12 5.88 -10.45
CA GLU B 338 17.75 6.63 -11.63
C GLU B 338 18.98 7.29 -12.24
N LYS B 339 19.14 7.14 -13.54
CA LYS B 339 20.35 7.59 -14.21
C LYS B 339 20.35 9.10 -14.30
N ASP B 340 21.18 9.75 -13.49
CA ASP B 340 21.23 11.20 -13.40
C ASP B 340 22.68 11.63 -13.64
N GLU B 341 23.02 11.88 -14.89
CA GLU B 341 24.38 12.25 -15.25
C GLU B 341 24.44 13.62 -15.91
N GLY B 342 23.40 14.42 -15.74
CA GLY B 342 23.40 15.79 -16.17
C GLY B 342 23.87 16.66 -15.02
N LYS B 343 24.50 17.78 -15.34
CA LYS B 343 25.12 18.57 -14.29
C LYS B 343 24.94 20.06 -14.50
N ARG B 344 23.86 20.50 -15.13
CA ARG B 344 23.60 21.93 -15.22
C ARG B 344 22.23 22.21 -14.62
N VAL B 345 22.21 22.99 -13.55
CA VAL B 345 20.96 23.39 -12.96
C VAL B 345 20.35 24.51 -13.78
N ILE B 346 19.04 24.65 -13.70
CA ILE B 346 18.33 25.73 -14.36
C ILE B 346 17.49 26.44 -13.31
N GLU B 347 17.65 27.75 -13.21
CA GLU B 347 16.90 28.50 -12.20
C GLU B 347 15.43 28.57 -12.54
N ARG B 348 15.12 28.93 -13.78
CA ARG B 348 13.73 28.95 -14.25
C ARG B 348 13.77 28.88 -15.76
N ALA B 349 13.30 27.77 -16.32
CA ALA B 349 13.26 27.62 -17.76
C ALA B 349 12.29 28.60 -18.38
N THR B 350 12.60 29.04 -19.59
CA THR B 350 11.67 29.84 -20.36
C THR B 350 10.41 29.06 -20.70
N GLY B 351 10.50 27.74 -20.82
CA GLY B 351 9.36 26.92 -21.13
C GLY B 351 9.31 26.41 -22.56
N ASP B 352 10.34 26.68 -23.35
CA ASP B 352 10.33 26.27 -24.74
C ASP B 352 10.79 24.83 -24.86
N VAL B 353 9.84 23.89 -24.80
CA VAL B 353 10.12 22.47 -24.89
C VAL B 353 9.96 22.06 -26.34
N GLU B 354 10.86 21.23 -26.83
CA GLU B 354 10.82 20.78 -28.21
C GLU B 354 11.14 19.30 -28.29
N PHE B 355 10.24 18.53 -28.89
CA PHE B 355 10.50 17.15 -29.23
C PHE B 355 11.11 17.12 -30.62
N ARG B 356 12.21 16.40 -30.76
CA ARG B 356 12.95 16.39 -32.02
C ARG B 356 13.11 14.95 -32.46
N ASN B 357 12.11 14.45 -33.17
CA ASN B 357 12.17 13.12 -33.81
C ASN B 357 12.27 12.00 -32.80
N VAL B 358 11.60 12.13 -31.67
CA VAL B 358 11.78 11.17 -30.59
C VAL B 358 10.96 9.92 -30.88
N THR B 359 11.50 8.78 -30.46
CA THR B 359 10.86 7.48 -30.55
C THR B 359 11.00 6.82 -29.20
N PHE B 360 9.91 6.29 -28.66
CA PHE B 360 9.95 5.74 -27.33
C PHE B 360 9.29 4.37 -27.29
N THR B 361 9.93 3.43 -26.61
CA THR B 361 9.41 2.10 -26.41
C THR B 361 9.43 1.81 -24.93
N TYR B 362 8.29 1.45 -24.37
CA TYR B 362 8.27 1.16 -22.95
C TYR B 362 9.11 -0.07 -22.66
N PRO B 363 9.73 -0.15 -21.49
CA PRO B 363 10.58 -1.30 -21.18
C PRO B 363 9.83 -2.62 -21.32
N GLY B 364 10.45 -3.55 -22.03
CA GLY B 364 9.89 -4.86 -22.26
C GLY B 364 8.61 -4.88 -23.07
N ARG B 365 8.58 -4.15 -24.18
CA ARG B 365 7.34 -4.01 -24.93
C ARG B 365 7.48 -4.16 -26.43
N ASP B 366 8.67 -3.96 -27.01
CA ASP B 366 9.01 -4.28 -28.41
C ASP B 366 8.13 -3.57 -29.44
N VAL B 367 7.28 -2.63 -29.02
CA VAL B 367 6.48 -1.85 -29.97
C VAL B 367 6.51 -0.40 -29.53
N PRO B 368 6.81 0.55 -30.43
CA PRO B 368 6.99 1.93 -30.00
C PRO B 368 5.67 2.55 -29.53
N ALA B 369 5.71 3.16 -28.35
CA ALA B 369 4.57 3.92 -27.89
C ALA B 369 4.47 5.26 -28.62
N LEU B 370 5.61 5.82 -29.01
CA LEU B 370 5.68 7.01 -29.84
C LEU B 370 6.65 6.72 -30.97
N ARG B 371 6.44 7.32 -32.13
CA ARG B 371 7.22 6.91 -33.27
C ARG B 371 8.14 7.99 -33.83
N ASN B 372 7.63 9.11 -34.32
CA ASN B 372 8.52 10.18 -34.77
C ASN B 372 7.84 11.49 -34.40
N ILE B 373 8.06 11.94 -33.18
CA ILE B 373 7.31 13.06 -32.64
C ILE B 373 8.16 14.30 -32.84
N ASN B 374 7.66 15.23 -33.63
CA ASN B 374 8.31 16.51 -33.86
C ASN B 374 7.34 17.58 -33.37
N LEU B 375 7.47 17.94 -32.11
CA LEU B 375 6.48 18.75 -31.42
C LEU B 375 7.18 19.91 -30.73
N LYS B 376 6.82 21.14 -31.10
CA LYS B 376 7.34 22.33 -30.44
C LYS B 376 6.27 22.91 -29.54
N ILE B 377 6.66 23.23 -28.31
CA ILE B 377 5.75 23.85 -27.36
C ILE B 377 6.33 25.20 -26.98
N PRO B 378 6.03 26.26 -27.73
CA PRO B 378 6.72 27.53 -27.54
C PRO B 378 6.44 28.13 -26.17
N ALA B 379 7.27 29.09 -25.79
CA ALA B 379 7.12 29.73 -24.49
C ALA B 379 5.86 30.57 -24.46
N GLY B 380 5.04 30.35 -23.45
CA GLY B 380 3.83 31.12 -23.29
C GLY B 380 2.66 30.67 -24.13
N LYS B 381 2.79 29.52 -24.74
CA LYS B 381 1.79 29.05 -25.69
C LYS B 381 1.21 27.74 -25.14
N THR B 382 -0.03 27.50 -25.47
CA THR B 382 -0.69 26.30 -24.99
C THR B 382 -0.82 25.30 -26.12
N VAL B 383 -0.39 24.07 -25.88
CA VAL B 383 -0.53 23.00 -26.85
C VAL B 383 -1.49 21.98 -26.26
N ALA B 384 -2.49 21.59 -27.03
CA ALA B 384 -3.47 20.60 -26.61
C ALA B 384 -3.23 19.31 -27.36
N LEU B 385 -3.09 18.22 -26.63
CA LEU B 385 -2.98 16.89 -27.21
C LEU B 385 -4.34 16.22 -27.12
N VAL B 386 -4.91 15.87 -28.26
CA VAL B 386 -6.16 15.13 -28.29
C VAL B 386 -5.94 13.88 -29.13
N GLY B 387 -6.75 12.89 -28.87
CA GLY B 387 -6.64 11.63 -29.58
C GLY B 387 -7.45 10.56 -28.87
N ARG B 388 -7.50 9.40 -29.52
CA ARG B 388 -8.25 8.28 -28.94
C ARG B 388 -7.53 7.79 -27.70
N SER B 389 -8.20 6.99 -26.90
CA SER B 389 -7.60 6.42 -25.71
C SER B 389 -6.58 5.34 -26.08
N GLY B 390 -5.43 5.39 -25.45
CA GLY B 390 -4.34 4.49 -25.74
C GLY B 390 -3.44 4.93 -26.86
N SER B 391 -3.45 6.22 -27.20
CA SER B 391 -2.71 6.70 -28.35
C SER B 391 -1.37 7.33 -28.02
N GLY B 392 -1.11 7.69 -26.77
CA GLY B 392 0.22 8.09 -26.39
C GLY B 392 0.37 9.52 -25.91
N LYS B 393 -0.64 10.07 -25.28
CA LYS B 393 -0.62 11.43 -24.75
C LYS B 393 0.02 11.49 -23.36
N SER B 394 -0.42 10.64 -22.46
CA SER B 394 0.23 10.57 -21.17
C SER B 394 1.67 10.13 -21.29
N THR B 395 2.04 9.45 -22.36
CA THR B 395 3.43 9.07 -22.56
C THR B 395 4.29 10.26 -22.94
N ILE B 396 3.78 11.15 -23.77
CA ILE B 396 4.50 12.40 -24.04
C ILE B 396 4.67 13.19 -22.76
N ALA B 397 3.61 13.29 -21.96
CA ALA B 397 3.73 13.99 -20.69
C ALA B 397 4.74 13.34 -19.76
N SER B 398 4.84 12.01 -19.80
CA SER B 398 5.80 11.32 -18.95
C SER B 398 7.22 11.46 -19.46
N LEU B 399 7.40 11.70 -20.75
CA LEU B 399 8.74 11.93 -21.25
C LEU B 399 9.23 13.32 -20.91
N ILE B 400 8.35 14.31 -20.87
CA ILE B 400 8.82 15.66 -20.56
C ILE B 400 9.43 15.73 -19.17
N THR B 401 8.87 15.02 -18.22
CA THR B 401 9.34 15.04 -16.85
C THR B 401 10.42 14.01 -16.58
N ARG B 402 10.87 13.28 -17.61
CA ARG B 402 11.95 12.31 -17.50
C ARG B 402 11.63 11.16 -16.56
N PHE B 403 10.37 10.75 -16.50
CA PHE B 403 10.05 9.49 -15.83
C PHE B 403 10.64 8.33 -16.59
N TYR B 404 10.65 8.42 -17.91
CA TYR B 404 11.23 7.43 -18.79
C TYR B 404 12.16 8.14 -19.75
N ASP B 405 13.18 7.44 -20.21
CA ASP B 405 14.17 7.99 -21.12
C ASP B 405 13.94 7.45 -22.53
N ILE B 406 14.10 8.32 -23.51
CA ILE B 406 13.72 8.00 -24.88
C ILE B 406 14.78 7.14 -25.56
N ASP B 407 14.43 6.58 -26.72
CA ASP B 407 15.35 5.77 -27.50
C ASP B 407 16.13 6.61 -28.51
N GLU B 408 15.41 7.28 -29.41
CA GLU B 408 16.02 8.12 -30.42
C GLU B 408 15.52 9.55 -30.27
N GLY B 409 16.15 10.46 -30.99
CA GLY B 409 15.76 11.84 -30.97
C GLY B 409 16.19 12.52 -29.69
N GLU B 410 15.83 13.80 -29.61
CA GLU B 410 16.15 14.61 -28.45
C GLU B 410 14.92 15.37 -28.01
N ILE B 411 14.75 15.53 -26.70
CA ILE B 411 13.80 16.47 -26.13
C ILE B 411 14.60 17.60 -25.53
N LEU B 412 14.43 18.80 -26.06
CA LEU B 412 15.18 19.95 -25.60
C LEU B 412 14.30 20.82 -24.72
N MET B 413 14.91 21.44 -23.72
CA MET B 413 14.27 22.49 -22.95
C MET B 413 15.22 23.67 -22.90
N ASP B 414 14.77 24.82 -23.39
CA ASP B 414 15.60 26.01 -23.50
C ASP B 414 16.83 25.77 -24.38
N GLY B 415 16.71 24.89 -25.36
CA GLY B 415 17.78 24.64 -26.29
C GLY B 415 18.74 23.54 -25.91
N HIS B 416 18.64 22.99 -24.71
CA HIS B 416 19.53 21.93 -24.27
C HIS B 416 18.73 20.66 -24.01
N ASP B 417 19.36 19.53 -24.29
CA ASP B 417 18.71 18.24 -24.10
C ASP B 417 18.32 18.06 -22.65
N LEU B 418 17.21 17.36 -22.43
CA LEU B 418 16.74 17.15 -21.06
C LEU B 418 17.74 16.36 -20.24
N ARG B 419 18.55 15.54 -20.88
CA ARG B 419 19.50 14.73 -20.14
C ARG B 419 20.70 15.54 -19.65
N GLU B 420 20.86 16.78 -20.10
CA GLU B 420 21.95 17.59 -19.65
C GLU B 420 21.69 18.25 -18.30
N TYR B 421 20.44 18.27 -17.85
CA TYR B 421 20.08 18.93 -16.62
C TYR B 421 20.05 17.96 -15.46
N THR B 422 20.15 18.50 -14.26
CA THR B 422 19.94 17.71 -13.05
C THR B 422 18.48 17.34 -12.95
N LEU B 423 18.20 16.14 -12.45
CA LEU B 423 16.81 15.71 -12.35
C LEU B 423 16.01 16.60 -11.43
N ALA B 424 16.58 16.97 -10.28
CA ALA B 424 15.88 17.87 -9.37
C ALA B 424 15.62 19.22 -10.03
N SER B 425 16.65 19.76 -10.67
CA SER B 425 16.51 21.04 -11.34
C SER B 425 15.49 20.98 -12.45
N LEU B 426 15.48 19.89 -13.20
CA LEU B 426 14.54 19.76 -14.30
C LEU B 426 13.10 19.64 -13.79
N ARG B 427 12.87 18.75 -12.84
CA ARG B 427 11.53 18.54 -12.34
C ARG B 427 11.04 19.70 -11.49
N ASN B 428 11.91 20.63 -11.12
CA ASN B 428 11.42 21.85 -10.50
C ASN B 428 10.69 22.74 -11.48
N GLN B 429 10.91 22.57 -12.78
CA GLN B 429 10.31 23.43 -13.79
C GLN B 429 8.95 22.95 -14.25
N VAL B 430 8.48 21.81 -13.77
CA VAL B 430 7.27 21.19 -14.28
C VAL B 430 6.29 21.01 -13.14
N ALA B 431 5.04 21.39 -13.36
CA ALA B 431 3.94 21.10 -12.47
C ALA B 431 2.94 20.25 -13.23
N LEU B 432 2.50 19.15 -12.63
CA LEU B 432 1.77 18.13 -13.37
C LEU B 432 0.51 17.74 -12.60
N VAL B 433 -0.63 17.76 -13.28
CA VAL B 433 -1.86 17.16 -12.78
C VAL B 433 -2.01 15.85 -13.54
N SER B 434 -1.72 14.73 -12.87
CA SER B 434 -1.67 13.47 -13.57
C SER B 434 -3.06 12.91 -13.80
N GLN B 435 -3.14 11.94 -14.70
CA GLN B 435 -4.43 11.34 -15.02
C GLN B 435 -4.99 10.58 -13.83
N ASN B 436 -4.15 9.87 -13.11
CA ASN B 436 -4.55 9.18 -11.88
C ASN B 436 -4.09 10.03 -10.70
N VAL B 437 -5.02 10.77 -10.11
CA VAL B 437 -4.70 11.69 -9.04
C VAL B 437 -4.31 10.92 -7.79
N HIS B 438 -3.22 11.32 -7.16
CA HIS B 438 -2.84 10.75 -5.87
C HIS B 438 -2.68 11.87 -4.85
N LEU B 439 -3.42 11.76 -3.75
CA LEU B 439 -3.35 12.72 -2.67
C LEU B 439 -2.83 12.01 -1.42
N PHE B 440 -2.34 12.80 -0.49
CA PHE B 440 -1.71 12.28 0.72
C PHE B 440 -2.63 12.44 1.91
N ASN B 441 -2.52 11.51 2.85
CA ASN B 441 -3.34 11.58 4.05
C ASN B 441 -2.82 12.68 4.95
N ASP B 442 -3.28 13.90 4.71
CA ASP B 442 -2.93 15.04 5.53
C ASP B 442 -4.06 16.05 5.41
N THR B 443 -3.84 17.26 5.90
CA THR B 443 -4.87 18.26 5.75
C THR B 443 -4.97 18.69 4.29
N VAL B 444 -6.01 19.46 3.98
CA VAL B 444 -6.14 19.99 2.63
C VAL B 444 -5.02 20.97 2.33
N ALA B 445 -4.67 21.81 3.30
CA ALA B 445 -3.61 22.79 3.10
C ALA B 445 -2.25 22.14 2.95
N ASN B 446 -2.01 21.01 3.60
CA ASN B 446 -0.76 20.31 3.42
C ASN B 446 -0.76 19.41 2.20
N ASN B 447 -1.88 19.33 1.49
CA ASN B 447 -1.92 18.67 0.20
C ASN B 447 -1.73 19.65 -0.93
N ILE B 448 -2.31 20.83 -0.81
CA ILE B 448 -2.11 21.86 -1.82
C ILE B 448 -0.66 22.31 -1.84
N ALA B 449 -0.04 22.43 -0.68
CA ALA B 449 1.35 22.86 -0.54
C ALA B 449 2.27 21.71 -0.24
N TYR B 450 2.08 20.57 -0.90
CA TYR B 450 2.62 19.29 -0.45
C TYR B 450 4.07 19.34 0.04
N ALA B 451 5.00 19.70 -0.83
CA ALA B 451 6.40 19.62 -0.46
C ALA B 451 7.01 20.96 -0.12
N ARG B 452 6.19 21.99 0.05
CA ARG B 452 6.67 23.35 0.25
C ARG B 452 5.85 24.01 1.34
N THR B 453 5.51 23.27 2.39
CA THR B 453 4.65 23.81 3.43
C THR B 453 5.29 24.98 4.16
N GLU B 454 6.62 25.05 4.17
CA GLU B 454 7.32 26.16 4.80
C GLU B 454 7.41 27.39 3.91
N GLN B 455 7.14 27.26 2.62
CA GLN B 455 7.40 28.32 1.67
C GLN B 455 6.15 29.10 1.27
N TYR B 456 4.99 28.47 1.28
CA TYR B 456 3.75 29.11 0.85
C TYR B 456 2.90 29.47 2.04
N SER B 457 2.43 30.72 2.07
CA SER B 457 1.57 31.19 3.14
C SER B 457 0.14 30.70 2.93
N ARG B 458 -0.68 30.90 3.96
CA ARG B 458 -2.08 30.50 3.84
C ARG B 458 -2.85 31.37 2.88
N GLU B 459 -2.42 32.60 2.64
CA GLU B 459 -3.09 33.40 1.63
C GLU B 459 -2.80 32.88 0.24
N GLN B 460 -1.56 32.45 -0.01
CA GLN B 460 -1.23 31.84 -1.29
C GLN B 460 -1.99 30.53 -1.49
N ILE B 461 -2.11 29.73 -0.43
CA ILE B 461 -2.83 28.47 -0.53
C ILE B 461 -4.31 28.71 -0.77
N GLU B 462 -4.89 29.69 -0.10
CA GLU B 462 -6.29 30.01 -0.36
C GLU B 462 -6.48 30.58 -1.76
N GLU B 463 -5.52 31.32 -2.28
CA GLU B 463 -5.67 31.83 -3.64
C GLU B 463 -5.59 30.71 -4.66
N ALA B 464 -4.70 29.75 -4.44
CA ALA B 464 -4.66 28.58 -5.32
C ALA B 464 -5.97 27.81 -5.25
N ALA B 465 -6.47 27.57 -4.03
CA ALA B 465 -7.72 26.84 -3.90
C ALA B 465 -8.89 27.61 -4.50
N ARG B 466 -8.81 28.93 -4.53
CA ARG B 466 -9.87 29.69 -5.18
C ARG B 466 -9.76 29.60 -6.69
N MET B 467 -8.54 29.57 -7.22
CA MET B 467 -8.38 29.44 -8.66
C MET B 467 -8.80 28.06 -9.16
N ALA B 468 -8.67 27.03 -8.34
CA ALA B 468 -9.09 25.70 -8.70
C ALA B 468 -10.54 25.45 -8.40
N TYR B 469 -11.30 26.49 -8.05
CA TYR B 469 -12.72 26.37 -7.77
C TYR B 469 -12.98 25.45 -6.58
N ALA B 470 -12.00 25.27 -5.72
CA ALA B 470 -12.11 24.37 -4.59
C ALA B 470 -12.50 25.08 -3.32
N MET B 471 -12.64 26.39 -3.33
CA MET B 471 -12.83 27.08 -2.07
C MET B 471 -14.25 26.90 -1.54
N ASP B 472 -15.23 26.80 -2.42
CA ASP B 472 -16.61 26.68 -1.96
C ASP B 472 -16.84 25.39 -1.20
N PHE B 473 -16.31 24.27 -1.70
CA PHE B 473 -16.50 23.03 -0.97
C PHE B 473 -15.58 22.92 0.23
N ILE B 474 -14.47 23.63 0.23
CA ILE B 474 -13.58 23.60 1.39
C ILE B 474 -14.20 24.37 2.54
N ASN B 475 -14.84 25.50 2.25
CA ASN B 475 -15.49 26.26 3.31
C ASN B 475 -16.58 25.46 4.01
N LYS B 476 -17.19 24.50 3.33
CA LYS B 476 -18.23 23.67 3.92
C LYS B 476 -17.68 22.51 4.72
N MET B 477 -16.39 22.22 4.65
CA MET B 477 -15.85 21.09 5.37
C MET B 477 -15.79 21.40 6.87
N ASP B 478 -15.37 20.39 7.62
CA ASP B 478 -15.39 20.50 9.08
C ASP B 478 -14.46 21.57 9.62
N ASN B 479 -13.24 21.66 9.12
CA ASN B 479 -12.27 22.63 9.62
C ASN B 479 -11.73 23.56 8.56
N GLY B 480 -12.21 23.48 7.34
CA GLY B 480 -11.67 24.33 6.29
C GLY B 480 -10.41 23.72 5.74
N LEU B 481 -9.36 24.53 5.62
CA LEU B 481 -8.11 24.05 5.05
C LEU B 481 -7.38 23.10 5.97
N ASP B 482 -7.81 22.94 7.20
CA ASP B 482 -7.18 22.04 8.15
C ASP B 482 -7.90 20.71 8.23
N THR B 483 -8.83 20.45 7.32
CA THR B 483 -9.55 19.19 7.32
C THR B 483 -8.64 18.07 6.84
N VAL B 484 -8.56 17.01 7.61
CA VAL B 484 -7.83 15.83 7.16
C VAL B 484 -8.68 15.10 6.13
N ILE B 485 -8.10 14.80 4.99
CA ILE B 485 -8.73 13.99 3.99
C ILE B 485 -8.22 12.57 4.19
N GLY B 486 -8.90 11.61 3.58
CA GLY B 486 -8.60 10.23 3.87
C GLY B 486 -7.26 9.74 3.37
N GLU B 487 -7.11 8.43 3.23
CA GLU B 487 -5.81 7.87 2.87
C GLU B 487 -5.37 8.32 1.49
N ASN B 488 -6.29 8.36 0.54
CA ASN B 488 -5.98 8.85 -0.80
C ASN B 488 -7.00 9.92 -1.17
N GLY B 489 -7.30 10.80 -0.24
CA GLY B 489 -8.41 11.70 -0.44
C GLY B 489 -9.74 11.00 -0.42
N VAL B 490 -9.83 9.85 0.24
CA VAL B 490 -11.03 9.03 0.19
C VAL B 490 -12.22 9.73 0.83
N LEU B 491 -11.99 10.71 1.70
CA LEU B 491 -13.07 11.46 2.32
C LEU B 491 -13.54 12.61 1.46
N LEU B 492 -13.31 12.54 0.17
CA LEU B 492 -13.70 13.56 -0.78
C LEU B 492 -14.42 12.90 -1.94
N SER B 493 -15.20 13.67 -2.67
CA SER B 493 -15.74 13.15 -3.90
C SER B 493 -14.68 13.21 -4.98
N GLY B 494 -14.95 12.54 -6.11
CA GLY B 494 -13.95 12.45 -7.16
C GLY B 494 -13.58 13.80 -7.76
N GLY B 495 -14.58 14.64 -8.00
CA GLY B 495 -14.31 15.97 -8.48
C GLY B 495 -13.56 16.81 -7.48
N GLN B 496 -13.80 16.59 -6.19
CA GLN B 496 -13.09 17.36 -5.18
C GLN B 496 -11.63 16.95 -5.09
N ARG B 497 -11.33 15.67 -5.23
CA ARG B 497 -9.95 15.24 -5.32
C ARG B 497 -9.28 15.83 -6.55
N GLN B 498 -9.97 15.83 -7.69
CA GLN B 498 -9.41 16.45 -8.88
C GLN B 498 -9.10 17.92 -8.66
N ARG B 499 -10.01 18.65 -8.01
CA ARG B 499 -9.77 20.08 -7.83
C ARG B 499 -8.67 20.36 -6.82
N ILE B 500 -8.50 19.48 -5.84
CA ILE B 500 -7.37 19.65 -4.94
C ILE B 500 -6.05 19.40 -5.66
N ALA B 501 -6.03 18.42 -6.58
CA ALA B 501 -4.82 18.23 -7.36
C ALA B 501 -4.54 19.40 -8.29
N ILE B 502 -5.60 19.99 -8.86
CA ILE B 502 -5.41 21.17 -9.70
C ILE B 502 -4.84 22.32 -8.89
N ALA B 503 -5.36 22.54 -7.69
CA ALA B 503 -4.83 23.60 -6.84
C ALA B 503 -3.40 23.34 -6.43
N ARG B 504 -3.06 22.07 -6.18
CA ARG B 504 -1.70 21.72 -5.88
C ARG B 504 -0.75 22.10 -7.00
N ALA B 505 -1.15 21.85 -8.24
CA ALA B 505 -0.29 22.23 -9.36
C ALA B 505 -0.26 23.75 -9.55
N LEU B 506 -1.40 24.42 -9.40
CA LEU B 506 -1.46 25.85 -9.66
C LEU B 506 -0.78 26.68 -8.58
N LEU B 507 -0.60 26.14 -7.39
CA LEU B 507 0.07 26.90 -6.34
C LEU B 507 1.48 27.27 -6.75
N ARG B 508 2.21 26.33 -7.33
CA ARG B 508 3.56 26.56 -7.79
C ARG B 508 3.51 27.16 -9.17
N ASP B 509 4.02 28.37 -9.33
CA ASP B 509 3.98 29.05 -10.62
C ASP B 509 5.09 28.49 -11.51
N SER B 510 4.93 27.22 -11.87
CA SER B 510 5.95 26.55 -12.65
C SER B 510 5.87 27.02 -14.10
N PRO B 511 7.02 27.17 -14.77
CA PRO B 511 7.01 27.61 -16.16
C PRO B 511 6.38 26.64 -17.13
N ILE B 512 6.24 25.37 -16.77
CA ILE B 512 5.58 24.38 -17.60
C ILE B 512 4.49 23.72 -16.79
N LEU B 513 3.26 23.79 -17.26
CA LEU B 513 2.13 23.17 -16.58
C LEU B 513 1.53 22.12 -17.50
N ILE B 514 1.35 20.92 -16.97
CA ILE B 514 0.81 19.80 -17.73
C ILE B 514 -0.49 19.36 -17.06
N LEU B 515 -1.59 19.45 -17.78
CA LEU B 515 -2.90 19.04 -17.29
C LEU B 515 -3.30 17.78 -18.04
N ASP B 516 -3.12 16.64 -17.39
CA ASP B 516 -3.35 15.34 -18.02
C ASP B 516 -4.78 14.92 -17.75
N GLU B 517 -5.70 15.51 -18.52
CA GLU B 517 -7.13 15.34 -18.31
C GLU B 517 -7.51 15.73 -16.89
N ALA B 518 -7.29 16.99 -16.59
CA ALA B 518 -7.46 17.46 -15.23
C ALA B 518 -8.92 17.65 -14.87
N THR B 519 -9.83 17.57 -15.82
CA THR B 519 -11.22 17.89 -15.61
C THR B 519 -12.11 16.74 -16.03
N SER B 520 -11.69 15.51 -15.76
CA SER B 520 -12.49 14.36 -16.14
C SER B 520 -13.64 14.14 -15.18
N ALA B 521 -13.43 14.38 -13.89
CA ALA B 521 -14.45 14.14 -12.89
C ALA B 521 -15.28 15.37 -12.59
N LEU B 522 -15.09 16.45 -13.33
CA LEU B 522 -15.79 17.69 -13.08
C LEU B 522 -17.00 17.75 -13.98
N ASP B 523 -18.02 18.45 -13.53
CA ASP B 523 -19.13 18.83 -14.39
C ASP B 523 -18.73 19.99 -15.29
N THR B 524 -19.68 20.49 -16.08
CA THR B 524 -19.30 21.50 -17.06
C THR B 524 -19.12 22.86 -16.43
N GLU B 525 -19.98 23.27 -15.50
CA GLU B 525 -19.82 24.60 -14.92
C GLU B 525 -18.54 24.68 -14.11
N SER B 526 -18.22 23.64 -13.36
CA SER B 526 -16.97 23.62 -12.62
C SER B 526 -15.77 23.69 -13.55
N GLU B 527 -15.83 22.91 -14.64
CA GLU B 527 -14.74 22.92 -15.61
C GLU B 527 -14.58 24.29 -16.26
N ARG B 528 -15.69 24.98 -16.52
CA ARG B 528 -15.61 26.29 -17.14
C ARG B 528 -15.06 27.33 -16.18
N ALA B 529 -15.41 27.23 -14.90
CA ALA B 529 -14.82 28.14 -13.92
C ALA B 529 -13.31 27.93 -13.82
N ILE B 530 -12.88 26.68 -13.78
CA ILE B 530 -11.44 26.42 -13.74
C ILE B 530 -10.76 26.91 -15.00
N GLN B 531 -11.42 26.75 -16.15
CA GLN B 531 -10.84 27.23 -17.41
C GLN B 531 -10.72 28.74 -17.41
N ALA B 532 -11.72 29.44 -16.86
CA ALA B 532 -11.63 30.89 -16.76
C ALA B 532 -10.45 31.31 -15.88
N ALA B 533 -10.23 30.59 -14.79
CA ALA B 533 -9.08 30.91 -13.95
C ALA B 533 -7.77 30.66 -14.69
N LEU B 534 -7.70 29.55 -15.42
CA LEU B 534 -6.48 29.20 -16.16
C LEU B 534 -6.17 30.22 -17.23
N ASP B 535 -7.20 30.73 -17.91
CA ASP B 535 -6.97 31.67 -18.99
C ASP B 535 -6.27 32.92 -18.50
N GLU B 536 -6.71 33.45 -17.35
CA GLU B 536 -6.06 34.66 -16.85
C GLU B 536 -4.72 34.35 -16.19
N LEU B 537 -4.62 33.23 -15.47
CA LEU B 537 -3.39 32.97 -14.72
C LEU B 537 -2.25 32.56 -15.64
N GLN B 538 -2.54 31.74 -16.65
CA GLN B 538 -1.52 31.11 -17.48
C GLN B 538 -1.46 31.73 -18.87
N LYS B 539 -1.56 33.05 -18.94
CA LYS B 539 -1.49 33.72 -20.24
C LYS B 539 -0.06 33.85 -20.75
N ASN B 540 0.95 33.59 -19.91
CA ASN B 540 2.34 33.70 -20.32
C ASN B 540 3.18 32.52 -19.83
N ARG B 541 2.56 31.36 -19.64
CA ARG B 541 3.31 30.20 -19.15
C ARG B 541 3.06 29.10 -20.15
N THR B 542 4.10 28.33 -20.48
CA THR B 542 3.97 27.17 -21.34
C THR B 542 3.02 26.17 -20.70
N SER B 543 2.06 25.68 -21.48
CA SER B 543 1.08 24.75 -20.95
C SER B 543 0.88 23.62 -21.96
N LEU B 544 0.60 22.45 -21.44
CA LEU B 544 0.30 21.28 -22.26
C LEU B 544 -0.96 20.64 -21.68
N VAL B 545 -2.06 20.72 -22.41
CA VAL B 545 -3.34 20.22 -21.95
C VAL B 545 -3.64 18.95 -22.73
N ILE B 546 -3.86 17.86 -22.01
CA ILE B 546 -4.26 16.60 -22.60
C ILE B 546 -5.74 16.44 -22.31
N ALA B 547 -6.57 16.43 -23.35
CA ALA B 547 -8.00 16.54 -23.15
C ALA B 547 -8.76 15.59 -24.03
N HIS B 548 -9.85 15.05 -23.50
CA HIS B 548 -10.82 14.31 -24.27
C HIS B 548 -12.06 15.12 -24.61
N ARG B 549 -12.28 16.14 -23.84
CA ARG B 549 -13.38 17.06 -24.07
C ARG B 549 -12.87 18.23 -24.87
N LEU B 550 -13.37 18.39 -26.08
CA LEU B 550 -12.81 19.46 -26.90
C LEU B 550 -13.29 20.84 -26.50
N SER B 551 -14.28 20.94 -25.61
CA SER B 551 -14.66 22.24 -25.10
C SER B 551 -13.56 22.85 -24.26
N THR B 552 -12.72 22.00 -23.67
CA THR B 552 -11.65 22.48 -22.80
C THR B 552 -10.53 23.13 -23.59
N ILE B 553 -10.32 22.74 -24.84
CA ILE B 553 -9.12 23.11 -25.57
C ILE B 553 -9.44 23.91 -26.83
N GLU B 554 -10.59 24.58 -26.88
CA GLU B 554 -10.94 25.31 -28.08
C GLU B 554 -10.05 26.52 -28.30
N LYS B 555 -9.46 27.06 -27.24
CA LYS B 555 -8.65 28.26 -27.35
C LYS B 555 -7.15 27.98 -27.30
N ALA B 556 -6.76 26.71 -27.40
CA ALA B 556 -5.35 26.38 -27.41
C ALA B 556 -4.70 26.96 -28.66
N ASP B 557 -3.44 27.37 -28.52
CA ASP B 557 -2.73 27.98 -29.64
C ASP B 557 -2.36 26.95 -30.68
N GLU B 558 -2.26 25.69 -30.30
CA GLU B 558 -2.08 24.62 -31.28
C GLU B 558 -2.70 23.35 -30.73
N ILE B 559 -3.47 22.67 -31.57
CA ILE B 559 -4.11 21.42 -31.21
C ILE B 559 -3.40 20.31 -31.97
N VAL B 560 -2.99 19.27 -31.26
CA VAL B 560 -2.21 18.19 -31.83
C VAL B 560 -2.98 16.90 -31.66
N VAL B 561 -3.22 16.20 -32.76
CA VAL B 561 -4.00 14.98 -32.74
C VAL B 561 -3.05 13.80 -32.84
N VAL B 562 -3.04 12.96 -31.83
CA VAL B 562 -2.16 11.80 -31.74
C VAL B 562 -2.98 10.56 -32.06
N GLU B 563 -2.38 9.62 -32.78
CA GLU B 563 -3.08 8.41 -33.17
C GLU B 563 -2.08 7.29 -33.30
N ASP B 564 -2.21 6.28 -32.46
CA ASP B 564 -1.32 5.12 -32.44
C ASP B 564 0.12 5.49 -32.16
N GLY B 565 0.35 6.68 -31.64
CA GLY B 565 1.69 7.12 -31.32
C GLY B 565 2.33 8.06 -32.30
N VAL B 566 1.63 8.48 -33.34
CA VAL B 566 2.18 9.42 -34.30
C VAL B 566 1.25 10.61 -34.40
N ILE B 567 1.82 11.78 -34.69
CA ILE B 567 1.03 13.00 -34.84
C ILE B 567 0.38 12.99 -36.21
N VAL B 568 -0.94 12.99 -36.25
CA VAL B 568 -1.64 12.88 -37.52
C VAL B 568 -2.09 14.23 -38.07
N GLU B 569 -2.23 15.25 -37.23
CA GLU B 569 -2.41 16.60 -37.73
C GLU B 569 -2.28 17.58 -36.58
N ARG B 570 -2.02 18.81 -37.00
CA ARG B 570 -1.69 19.87 -36.05
C ARG B 570 -2.30 21.16 -36.59
N GLY B 571 -2.74 22.05 -35.70
CA GLY B 571 -3.23 23.32 -36.16
C GLY B 571 -4.01 24.01 -35.06
N THR B 572 -4.63 25.13 -35.43
CA THR B 572 -5.54 25.81 -34.52
C THR B 572 -6.96 25.30 -34.72
N HIS B 573 -7.83 25.66 -33.78
CA HIS B 573 -9.19 25.14 -33.81
C HIS B 573 -9.90 25.54 -35.09
N ASN B 574 -9.82 26.81 -35.46
CA ASN B 574 -10.54 27.26 -36.65
C ASN B 574 -9.98 26.63 -37.92
N ASP B 575 -8.65 26.48 -38.00
CA ASP B 575 -8.07 25.85 -39.17
C ASP B 575 -8.35 24.35 -39.20
N LEU B 576 -8.31 23.69 -38.06
CA LEU B 576 -8.61 22.27 -38.03
C LEU B 576 -10.08 21.98 -38.24
N LEU B 577 -10.96 22.95 -38.03
CA LEU B 577 -12.36 22.73 -38.37
C LEU B 577 -12.57 22.70 -39.87
N GLU B 578 -11.95 23.63 -40.59
CA GLU B 578 -11.71 23.40 -41.99
C GLU B 578 -10.69 22.28 -42.12
N HIS B 579 -10.32 21.95 -43.34
CA HIS B 579 -9.35 20.89 -43.58
C HIS B 579 -9.96 19.54 -43.25
N ARG B 580 -11.12 19.56 -42.59
CA ARG B 580 -12.00 18.40 -42.44
C ARG B 580 -11.24 17.09 -42.21
N GLY B 581 -10.35 17.11 -41.23
CA GLY B 581 -9.51 15.98 -40.95
C GLY B 581 -10.06 15.10 -39.84
N VAL B 582 -9.15 14.55 -39.04
CA VAL B 582 -9.55 13.79 -37.86
C VAL B 582 -10.25 14.70 -36.88
N TYR B 583 -9.70 15.88 -36.65
CA TYR B 583 -10.25 16.75 -35.62
C TYR B 583 -11.65 17.22 -35.99
N ALA B 584 -11.90 17.45 -37.27
CA ALA B 584 -13.27 17.80 -37.66
C ALA B 584 -14.24 16.68 -37.34
N GLN B 585 -13.80 15.44 -37.51
CA GLN B 585 -14.64 14.31 -37.16
C GLN B 585 -14.89 14.23 -35.66
N LEU B 586 -13.84 14.43 -34.85
CA LEU B 586 -14.01 14.44 -33.40
C LEU B 586 -14.95 15.55 -32.96
N HIS B 587 -14.80 16.73 -33.55
CA HIS B 587 -15.67 17.85 -33.22
C HIS B 587 -17.10 17.57 -33.64
N LYS B 588 -17.29 16.96 -34.80
CA LYS B 588 -18.65 16.68 -35.26
C LYS B 588 -19.33 15.68 -34.35
N MET B 589 -18.63 14.64 -33.92
CA MET B 589 -19.29 13.64 -33.08
C MET B 589 -19.40 14.07 -31.63
N GLN B 590 -19.37 15.37 -31.35
CA GLN B 590 -19.39 15.85 -29.99
C GLN B 590 -20.09 17.20 -29.88
N GLN C 4 13.88 14.44 -42.20
CA GLN C 4 12.69 15.29 -42.10
C GLN C 4 11.74 14.98 -43.24
N MET C 5 10.44 15.10 -42.98
CA MET C 5 9.44 14.82 -44.00
C MET C 5 9.46 15.89 -45.07
N GLN C 6 9.54 15.46 -46.33
CA GLN C 6 9.48 16.36 -47.47
C GLN C 6 8.57 15.75 -48.53
N LEU C 7 7.97 16.61 -49.33
CA LEU C 7 7.03 16.14 -50.33
C LEU C 7 7.03 17.09 -51.52
N VAL C 8 7.09 16.53 -52.72
CA VAL C 8 7.22 17.30 -53.95
C VAL C 8 6.06 16.93 -54.88
N GLU C 9 5.34 17.94 -55.35
CA GLU C 9 4.28 17.70 -56.31
C GLU C 9 4.84 17.52 -57.71
N SER C 10 4.18 16.68 -58.50
CA SER C 10 4.47 16.51 -59.92
C SER C 10 3.15 16.63 -60.66
N GLY C 11 2.75 17.85 -60.95
CA GLY C 11 1.44 18.13 -61.49
C GLY C 11 1.48 18.62 -62.93
N GLY C 12 0.35 19.17 -63.37
CA GLY C 12 0.21 19.68 -64.70
C GLY C 12 0.36 21.19 -64.77
N GLY C 13 0.21 21.71 -65.99
CA GLY C 13 0.31 23.14 -66.23
C GLY C 13 -0.99 23.73 -66.75
N LEU C 14 -1.03 24.05 -68.04
CA LEU C 14 -2.20 24.65 -68.65
C LEU C 14 -3.08 23.57 -69.28
N VAL C 15 -4.37 23.62 -68.98
CA VAL C 15 -5.35 22.72 -69.56
C VAL C 15 -6.57 23.53 -69.98
N GLN C 16 -7.41 22.91 -70.81
CA GLN C 16 -8.61 23.58 -71.27
C GLN C 16 -9.76 23.36 -70.30
N ALA C 17 -10.77 24.23 -70.40
CA ALA C 17 -11.93 24.12 -69.54
C ALA C 17 -12.68 22.82 -69.82
N GLY C 18 -13.18 22.21 -68.75
CA GLY C 18 -13.84 20.92 -68.87
C GLY C 18 -12.90 19.75 -69.01
N GLY C 19 -11.59 19.98 -68.97
CA GLY C 19 -10.62 18.92 -69.10
C GLY C 19 -10.42 18.16 -67.82
N SER C 20 -9.39 17.31 -67.83
CA SER C 20 -9.06 16.49 -66.67
C SER C 20 -7.58 16.63 -66.37
N LEU C 21 -7.24 16.66 -65.09
CA LEU C 21 -5.85 16.70 -64.64
C LEU C 21 -5.69 15.75 -63.47
N ARG C 22 -4.45 15.31 -63.26
CA ARG C 22 -4.14 14.43 -62.15
C ARG C 22 -2.83 14.88 -61.52
N LEU C 23 -2.90 15.36 -60.28
CA LEU C 23 -1.72 15.78 -59.56
C LEU C 23 -1.22 14.66 -58.66
N SER C 24 0.08 14.66 -58.43
CA SER C 24 0.73 13.70 -57.55
C SER C 24 1.63 14.45 -56.58
N CYS C 25 1.90 13.84 -55.44
CA CYS C 25 2.78 14.43 -54.45
C CYS C 25 3.40 13.30 -53.65
N ALA C 26 4.65 12.97 -53.97
CA ALA C 26 5.33 11.88 -53.30
C ALA C 26 5.75 12.32 -51.92
N VAL C 27 5.25 11.64 -50.90
CA VAL C 27 5.57 11.95 -49.51
C VAL C 27 6.66 11.01 -49.05
N SER C 28 7.68 11.55 -48.41
CA SER C 28 8.83 10.76 -47.97
C SER C 28 9.14 11.06 -46.52
N GLY C 29 9.74 10.09 -45.85
CA GLY C 29 10.13 10.26 -44.46
C GLY C 29 8.97 10.44 -43.51
N SER C 30 7.94 9.60 -43.62
CA SER C 30 6.76 9.75 -42.79
C SER C 30 6.13 8.38 -42.58
N ILE C 31 5.26 8.32 -41.58
CA ILE C 31 4.43 7.12 -41.37
C ILE C 31 3.20 7.33 -42.24
N PHE C 32 3.34 6.95 -43.51
CA PHE C 32 2.40 7.39 -44.53
C PHE C 32 1.01 6.83 -44.32
N SER C 33 0.91 5.65 -43.70
CA SER C 33 -0.39 5.01 -43.60
C SER C 33 -1.28 5.61 -42.52
N ILE C 34 -0.76 6.51 -41.68
CA ILE C 34 -1.49 7.05 -40.55
C ILE C 34 -1.77 8.53 -40.69
N ILE C 35 -0.79 9.31 -41.14
CA ILE C 35 -0.94 10.76 -41.12
C ILE C 35 -2.01 11.21 -42.08
N THR C 36 -2.43 12.46 -41.92
CA THR C 36 -3.49 13.06 -42.72
C THR C 36 -2.87 13.87 -43.86
N LEU C 37 -3.29 13.60 -45.08
CA LEU C 37 -2.81 14.33 -46.24
C LEU C 37 -3.95 15.15 -46.82
N ALA C 38 -3.61 16.30 -47.38
CA ALA C 38 -4.64 17.18 -47.91
C ALA C 38 -4.08 17.95 -49.09
N TRP C 39 -4.97 18.50 -49.89
CA TRP C 39 -4.60 19.35 -51.01
C TRP C 39 -5.21 20.73 -50.80
N TYR C 40 -4.36 21.74 -50.82
CA TYR C 40 -4.78 23.13 -50.73
C TYR C 40 -4.54 23.81 -52.07
N ARG C 41 -5.27 24.88 -52.31
CA ARG C 41 -5.04 25.70 -53.49
C ARG C 41 -5.12 27.16 -53.11
N GLN C 42 -4.41 27.99 -53.86
CA GLN C 42 -4.32 29.42 -53.56
C GLN C 42 -4.56 30.20 -54.85
N ALA C 43 -5.72 30.84 -54.93
CA ALA C 43 -5.99 31.74 -56.03
C ALA C 43 -5.06 32.95 -55.94
N PRO C 44 -4.86 33.68 -57.04
CA PRO C 44 -3.89 34.79 -57.01
C PRO C 44 -4.14 35.80 -55.91
N GLY C 45 -5.39 36.06 -55.57
CA GLY C 45 -5.70 37.00 -54.51
C GLY C 45 -6.15 36.35 -53.22
N LYS C 46 -6.91 35.27 -53.35
CA LYS C 46 -7.51 34.62 -52.18
C LYS C 46 -6.45 33.92 -51.35
N PRO C 47 -6.72 33.71 -50.07
CA PRO C 47 -5.81 32.93 -49.22
C PRO C 47 -5.93 31.45 -49.51
N ARG C 48 -5.06 30.66 -48.87
CA ARG C 48 -5.09 29.22 -49.05
C ARG C 48 -6.44 28.65 -48.64
N GLU C 49 -6.96 27.75 -49.46
CA GLU C 49 -8.24 27.11 -49.22
C GLU C 49 -8.06 25.61 -49.30
N ASN C 50 -8.69 24.88 -48.38
CA ASN C 50 -8.65 23.43 -48.44
C ASN C 50 -9.53 22.93 -49.57
N VAL C 51 -9.06 21.89 -50.25
CA VAL C 51 -9.75 21.32 -51.41
C VAL C 51 -10.15 19.88 -51.17
N ALA C 52 -9.22 19.06 -50.69
CA ALA C 52 -9.51 17.68 -50.39
C ALA C 52 -8.64 17.22 -49.23
N THR C 53 -9.15 16.28 -48.45
CA THR C 53 -8.42 15.69 -47.34
C THR C 53 -8.63 14.19 -47.38
N ILE C 54 -7.60 13.43 -47.06
CA ILE C 54 -7.73 11.99 -46.91
C ILE C 54 -7.06 11.59 -45.61
N THR C 55 -7.65 10.64 -44.91
CA THR C 55 -7.22 10.25 -43.58
C THR C 55 -6.75 8.80 -43.61
N ARG C 56 -6.52 8.22 -42.44
CA ARG C 56 -5.90 6.91 -42.37
C ARG C 56 -6.79 5.83 -43.00
N GLY C 57 -8.10 5.94 -42.80
CA GLY C 57 -8.99 4.93 -43.34
C GLY C 57 -9.36 5.19 -44.78
N SER C 58 -8.57 6.03 -45.45
CA SER C 58 -8.91 6.54 -46.77
C SER C 58 -10.27 7.24 -46.76
N ARG C 59 -10.54 7.87 -45.62
CA ARG C 59 -11.71 8.73 -45.46
C ARG C 59 -11.49 10.04 -46.20
N THR C 60 -11.95 10.15 -47.44
CA THR C 60 -11.80 11.42 -48.12
C THR C 60 -12.91 12.37 -47.71
N SER C 61 -12.65 13.66 -47.89
CA SER C 61 -13.65 14.68 -47.67
C SER C 61 -13.23 15.94 -48.39
N TYR C 62 -14.15 16.38 -49.22
CA TYR C 62 -13.86 17.44 -50.19
C TYR C 62 -14.44 18.73 -49.74
N ALA C 63 -13.98 19.81 -50.32
CA ALA C 63 -14.68 21.05 -50.07
C ALA C 63 -15.96 21.11 -50.89
N ASP C 64 -16.92 21.91 -50.40
CA ASP C 64 -18.21 22.00 -51.07
C ASP C 64 -18.07 22.66 -52.44
N SER C 65 -17.20 23.66 -52.56
CA SER C 65 -17.03 24.35 -53.84
C SER C 65 -16.52 23.43 -54.94
N VAL C 66 -16.00 22.26 -54.60
CA VAL C 66 -15.42 21.35 -55.58
C VAL C 66 -15.95 19.94 -55.46
N LYS C 67 -16.88 19.69 -54.54
CA LYS C 67 -17.34 18.34 -54.28
C LYS C 67 -18.02 17.76 -55.52
N GLY C 68 -17.81 16.46 -55.74
CA GLY C 68 -18.38 15.77 -56.86
C GLY C 68 -17.58 15.83 -58.14
N ARG C 69 -16.50 16.62 -58.17
CA ARG C 69 -15.66 16.71 -59.35
C ARG C 69 -14.25 16.21 -59.12
N PHE C 70 -13.70 16.41 -57.93
CA PHE C 70 -12.36 15.96 -57.61
C PHE C 70 -12.40 14.61 -56.92
N CYS C 71 -11.24 13.99 -56.79
CA CYS C 71 -11.10 12.70 -56.13
C CYS C 71 -9.68 12.56 -55.62
N ILE C 72 -9.53 12.40 -54.31
CA ILE C 72 -8.23 12.30 -53.66
C ILE C 72 -8.04 10.85 -53.24
N SER C 73 -6.85 10.32 -53.51
CA SER C 73 -6.54 8.93 -53.18
C SER C 73 -5.05 8.82 -52.93
N LYS C 74 -4.65 7.77 -52.23
CA LYS C 74 -3.25 7.57 -51.91
C LYS C 74 -2.85 6.12 -52.11
N ASP C 75 -1.62 5.93 -52.56
CA ASP C 75 -1.05 4.61 -52.80
C ASP C 75 -0.04 4.34 -51.69
N ASN C 76 -0.34 3.41 -50.81
CA ASN C 76 0.56 3.12 -49.70
C ASN C 76 1.90 2.61 -50.18
N ALA C 77 1.90 1.70 -51.15
CA ALA C 77 3.15 1.09 -51.61
C ALA C 77 4.08 2.14 -52.20
N LYS C 78 3.55 3.02 -53.04
CA LYS C 78 4.37 4.06 -53.66
C LYS C 78 4.56 5.26 -52.76
N SER C 79 3.81 5.36 -51.66
CA SER C 79 3.88 6.49 -50.74
C SER C 79 3.60 7.80 -51.49
N THR C 80 2.45 7.83 -52.16
CA THR C 80 2.08 8.94 -53.02
C THR C 80 0.59 9.20 -52.90
N VAL C 81 0.20 10.46 -52.95
CA VAL C 81 -1.19 10.88 -52.83
C VAL C 81 -1.57 11.60 -54.11
N TYR C 82 -2.72 11.23 -54.69
CA TYR C 82 -3.15 11.73 -55.98
C TYR C 82 -4.38 12.60 -55.85
N LEU C 83 -4.46 13.62 -56.69
CA LEU C 83 -5.65 14.45 -56.79
C LEU C 83 -6.13 14.42 -58.23
N GLN C 84 -7.23 13.72 -58.49
CA GLN C 84 -7.79 13.62 -59.82
C GLN C 84 -8.84 14.70 -60.00
N MET C 85 -8.64 15.54 -61.01
CA MET C 85 -9.57 16.62 -61.31
C MET C 85 -10.35 16.30 -62.58
N ASN C 86 -11.66 16.55 -62.53
CA ASN C 86 -12.52 16.37 -63.68
C ASN C 86 -13.41 17.59 -63.84
N LYS C 87 -13.71 17.95 -65.09
CA LYS C 87 -14.61 19.05 -65.42
C LYS C 87 -14.10 20.36 -64.82
N LEU C 88 -12.87 20.72 -65.20
CA LEU C 88 -12.25 21.90 -64.64
C LEU C 88 -12.96 23.16 -65.12
N LYS C 89 -12.77 24.23 -64.36
CA LYS C 89 -13.36 25.54 -64.62
C LYS C 89 -12.28 26.60 -64.52
N PRO C 90 -12.48 27.75 -65.16
CA PRO C 90 -11.49 28.84 -65.02
C PRO C 90 -11.30 29.29 -63.59
N GLU C 91 -12.35 29.21 -62.76
CA GLU C 91 -12.23 29.59 -61.36
C GLU C 91 -11.31 28.67 -60.57
N ASP C 92 -10.98 27.51 -61.11
CA ASP C 92 -10.07 26.59 -60.44
C ASP C 92 -8.61 26.89 -60.72
N THR C 93 -8.32 27.87 -61.57
CA THR C 93 -6.94 28.22 -61.87
C THR C 93 -6.27 28.79 -60.62
N ALA C 94 -5.36 28.02 -60.03
CA ALA C 94 -4.69 28.45 -58.82
C ALA C 94 -3.42 27.63 -58.63
N ASP C 95 -2.69 27.94 -57.57
CA ASP C 95 -1.50 27.21 -57.20
C ASP C 95 -1.88 26.16 -56.16
N TYR C 96 -1.52 24.92 -56.42
CA TYR C 96 -1.96 23.79 -55.60
C TYR C 96 -0.80 23.26 -54.76
N TYR C 97 -1.07 23.03 -53.48
CA TYR C 97 -0.09 22.53 -52.55
C TYR C 97 -0.60 21.24 -51.93
N CYS C 98 0.30 20.29 -51.72
CA CYS C 98 -0.03 19.15 -50.88
C CYS C 98 0.43 19.45 -49.46
N ASN C 99 -0.28 18.89 -48.51
CA ASN C 99 -0.03 19.15 -47.10
C ASN C 99 -0.05 17.84 -46.34
N ALA C 100 0.80 17.72 -45.34
CA ALA C 100 0.89 16.51 -44.53
C ALA C 100 0.67 16.87 -43.08
N GLU C 101 -0.18 16.08 -42.42
CA GLU C 101 -0.57 16.23 -41.03
C GLU C 101 -0.86 17.68 -40.63
N GLY C 102 -1.92 18.21 -41.22
CA GLY C 102 -2.55 19.39 -40.68
C GLY C 102 -2.12 20.69 -41.30
N PRO C 103 -2.92 21.72 -41.10
CA PRO C 103 -2.54 23.05 -41.60
C PRO C 103 -1.29 23.61 -40.97
N ALA C 104 -0.88 23.10 -39.82
CA ALA C 104 0.39 23.46 -39.20
C ALA C 104 1.45 22.39 -39.42
N GLY C 105 1.29 21.57 -40.44
CA GLY C 105 2.25 20.52 -40.72
C GLY C 105 3.21 20.91 -41.82
N TYR C 106 3.45 20.01 -42.77
CA TYR C 106 4.46 20.19 -43.78
C TYR C 106 3.81 20.47 -45.13
N TRP C 107 4.37 21.40 -45.87
CA TRP C 107 3.78 21.88 -47.11
C TRP C 107 4.66 21.53 -48.30
N GLY C 108 4.05 21.58 -49.47
CA GLY C 108 4.77 21.40 -50.71
C GLY C 108 5.15 22.73 -51.34
N GLN C 109 6.00 22.64 -52.35
CA GLN C 109 6.47 23.85 -53.01
C GLN C 109 5.37 24.53 -53.80
N GLY C 110 4.44 23.76 -54.34
CA GLY C 110 3.38 24.33 -55.14
C GLY C 110 3.49 23.91 -56.58
N THR C 111 2.35 23.86 -57.26
CA THR C 111 2.27 23.49 -58.66
C THR C 111 1.17 24.28 -59.33
N PRO C 112 1.49 25.27 -60.15
CA PRO C 112 0.43 26.07 -60.78
C PRO C 112 -0.42 25.23 -61.72
N VAL C 113 -1.71 25.56 -61.75
CA VAL C 113 -2.66 24.93 -62.65
C VAL C 113 -3.47 26.02 -63.32
N THR C 114 -3.53 26.01 -64.64
CA THR C 114 -4.21 27.03 -65.40
C THR C 114 -5.28 26.39 -66.27
N VAL C 115 -6.48 26.95 -66.25
CA VAL C 115 -7.61 26.47 -67.04
C VAL C 115 -8.04 27.58 -67.98
N SER C 116 -8.12 27.27 -69.27
CA SER C 116 -8.51 28.25 -70.26
C SER C 116 -9.99 28.60 -70.13
N GLN D 4 -44.90 12.82 3.27
CA GLN D 4 -44.78 12.92 1.83
C GLN D 4 -45.09 14.34 1.37
N MET D 5 -44.44 14.78 0.30
CA MET D 5 -44.65 16.13 -0.20
C MET D 5 -46.03 16.24 -0.84
N GLN D 6 -46.77 17.27 -0.43
CA GLN D 6 -48.07 17.56 -1.00
C GLN D 6 -48.19 19.06 -1.22
N LEU D 7 -49.00 19.44 -2.19
CA LEU D 7 -49.13 20.85 -2.54
C LEU D 7 -50.51 21.11 -3.09
N VAL D 8 -51.15 22.17 -2.60
CA VAL D 8 -52.52 22.51 -2.95
C VAL D 8 -52.55 23.93 -3.52
N GLU D 9 -53.14 24.07 -4.69
CA GLU D 9 -53.31 25.39 -5.28
C GLU D 9 -54.50 26.11 -4.66
N SER D 10 -54.37 27.44 -4.57
CA SER D 10 -55.47 28.31 -4.15
C SER D 10 -55.56 29.42 -5.17
N GLY D 11 -56.26 29.17 -6.27
CA GLY D 11 -56.28 30.05 -7.40
C GLY D 11 -57.63 30.71 -7.62
N GLY D 12 -57.79 31.30 -8.80
CA GLY D 12 -59.01 31.97 -9.17
C GLY D 12 -59.91 31.13 -10.04
N GLY D 13 -61.04 31.72 -10.43
CA GLY D 13 -62.00 31.07 -11.27
C GLY D 13 -62.18 31.76 -12.62
N LEU D 14 -63.30 32.46 -12.78
CA LEU D 14 -63.60 33.15 -14.02
C LEU D 14 -63.15 34.61 -13.93
N VAL D 15 -62.43 35.06 -14.96
CA VAL D 15 -62.00 36.44 -15.07
C VAL D 15 -62.24 36.92 -16.49
N GLN D 16 -62.21 38.23 -16.67
CA GLN D 16 -62.42 38.81 -17.99
C GLN D 16 -61.12 38.89 -18.76
N ALA D 17 -61.24 39.01 -20.08
CA ALA D 17 -60.07 39.12 -20.94
C ALA D 17 -59.29 40.39 -20.63
N GLY D 18 -57.97 40.28 -20.66
CA GLY D 18 -57.12 41.39 -20.30
C GLY D 18 -56.99 41.63 -18.81
N GLY D 19 -57.61 40.80 -17.98
CA GLY D 19 -57.54 40.96 -16.55
C GLY D 19 -56.26 40.41 -15.97
N SER D 20 -56.23 40.33 -14.65
CA SER D 20 -55.08 39.84 -13.92
C SER D 20 -55.51 38.79 -12.90
N LEU D 21 -54.70 37.76 -12.75
CA LEU D 21 -54.95 36.72 -11.77
C LEU D 21 -53.64 36.37 -11.09
N ARG D 22 -53.75 35.83 -9.88
CA ARG D 22 -52.58 35.39 -9.12
C ARG D 22 -52.87 34.06 -8.48
N LEU D 23 -52.17 33.03 -8.91
CA LEU D 23 -52.32 31.70 -8.35
C LEU D 23 -51.26 31.45 -7.27
N SER D 24 -51.61 30.61 -6.32
CA SER D 24 -50.71 30.22 -5.24
C SER D 24 -50.74 28.71 -5.12
N CYS D 25 -49.67 28.14 -4.58
CA CYS D 25 -49.60 26.71 -4.37
C CYS D 25 -48.65 26.48 -3.20
N ALA D 26 -49.22 26.21 -2.03
CA ALA D 26 -48.43 26.00 -0.83
C ALA D 26 -47.80 24.62 -0.89
N VAL D 27 -46.47 24.58 -0.87
CA VAL D 27 -45.72 23.33 -0.92
C VAL D 27 -45.31 22.97 0.50
N SER D 28 -45.53 21.72 0.88
CA SER D 28 -45.26 21.26 2.22
C SER D 28 -44.45 19.97 2.17
N GLY D 29 -43.68 19.74 3.23
CA GLY D 29 -42.88 18.53 3.32
C GLY D 29 -41.80 18.42 2.28
N SER D 30 -41.03 19.47 2.07
CA SER D 30 -40.00 19.46 1.05
C SER D 30 -38.87 20.39 1.45
N ILE D 31 -37.73 20.23 0.79
CA ILE D 31 -36.61 21.18 0.94
C ILE D 31 -36.89 22.28 -0.07
N PHE D 32 -37.70 23.25 0.35
CA PHE D 32 -38.32 24.17 -0.60
C PHE D 32 -37.30 25.07 -1.27
N SER D 33 -36.18 25.34 -0.62
CA SER D 33 -35.24 26.30 -1.17
C SER D 33 -34.39 25.72 -2.29
N ILE D 34 -34.45 24.42 -2.54
CA ILE D 34 -33.58 23.77 -3.51
C ILE D 34 -34.35 23.20 -4.69
N ILE D 35 -35.50 22.56 -4.44
CA ILE D 35 -36.18 21.84 -5.50
C ILE D 35 -36.70 22.80 -6.55
N THR D 36 -37.07 22.24 -7.70
CA THR D 36 -37.56 22.99 -8.84
C THR D 36 -39.09 22.98 -8.84
N LEU D 37 -39.69 24.14 -8.92
CA LEU D 37 -41.14 24.27 -8.97
C LEU D 37 -41.55 24.81 -10.32
N ALA D 38 -42.71 24.38 -10.79
CA ALA D 38 -43.16 24.79 -12.12
C ALA D 38 -44.67 24.86 -12.13
N TRP D 39 -45.19 25.56 -13.12
CA TRP D 39 -46.63 25.65 -13.34
C TRP D 39 -46.95 25.08 -14.71
N TYR D 40 -47.84 24.10 -14.74
CA TYR D 40 -48.33 23.52 -15.97
C TYR D 40 -49.79 23.90 -16.16
N ARG D 41 -50.24 23.86 -17.40
CA ARG D 41 -51.64 24.08 -17.71
C ARG D 41 -52.09 23.08 -18.75
N GLN D 42 -53.38 22.75 -18.72
CA GLN D 42 -53.94 21.74 -19.62
C GLN D 42 -55.21 22.28 -20.23
N ALA D 43 -55.15 22.60 -21.51
CA ALA D 43 -56.34 22.98 -22.25
C ALA D 43 -57.28 21.78 -22.35
N PRO D 44 -58.57 22.01 -22.62
CA PRO D 44 -59.52 20.89 -22.61
C PRO D 44 -59.13 19.74 -23.53
N GLY D 45 -58.50 20.03 -24.67
CA GLY D 45 -58.08 18.98 -25.57
C GLY D 45 -56.58 18.72 -25.56
N LYS D 46 -55.80 19.78 -25.41
CA LYS D 46 -54.36 19.68 -25.51
C LYS D 46 -53.78 18.97 -24.28
N PRO D 47 -52.60 18.37 -24.43
CA PRO D 47 -51.93 17.75 -23.29
C PRO D 47 -51.31 18.81 -22.37
N ARG D 48 -50.78 18.36 -21.25
CA ARG D 48 -50.14 19.27 -20.31
C ARG D 48 -48.99 20.02 -20.98
N GLU D 49 -48.93 21.32 -20.73
CA GLU D 49 -47.89 22.17 -21.28
C GLU D 49 -47.24 22.94 -20.15
N ASN D 50 -45.91 23.06 -20.20
CA ASN D 50 -45.21 23.86 -19.21
C ASN D 50 -45.44 25.34 -19.48
N VAL D 51 -45.60 26.10 -18.40
CA VAL D 51 -45.89 27.53 -18.48
C VAL D 51 -44.79 28.35 -17.84
N ALA D 52 -44.38 28.00 -16.63
CA ALA D 52 -43.30 28.71 -15.97
C ALA D 52 -42.55 27.73 -15.08
N THR D 53 -41.27 27.99 -14.88
CA THR D 53 -40.42 27.20 -14.01
C THR D 53 -39.57 28.14 -13.18
N ILE D 54 -39.35 27.80 -11.93
CA ILE D 54 -38.44 28.55 -11.08
C ILE D 54 -37.52 27.55 -10.39
N THR D 55 -36.25 27.92 -10.25
CA THR D 55 -35.23 27.03 -9.75
C THR D 55 -34.68 27.59 -8.44
N ARG D 56 -33.58 27.01 -7.95
CA ARG D 56 -33.09 27.35 -6.62
C ARG D 56 -32.64 28.80 -6.54
N GLY D 57 -32.02 29.31 -7.61
CA GLY D 57 -31.54 30.67 -7.58
C GLY D 57 -32.61 31.67 -7.96
N SER D 58 -33.86 31.25 -7.88
CA SER D 58 -34.99 32.02 -8.39
C SER D 58 -34.81 32.34 -9.87
N ARG D 59 -34.18 31.44 -10.61
CA ARG D 59 -33.99 31.60 -12.04
C ARG D 59 -35.26 31.16 -12.75
N THR D 60 -36.13 32.13 -13.03
CA THR D 60 -37.45 31.84 -13.65
C THR D 60 -37.33 31.69 -15.17
N SER D 61 -38.05 30.73 -15.75
CA SER D 61 -38.08 30.54 -17.22
C SER D 61 -39.54 30.50 -17.66
N TYR D 62 -39.89 31.15 -18.78
CA TYR D 62 -41.32 31.23 -19.19
C TYR D 62 -41.51 30.60 -20.57
N ALA D 63 -42.62 29.88 -20.75
CA ALA D 63 -42.94 29.31 -22.09
C ALA D 63 -43.07 30.46 -23.09
N ASP D 64 -42.55 30.30 -24.30
CA ASP D 64 -42.58 31.37 -25.29
C ASP D 64 -44.00 31.84 -25.56
N SER D 65 -44.97 30.93 -25.54
CA SER D 65 -46.36 31.29 -25.80
C SER D 65 -46.92 32.26 -24.75
N VAL D 66 -46.26 32.39 -23.61
CA VAL D 66 -46.75 33.23 -22.53
C VAL D 66 -45.70 34.18 -22.00
N LYS D 67 -44.50 34.21 -22.59
CA LYS D 67 -43.41 35.01 -22.06
C LYS D 67 -43.76 36.49 -22.12
N GLY D 68 -43.34 37.23 -21.09
CA GLY D 68 -43.58 38.64 -21.00
C GLY D 68 -44.90 39.02 -20.37
N ARG D 69 -45.76 38.06 -20.07
CA ARG D 69 -47.04 38.35 -19.45
C ARG D 69 -47.18 37.74 -18.06
N PHE D 70 -46.61 36.55 -17.85
CA PHE D 70 -46.67 35.88 -16.56
C PHE D 70 -45.42 36.18 -15.74
N CYS D 71 -45.48 35.83 -14.47
CA CYS D 71 -44.36 36.00 -13.56
C CYS D 71 -44.47 35.00 -12.43
N ILE D 72 -43.47 34.14 -12.29
CA ILE D 72 -43.45 33.11 -11.27
C ILE D 72 -42.45 33.50 -10.20
N SER D 73 -42.85 33.34 -8.94
CA SER D 73 -42.01 33.71 -7.82
C SER D 73 -42.35 32.82 -6.64
N LYS D 74 -41.44 32.73 -5.68
CA LYS D 74 -41.65 31.88 -4.53
C LYS D 74 -41.21 32.60 -3.27
N ASP D 75 -41.94 32.36 -2.18
CA ASP D 75 -41.66 32.92 -0.88
C ASP D 75 -41.11 31.81 0.00
N ASN D 76 -39.82 31.90 0.34
CA ASN D 76 -39.20 30.85 1.13
C ASN D 76 -39.83 30.74 2.51
N ALA D 77 -40.08 31.87 3.16
CA ALA D 77 -40.62 31.84 4.52
C ALA D 77 -41.99 31.19 4.57
N LYS D 78 -42.86 31.55 3.64
CA LYS D 78 -44.20 30.96 3.61
C LYS D 78 -44.23 29.61 2.91
N SER D 79 -43.15 29.23 2.22
CA SER D 79 -43.10 27.98 1.47
C SER D 79 -44.23 27.92 0.44
N THR D 80 -44.29 28.95 -0.40
CA THR D 80 -45.37 29.10 -1.36
C THR D 80 -44.81 29.66 -2.66
N VAL D 81 -45.35 29.21 -3.78
CA VAL D 81 -44.92 29.64 -5.10
C VAL D 81 -46.11 30.30 -5.79
N TYR D 82 -45.88 31.47 -6.37
CA TYR D 82 -46.94 32.28 -6.95
C TYR D 82 -46.80 32.37 -8.46
N LEU D 83 -47.93 32.41 -9.15
CA LEU D 83 -47.96 32.66 -10.58
C LEU D 83 -48.84 33.87 -10.84
N GLN D 84 -48.22 34.98 -11.18
CA GLN D 84 -48.94 36.22 -11.46
C GLN D 84 -49.23 36.30 -12.96
N MET D 85 -50.50 36.42 -13.30
CA MET D 85 -50.91 36.50 -14.69
C MET D 85 -51.38 37.91 -15.00
N ASN D 86 -50.95 38.44 -16.15
CA ASN D 86 -51.37 39.75 -16.62
C ASN D 86 -51.78 39.65 -18.08
N LYS D 87 -52.78 40.45 -18.46
CA LYS D 87 -53.24 40.54 -19.84
C LYS D 87 -53.68 39.17 -20.35
N LEU D 88 -54.65 38.58 -19.65
CA LEU D 88 -55.10 37.25 -19.99
C LEU D 88 -55.84 37.25 -21.33
N LYS D 89 -55.92 36.07 -21.93
CA LYS D 89 -56.56 35.85 -23.21
C LYS D 89 -57.47 34.64 -23.11
N PRO D 90 -58.47 34.55 -23.98
CA PRO D 90 -59.33 33.36 -23.97
C PRO D 90 -58.58 32.07 -24.20
N GLU D 91 -57.49 32.11 -24.99
CA GLU D 91 -56.69 30.92 -25.22
C GLU D 91 -55.99 30.43 -23.97
N ASP D 92 -55.91 31.24 -22.92
CA ASP D 92 -55.29 30.81 -21.67
C ASP D 92 -56.25 30.07 -20.75
N THR D 93 -57.52 29.93 -21.14
CA THR D 93 -58.49 29.23 -20.32
C THR D 93 -58.11 27.75 -20.26
N ALA D 94 -57.64 27.30 -19.10
CA ALA D 94 -57.22 25.91 -18.95
C ALA D 94 -57.16 25.58 -17.47
N ASP D 95 -56.83 24.33 -17.19
CA ASP D 95 -56.64 23.86 -15.82
C ASP D 95 -55.17 23.93 -15.48
N TYR D 96 -54.84 24.58 -14.37
CA TYR D 96 -53.47 24.89 -14.00
C TYR D 96 -53.03 24.02 -12.85
N TYR D 97 -51.84 23.44 -12.98
CA TYR D 97 -51.26 22.57 -11.96
C TYR D 97 -49.93 23.14 -11.52
N CYS D 98 -49.63 23.04 -10.23
CA CYS D 98 -48.27 23.28 -9.79
C CYS D 98 -47.55 21.95 -9.72
N ASN D 99 -46.25 21.98 -9.93
CA ASN D 99 -45.43 20.78 -10.00
C ASN D 99 -44.17 21.00 -9.19
N ALA D 100 -43.69 19.96 -8.52
CA ALA D 100 -42.49 20.04 -7.72
C ALA D 100 -41.50 19.00 -8.20
N GLU D 101 -40.26 19.44 -8.36
CA GLU D 101 -39.13 18.64 -8.82
C GLU D 101 -39.48 17.76 -10.02
N GLY D 102 -39.76 18.40 -11.14
CA GLY D 102 -39.72 17.74 -12.42
C GLY D 102 -41.05 17.22 -12.90
N PRO D 103 -41.13 16.94 -14.19
CA PRO D 103 -42.35 16.36 -14.76
C PRO D 103 -42.67 14.98 -14.22
N ALA D 104 -41.70 14.28 -13.65
CA ALA D 104 -41.95 13.03 -12.97
C ALA D 104 -41.97 13.19 -11.46
N GLY D 105 -42.24 14.40 -10.97
CA GLY D 105 -42.29 14.64 -9.55
C GLY D 105 -43.71 14.65 -9.02
N TYR D 106 -44.04 15.64 -8.20
CA TYR D 106 -45.30 15.68 -7.50
C TYR D 106 -46.19 16.76 -8.09
N TRP D 107 -47.47 16.45 -8.23
CA TRP D 107 -48.40 17.33 -8.92
C TRP D 107 -49.47 17.84 -7.97
N GLY D 108 -50.13 18.90 -8.39
CA GLY D 108 -51.25 19.44 -7.67
C GLY D 108 -52.57 18.95 -8.22
N GLN D 109 -53.64 19.21 -7.46
CA GLN D 109 -54.95 18.74 -7.86
C GLN D 109 -55.45 19.47 -9.10
N GLY D 110 -55.09 20.72 -9.26
CA GLY D 110 -55.55 21.50 -10.39
C GLY D 110 -56.47 22.62 -9.94
N THR D 111 -56.47 23.70 -10.72
CA THR D 111 -57.31 24.86 -10.46
C THR D 111 -57.78 25.44 -11.78
N PRO D 112 -59.04 25.29 -12.13
CA PRO D 112 -59.51 25.82 -13.42
C PRO D 112 -59.42 27.34 -13.46
N VAL D 113 -59.11 27.85 -14.64
CA VAL D 113 -59.06 29.29 -14.89
C VAL D 113 -59.81 29.56 -16.19
N THR D 114 -60.77 30.46 -16.14
CA THR D 114 -61.60 30.78 -17.28
C THR D 114 -61.50 32.26 -17.61
N VAL D 115 -61.29 32.57 -18.88
CA VAL D 115 -61.17 33.94 -19.37
C VAL D 115 -62.29 34.18 -20.37
N SER D 116 -63.06 35.24 -20.16
CA SER D 116 -64.16 35.58 -21.04
C SER D 116 -63.65 36.06 -22.39
PG ANP E . -18.43 13.82 -7.97
O1G ANP E . -17.37 14.75 -7.86
O2G ANP E . -17.68 12.64 -8.29
O3G ANP E . -19.27 14.17 -9.07
PB ANP E . -20.52 12.89 -6.11
O1B ANP E . -21.75 13.64 -6.23
O2B ANP E . -20.47 11.52 -6.62
N3B ANP E . -19.25 13.73 -6.60
PA ANP E . -20.15 12.04 -3.26
O1A ANP E . -21.29 11.16 -3.02
O2A ANP E . -18.80 11.46 -3.20
O3A ANP E . -20.26 12.85 -4.60
O5' ANP E . -20.17 13.29 -2.31
C5' ANP E . -21.18 13.69 -1.35
C4' ANP E . -20.53 14.48 -0.25
O4' ANP E . -19.93 13.55 0.69
C3' ANP E . -19.37 15.40 -0.65
O3' ANP E . -19.27 16.44 0.27
C2' ANP E . -18.14 14.54 -0.40
O2' ANP E . -16.97 15.28 -0.20
C1' ANP E . -18.56 13.80 0.87
N9 ANP E . -17.96 12.53 1.01
C8 ANP E . -17.77 11.64 0.04
N7 ANP E . -17.22 10.53 0.46
C5 ANP E . -17.04 10.73 1.81
C6 ANP E . -16.51 9.93 2.81
N6 ANP E . -16.10 8.69 2.61
N1 ANP E . -16.49 10.44 4.06
C2 ANP E . -16.92 11.69 4.25
N3 ANP E . -17.46 12.53 3.38
C4 ANP E . -17.49 11.98 2.16
MG MG F . -18.72 11.04 -7.54
C1B LMT G . -7.40 -23.28 30.12
C2B LMT G . -8.04 -21.94 30.49
C3B LMT G . -9.49 -22.00 30.07
C4B LMT G . -10.23 -23.07 30.86
C5B LMT G . -9.31 -24.24 31.20
C6B LMT G . -10.09 -25.54 31.37
O1B LMT G . -6.25 -23.55 30.91
O2B LMT G . -7.89 -21.59 31.88
O3B LMT G . -9.53 -22.31 28.68
O4' LMT G . -10.71 -22.50 32.08
O5B LMT G . -8.32 -24.38 30.17
O6B LMT G . -10.94 -25.79 30.24
C1' LMT G . -2.13 -23.68 29.98
C2' LMT G . -2.90 -22.43 29.70
C3' LMT G . -4.13 -22.51 30.58
C4' LMT G . -5.04 -23.64 30.15
C5' LMT G . -4.22 -24.86 30.42
C6' LMT G . -4.86 -26.19 30.03
O1' LMT G . -1.05 -23.82 29.09
O2' LMT G . -2.08 -21.35 30.11
O3' LMT G . -4.88 -21.32 30.56
O5' LMT G . -3.04 -24.72 29.67
O6' LMT G . -6.16 -26.36 30.60
C1 LMT G . 0.19 -23.20 29.42
C2 LMT G . 0.89 -22.75 28.14
C3 LMT G . 0.85 -23.87 27.11
C4 LMT G . 1.41 -23.43 25.76
C5 LMT G . 2.91 -23.23 25.84
C6 LMT G . 3.47 -23.40 24.45
C7 LMT G . 2.73 -22.51 23.47
C8 LMT G . 3.16 -22.83 22.05
C9 LMT G . 2.47 -21.85 21.12
C10 LMT G . 2.51 -20.46 21.73
C11 LMT G . 2.55 -19.44 20.63
C12 LMT G . 2.12 -18.10 21.15
PG ANP H . -5.66 7.68 -22.23
O1G ANP H . -6.75 6.77 -22.31
O2G ANP H . -4.82 7.46 -20.94
O3G ANP H . -6.08 9.15 -22.37
PB ANP H . -3.12 7.90 -23.55
O1B ANP H . -2.96 8.25 -24.95
O2B ANP H . -2.83 8.93 -22.55
N3B ANP H . -4.60 7.33 -23.38
PA ANP H . -0.71 6.26 -22.83
O1A ANP H . 0.37 7.21 -23.14
O2A ANP H . -0.83 5.80 -21.45
O3A ANP H . -2.14 6.74 -23.26
O5' ANP H . -0.65 5.02 -23.79
C5' ANP H . 0.32 4.69 -24.80
C4' ANP H . 0.45 3.19 -24.89
O4' ANP H . 1.41 2.73 -23.90
C3' ANP H . -0.80 2.38 -24.61
O3' ANP H . -0.72 1.14 -25.28
C2' ANP H . -0.66 2.02 -23.13
O2' ANP H . -1.38 0.87 -22.76
C1' ANP H . 0.84 1.78 -23.05
N9 ANP H . 1.38 2.05 -21.76
C8 ANP H . 1.04 3.07 -20.98
N7 ANP H . 1.72 3.10 -19.86
C5 ANP H . 2.56 2.01 -19.94
C6 ANP H . 3.51 1.50 -19.08
N6 ANP H . 3.85 2.08 -17.95
N1 ANP H . 4.17 0.39 -19.48
C2 ANP H . 3.84 -0.17 -20.64
N3 ANP H . 2.96 0.24 -21.53
C4 ANP H . 2.34 1.35 -21.11
MG MG I . -3.81 9.22 -20.73
C1B LMT J . 38.99 -2.64 7.87
C2B LMT J . 38.62 -2.57 6.39
C3B LMT J . 39.84 -2.43 5.50
C4B LMT J . 40.94 -3.42 5.85
C5B LMT J . 41.03 -3.59 7.36
C6B LMT J . 42.49 -3.73 7.83
O1B LMT J . 38.70 -3.93 8.43
O2B LMT J . 37.90 -3.75 5.99
O3B LMT J . 40.36 -1.08 5.55
O4' LMT J . 40.68 -4.68 5.25
O5B LMT J . 40.39 -2.47 7.97
O6B LMT J . 43.26 -2.64 7.33
C1' LMT J . 36.24 -5.68 11.28
C2' LMT J . 35.88 -5.78 9.83
C3' LMT J . 37.05 -5.39 8.97
C4' LMT J . 37.60 -4.04 9.32
C5' LMT J . 37.91 -4.10 10.81
C6' LMT J . 38.56 -2.83 11.36
O1' LMT J . 35.02 -6.04 11.92
O2' LMT J . 35.61 -7.17 9.65
O3' LMT J . 36.64 -5.30 7.63
O5' LMT J . 36.69 -4.35 11.47
O6' LMT J . 38.54 -2.82 12.80
C1 LMT J . 35.03 -6.06 13.33
C2 LMT J . 34.01 -7.10 13.80
C3 LMT J . 32.58 -6.59 13.84
C4 LMT J . 32.38 -5.52 14.90
C5 LMT J . 30.96 -4.95 14.88
C6 LMT J . 29.95 -5.74 15.69
C7 LMT J . 28.76 -4.88 16.05
C8 LMT J . 27.70 -4.80 14.98
C9 LMT J . 26.68 -3.74 15.34
C10 LMT J . 25.64 -3.64 14.24
C11 LMT J . 25.38 -5.01 13.66
C12 LMT J . 24.31 -4.95 12.60
N2 88T K . -14.76 10.36 -54.63
O2 88T K . -14.35 10.40 -56.97
N3 88T K . -18.33 9.43 -55.35
O3 88T K . -14.22 10.15 -52.30
C4 88T K . -12.49 9.98 -55.49
N4 88T K . -20.36 6.21 -55.57
O4 88T K . -18.28 7.65 -56.82
C5 88T K . -13.94 10.27 -55.86
N5 88T K . -19.05 4.66 -53.45
O5 88T K . -16.99 6.74 -53.27
C6 88T K . -12.53 9.57 -54.01
N6 88T K . -17.33 3.41 -55.24
O6 88T K . -18.72 8.01 -52.83
C7 88T K . -13.89 10.12 -53.45
N7 88T K . -18.77 4.92 -57.44
O7 88T K . -15.53 6.12 -58.42
C8 88T K . -16.23 10.62 -54.60
O8 88T K . -17.09 7.06 -57.21
C9 88T K . -16.97 9.87 -55.74
O9 88T K . -15.65 5.67 -54.50
C10 88T K . -18.92 8.22 -56.01
O10 88T K . -14.80 4.27 -53.05
C11 88T K . -20.36 7.72 -55.64
C12 88T K . -21.09 5.77 -54.35
C13 88T K . -20.47 4.44 -53.81
C14 88T K . -18.95 5.64 -52.37
C15 88T K . -18.17 6.87 -52.85
C16 88T K . -18.44 3.38 -53.02
C17 88T K . -18.05 2.55 -54.27
C18 88T K . -17.59 2.92 -56.59
C19 88T K . -18.93 3.49 -57.11
C20 88T K . -17.73 5.09 -58.47
C21 88T K . -16.72 6.16 -58.01
C22 88T K . -21.05 5.65 -56.77
C23 88T K . -20.05 5.48 -57.95
C24 88T K . -15.89 3.31 -54.99
C25 88T K . -15.41 4.49 -54.13
GD GD L . -17.78 5.98 -55.29
N2 88T M . -40.29 38.60 -14.78
O2 88T M . -42.24 39.91 -14.37
N3 88T M . -38.90 41.43 -16.82
O3 88T M . -38.65 36.88 -14.37
C4 88T M . -41.64 38.17 -12.78
N4 88T M . -36.57 44.38 -16.21
O4 88T M . -39.09 43.34 -15.52
C5 88T M . -41.48 39.03 -14.04
N5 88T M . -34.69 43.14 -14.33
O5 88T M . -36.47 40.81 -14.16
C6 88T M . -40.31 37.44 -12.63
N6 88T M . -36.07 44.09 -12.11
O6 88T M . -36.11 40.74 -16.31
C7 88T M . -39.62 37.48 -14.04
N7 88T M . -37.92 45.48 -14.06
O7 88T M . -40.59 43.78 -12.36
C8 88T M . -39.81 39.20 -16.07
O8 88T M . -39.56 43.30 -14.23
C9 88T M . -39.97 40.75 -16.05
O9 88T M . -37.37 41.51 -12.37
C10 88T M . -38.52 42.82 -16.43
O10 88T M . -35.90 40.86 -10.90
C11 88T M . -37.41 43.61 -17.19
C12 88T M . -35.12 44.20 -16.54
C13 88T M . -34.26 44.23 -15.23
C14 88T M . -34.43 41.84 -14.96
C15 88T M . -35.75 41.09 -15.16
C16 88T M . -33.93 43.23 -13.05
C17 88T M . -34.60 44.30 -12.14
C18 88T M . -36.71 45.39 -11.91
C19 88T M . -36.86 46.13 -13.26
C20 88T M . -39.21 45.52 -13.33
C21 88T M . -39.83 44.11 -13.30
C22 88T M . -36.88 45.83 -16.29
C23 88T M . -38.07 46.18 -15.36
C24 88T M . -36.40 43.22 -10.97
C25 88T M . -36.57 41.77 -11.44
GD GD N . -37.28 42.97 -14.14
#